data_2RRL
#
_entry.id   2RRL
#
_entity_poly.entity_id   1
_entity_poly.type   'polypeptide(L)'
_entity_poly.pdbx_seq_one_letter_code
;HMASDDRATGPALTPLVVAAAATSAKVEVDSPPAPVTHGAAMPTLSSATAQPLPVASAPVLSAPLGSHEWQQTFSQQVML
FTRQGQQSAQLRLHPEELGQVHISLKLDDNQAQLQMVSPHSHVRAALEAALPMLRTQLAESGIQLGQSSISSESFAGQQQ
SSSQQQSSR
;
_entity_poly.pdbx_strand_id   A
#
# COMPACT_ATOMS: atom_id res chain seq x y z
N HIS A 1 -54.28 -31.78 101.60
CA HIS A 1 -53.56 -33.06 101.76
C HIS A 1 -54.11 -34.08 100.77
N MET A 2 -53.24 -34.98 100.28
CA MET A 2 -53.59 -36.00 99.29
C MET A 2 -53.78 -35.38 97.90
N ALA A 3 -53.91 -36.23 96.89
CA ALA A 3 -54.08 -35.79 95.52
C ALA A 3 -54.43 -36.96 94.61
N SER A 4 -55.11 -36.67 93.52
CA SER A 4 -55.51 -37.69 92.56
C SER A 4 -55.82 -37.06 91.21
N ASP A 5 -54.91 -37.22 90.27
CA ASP A 5 -55.10 -36.69 88.93
C ASP A 5 -55.95 -37.63 88.09
N ASP A 6 -55.43 -38.85 87.90
CA ASP A 6 -56.08 -39.89 87.12
C ASP A 6 -56.15 -39.54 85.63
N ARG A 7 -55.53 -40.36 84.82
CA ARG A 7 -55.49 -40.12 83.38
C ARG A 7 -56.25 -41.21 82.64
N ALA A 8 -56.49 -40.99 81.35
CA ALA A 8 -57.21 -41.96 80.52
C ALA A 8 -57.07 -41.67 79.03
N THR A 9 -56.44 -40.56 78.70
CA THR A 9 -56.28 -40.16 77.30
C THR A 9 -55.00 -40.76 76.72
N GLY A 10 -55.16 -41.64 75.75
CA GLY A 10 -54.02 -42.26 75.11
C GLY A 10 -54.40 -42.97 73.83
N PRO A 11 -54.06 -42.38 72.67
CA PRO A 11 -54.39 -42.97 71.36
C PRO A 11 -53.70 -44.31 71.15
N ALA A 12 -54.28 -45.14 70.31
CA ALA A 12 -53.76 -46.46 70.03
C ALA A 12 -54.42 -47.07 68.81
N LEU A 13 -53.90 -46.72 67.64
CA LEU A 13 -54.40 -47.22 66.35
C LEU A 13 -53.27 -47.23 65.35
N THR A 14 -53.33 -48.15 64.40
CA THR A 14 -52.29 -48.26 63.41
C THR A 14 -52.58 -47.36 62.19
N PRO A 15 -51.72 -46.37 61.92
CA PRO A 15 -51.85 -45.52 60.76
C PRO A 15 -51.33 -46.21 59.50
N LEU A 16 -52.04 -46.06 58.40
CA LEU A 16 -51.66 -46.70 57.16
C LEU A 16 -52.37 -46.04 55.99
N VAL A 17 -51.59 -45.41 55.13
CA VAL A 17 -52.11 -44.75 53.95
C VAL A 17 -51.07 -44.73 52.83
N VAL A 18 -51.24 -45.62 51.86
CA VAL A 18 -50.32 -45.72 50.75
C VAL A 18 -51.01 -46.30 49.52
N ALA A 19 -50.83 -45.64 48.38
CA ALA A 19 -51.42 -46.07 47.12
C ALA A 19 -50.81 -45.29 45.97
N ALA A 20 -49.96 -45.95 45.20
CA ALA A 20 -49.31 -45.34 44.06
C ALA A 20 -48.62 -46.40 43.21
N ALA A 21 -49.11 -46.60 42.00
CA ALA A 21 -48.56 -47.58 41.09
C ALA A 21 -49.09 -47.36 39.68
N ALA A 22 -48.25 -46.77 38.83
CA ALA A 22 -48.62 -46.48 37.45
C ALA A 22 -47.37 -46.11 36.65
N THR A 23 -47.56 -45.80 35.38
CA THR A 23 -46.46 -45.42 34.52
C THR A 23 -46.97 -44.52 33.39
N SER A 24 -46.07 -44.02 32.57
CA SER A 24 -46.43 -43.14 31.47
C SER A 24 -45.27 -43.03 30.48
N ALA A 25 -45.53 -43.44 29.24
CA ALA A 25 -44.54 -43.39 28.18
C ALA A 25 -45.19 -43.64 26.83
N LYS A 26 -45.90 -42.64 26.33
CA LYS A 26 -46.59 -42.75 25.06
C LYS A 26 -46.94 -41.34 24.53
N VAL A 27 -47.07 -41.22 23.21
CA VAL A 27 -47.39 -39.95 22.53
C VAL A 27 -46.19 -38.99 22.56
N GLU A 28 -46.07 -38.18 21.50
CA GLU A 28 -45.00 -37.19 21.36
C GLU A 28 -43.65 -37.88 21.17
N VAL A 29 -43.31 -38.14 19.92
CA VAL A 29 -42.06 -38.80 19.55
C VAL A 29 -41.87 -38.74 18.03
N ASP A 30 -40.61 -38.63 17.59
CA ASP A 30 -40.27 -38.55 16.14
C ASP A 30 -40.72 -37.20 15.55
N SER A 31 -40.25 -36.89 14.36
CA SER A 31 -40.60 -35.64 13.71
C SER A 31 -40.58 -35.79 12.19
N PRO A 32 -41.49 -35.08 11.49
CA PRO A 32 -41.58 -35.15 10.03
C PRO A 32 -40.36 -34.56 9.32
N PRO A 33 -39.95 -35.17 8.19
CA PRO A 33 -38.82 -34.69 7.40
C PRO A 33 -39.18 -33.49 6.52
N ALA A 34 -38.35 -32.45 6.58
CA ALA A 34 -38.57 -31.24 5.81
C ALA A 34 -38.22 -31.44 4.32
N PRO A 35 -39.19 -31.24 3.42
CA PRO A 35 -38.97 -31.38 1.97
C PRO A 35 -38.02 -30.32 1.44
N VAL A 36 -37.19 -30.71 0.49
CA VAL A 36 -36.20 -29.82 -0.11
C VAL A 36 -36.03 -30.14 -1.59
N THR A 37 -35.79 -29.12 -2.39
CA THR A 37 -35.59 -29.29 -3.82
C THR A 37 -34.68 -28.18 -4.37
N HIS A 38 -33.78 -28.55 -5.26
CA HIS A 38 -32.87 -27.58 -5.87
C HIS A 38 -33.12 -27.52 -7.37
N GLY A 39 -32.57 -26.49 -8.01
CA GLY A 39 -32.74 -26.35 -9.44
C GLY A 39 -32.00 -25.16 -10.00
N ALA A 40 -32.73 -24.06 -10.22
CA ALA A 40 -32.17 -22.82 -10.76
C ALA A 40 -31.64 -23.01 -12.18
N ALA A 41 -30.98 -22.00 -12.71
CA ALA A 41 -30.43 -22.04 -14.06
C ALA A 41 -29.36 -20.98 -14.27
N MET A 42 -29.52 -19.86 -13.55
CA MET A 42 -28.57 -18.73 -13.59
C MET A 42 -28.56 -18.07 -14.96
N PRO A 43 -29.27 -16.95 -15.11
CA PRO A 43 -29.31 -16.20 -16.36
C PRO A 43 -27.93 -15.68 -16.75
N THR A 44 -27.41 -16.22 -17.82
CA THR A 44 -26.10 -15.82 -18.31
C THR A 44 -26.24 -14.57 -19.17
N LEU A 45 -25.16 -13.79 -19.25
CA LEU A 45 -25.16 -12.55 -20.00
C LEU A 45 -23.78 -12.31 -20.58
N SER A 46 -23.69 -12.25 -21.89
CA SER A 46 -22.43 -12.06 -22.58
C SER A 46 -21.89 -10.65 -22.32
N SER A 47 -20.60 -10.57 -22.03
CA SER A 47 -19.95 -9.32 -21.77
C SER A 47 -19.88 -8.47 -23.03
N ALA A 48 -20.62 -7.37 -23.05
CA ALA A 48 -20.65 -6.49 -24.19
C ALA A 48 -19.32 -5.74 -24.33
N THR A 49 -18.87 -5.61 -25.55
CA THR A 49 -17.62 -4.95 -25.83
C THR A 49 -17.84 -3.45 -25.97
N ALA A 50 -16.95 -2.68 -25.40
CA ALA A 50 -17.03 -1.23 -25.47
C ALA A 50 -15.70 -0.64 -25.08
N GLN A 51 -15.54 0.65 -25.33
CA GLN A 51 -14.31 1.33 -24.98
C GLN A 51 -14.29 1.63 -23.49
N PRO A 52 -13.12 1.51 -22.85
CA PRO A 52 -12.96 1.75 -21.41
C PRO A 52 -13.41 3.16 -21.02
N LEU A 53 -14.04 3.26 -19.88
CA LEU A 53 -14.53 4.56 -19.42
C LEU A 53 -13.40 5.40 -18.84
N PRO A 54 -13.36 6.70 -19.22
CA PRO A 54 -12.35 7.64 -18.70
C PRO A 54 -12.41 7.76 -17.19
N VAL A 55 -11.24 7.79 -16.56
CA VAL A 55 -11.14 7.86 -15.12
C VAL A 55 -9.92 8.65 -14.69
N ALA A 56 -9.65 8.66 -13.40
CA ALA A 56 -8.54 9.39 -12.83
C ALA A 56 -8.28 8.89 -11.43
N SER A 57 -7.34 9.51 -10.74
CA SER A 57 -7.03 9.11 -9.39
C SER A 57 -8.13 9.56 -8.45
N ALA A 58 -8.74 8.62 -7.76
CA ALA A 58 -9.84 8.92 -6.85
C ALA A 58 -9.37 9.71 -5.64
N PRO A 59 -10.11 10.75 -5.25
CA PRO A 59 -9.80 11.54 -4.07
C PRO A 59 -10.09 10.73 -2.80
N VAL A 60 -9.03 10.51 -2.00
CA VAL A 60 -9.08 9.67 -0.77
C VAL A 60 -9.59 8.26 -1.10
N LEU A 61 -9.74 7.42 -0.10
CA LEU A 61 -10.20 6.08 -0.36
C LEU A 61 -11.68 5.93 -0.05
N SER A 62 -12.51 6.27 -1.02
CA SER A 62 -13.96 6.17 -0.87
C SER A 62 -14.61 5.56 -2.12
N ALA A 63 -14.62 4.25 -2.19
CA ALA A 63 -15.23 3.53 -3.28
C ALA A 63 -16.09 2.40 -2.73
N PRO A 64 -17.04 1.86 -3.51
CA PRO A 64 -17.91 0.75 -3.06
C PRO A 64 -17.11 -0.42 -2.48
N LEU A 65 -17.61 -0.98 -1.39
CA LEU A 65 -16.92 -2.07 -0.73
C LEU A 65 -17.00 -3.34 -1.55
N GLY A 66 -15.86 -3.80 -2.01
CA GLY A 66 -15.81 -4.98 -2.84
C GLY A 66 -15.11 -4.70 -4.14
N SER A 67 -15.15 -3.44 -4.56
CA SER A 67 -14.50 -3.02 -5.79
C SER A 67 -12.99 -3.23 -5.70
N HIS A 68 -12.39 -3.70 -6.77
CA HIS A 68 -10.96 -3.91 -6.79
C HIS A 68 -10.23 -2.59 -6.85
N GLU A 69 -10.86 -1.58 -7.45
CA GLU A 69 -10.30 -0.23 -7.54
C GLU A 69 -10.01 0.34 -6.14
N TRP A 70 -10.89 0.03 -5.18
CA TRP A 70 -10.71 0.50 -3.81
C TRP A 70 -9.52 -0.18 -3.17
N GLN A 71 -9.34 -1.45 -3.46
CA GLN A 71 -8.22 -2.20 -2.94
C GLN A 71 -6.91 -1.70 -3.55
N GLN A 72 -6.90 -1.54 -4.88
CA GLN A 72 -5.74 -1.02 -5.59
C GLN A 72 -5.33 0.35 -5.04
N THR A 73 -6.31 1.23 -4.85
CA THR A 73 -6.05 2.55 -4.33
C THR A 73 -5.48 2.48 -2.90
N PHE A 74 -6.02 1.57 -2.11
CA PHE A 74 -5.52 1.32 -0.74
C PHE A 74 -4.03 1.01 -0.78
N SER A 75 -3.61 0.17 -1.70
CA SER A 75 -2.21 -0.18 -1.83
C SER A 75 -1.38 1.01 -2.33
N GLN A 76 -1.93 1.77 -3.27
CA GLN A 76 -1.26 2.94 -3.84
C GLN A 76 -0.79 3.91 -2.76
N GLN A 77 -1.70 4.27 -1.85
CA GLN A 77 -1.38 5.24 -0.80
C GLN A 77 -0.20 4.76 0.05
N VAL A 78 -0.10 3.46 0.26
CA VAL A 78 0.95 2.90 1.11
C VAL A 78 2.27 2.91 0.37
N MET A 79 2.20 2.70 -0.94
CA MET A 79 3.39 2.75 -1.78
C MET A 79 3.99 4.15 -1.72
N LEU A 80 3.14 5.15 -1.79
CA LEU A 80 3.59 6.53 -1.70
C LEU A 80 4.18 6.82 -0.32
N PHE A 81 3.52 6.34 0.74
CA PHE A 81 4.04 6.51 2.11
C PHE A 81 5.46 5.98 2.24
N THR A 82 5.67 4.74 1.80
CA THR A 82 6.98 4.12 1.92
C THR A 82 8.03 4.83 1.03
N ARG A 83 7.58 5.46 -0.06
CA ARG A 83 8.48 6.20 -0.93
C ARG A 83 8.95 7.49 -0.27
N GLN A 84 8.04 8.13 0.47
CA GLN A 84 8.35 9.37 1.17
C GLN A 84 9.21 9.09 2.40
N GLY A 85 9.00 7.94 3.01
CA GLY A 85 9.76 7.57 4.17
C GLY A 85 8.92 7.62 5.43
N GLN A 86 7.67 8.03 5.28
CA GLN A 86 6.76 8.08 6.40
C GLN A 86 6.19 6.69 6.66
N GLN A 87 5.19 6.60 7.52
CA GLN A 87 4.61 5.31 7.88
C GLN A 87 3.29 5.49 8.62
N SER A 88 3.15 6.59 9.32
CA SER A 88 1.91 6.91 10.00
C SER A 88 1.14 7.96 9.18
N ALA A 89 -0.17 7.77 9.03
CA ALA A 89 -0.98 8.69 8.25
C ALA A 89 -2.45 8.60 8.63
N GLN A 90 -3.23 9.58 8.20
CA GLN A 90 -4.67 9.58 8.40
C GLN A 90 -5.34 9.43 7.06
N LEU A 91 -6.61 9.08 7.05
CA LEU A 91 -7.32 8.91 5.79
C LEU A 91 -8.83 8.98 5.97
N ARG A 92 -9.51 9.67 5.05
CA ARG A 92 -10.96 9.73 5.04
C ARG A 92 -11.50 8.40 4.53
N LEU A 93 -12.32 7.77 5.35
CA LEU A 93 -12.86 6.47 5.03
C LEU A 93 -14.32 6.37 5.42
N HIS A 94 -14.99 5.41 4.81
CA HIS A 94 -16.37 5.11 5.09
C HIS A 94 -16.45 3.90 6.03
N PRO A 95 -17.48 3.83 6.90
CA PRO A 95 -18.54 4.85 7.01
C PRO A 95 -18.00 6.25 7.34
N GLU A 96 -18.54 7.25 6.63
CA GLU A 96 -18.14 8.67 6.79
C GLU A 96 -17.92 9.09 8.26
N GLU A 97 -18.76 8.58 9.17
CA GLU A 97 -18.65 8.83 10.61
C GLU A 97 -17.23 8.58 11.17
N LEU A 98 -16.44 7.75 10.48
CA LEU A 98 -15.07 7.46 10.92
C LEU A 98 -14.22 8.70 10.84
N GLY A 99 -14.50 9.54 9.85
CA GLY A 99 -13.76 10.79 9.62
C GLY A 99 -12.29 10.63 9.25
N GLN A 100 -11.55 9.79 9.97
CA GLN A 100 -10.13 9.62 9.74
C GLN A 100 -9.61 8.39 10.48
N VAL A 101 -9.20 7.36 9.78
CA VAL A 101 -8.58 6.24 10.45
C VAL A 101 -7.08 6.49 10.58
N HIS A 102 -6.47 5.87 11.58
CA HIS A 102 -5.06 6.07 11.86
C HIS A 102 -4.26 4.90 11.34
N ILE A 103 -3.53 5.13 10.27
CA ILE A 103 -2.70 4.11 9.68
C ILE A 103 -1.29 4.22 10.22
N SER A 104 -0.83 3.20 10.91
CA SER A 104 0.51 3.21 11.45
C SER A 104 1.27 1.96 11.06
N LEU A 105 2.04 2.07 9.99
CA LEU A 105 2.88 0.98 9.55
C LEU A 105 4.23 1.06 10.24
N LYS A 106 4.57 0.04 10.98
CA LYS A 106 5.85 -0.02 11.67
C LYS A 106 6.87 -0.72 10.79
N LEU A 107 8.13 -0.41 11.01
CA LEU A 107 9.17 -0.94 10.16
C LEU A 107 10.32 -1.49 10.99
N ASP A 108 10.61 -2.76 10.80
CA ASP A 108 11.69 -3.42 11.51
C ASP A 108 12.34 -4.41 10.58
N ASP A 109 13.68 -4.46 10.58
CA ASP A 109 14.46 -5.30 9.66
C ASP A 109 14.00 -5.12 8.20
N ASN A 110 13.06 -5.96 7.77
CA ASN A 110 12.49 -5.88 6.44
C ASN A 110 11.02 -6.35 6.49
N GLN A 111 10.44 -6.22 7.67
CA GLN A 111 9.07 -6.64 7.89
C GLN A 111 8.28 -5.49 8.48
N ALA A 112 7.15 -5.19 7.86
CA ALA A 112 6.33 -4.08 8.28
C ALA A 112 5.07 -4.55 9.00
N GLN A 113 4.82 -3.96 10.16
CA GLN A 113 3.63 -4.22 10.94
C GLN A 113 2.60 -3.11 10.70
N LEU A 114 1.50 -3.45 10.05
CA LEU A 114 0.48 -2.47 9.72
C LEU A 114 -0.62 -2.44 10.77
N GLN A 115 -0.63 -1.39 11.57
CA GLN A 115 -1.66 -1.20 12.57
C GLN A 115 -2.63 -0.12 12.12
N MET A 116 -3.91 -0.38 12.28
CA MET A 116 -4.95 0.56 11.90
C MET A 116 -6.03 0.63 12.96
N VAL A 117 -6.51 1.83 13.23
CA VAL A 117 -7.55 2.04 14.23
C VAL A 117 -8.89 2.35 13.56
N SER A 118 -9.78 1.37 13.53
CA SER A 118 -11.09 1.52 12.93
C SER A 118 -12.07 0.49 13.52
N PRO A 119 -13.36 0.86 13.64
CA PRO A 119 -14.42 -0.03 14.17
C PRO A 119 -14.68 -1.26 13.30
N HIS A 120 -15.52 -2.16 13.78
CA HIS A 120 -15.86 -3.38 13.05
C HIS A 120 -17.02 -3.11 12.12
N SER A 121 -16.76 -3.25 10.84
CA SER A 121 -17.75 -3.01 9.82
C SER A 121 -17.40 -3.80 8.57
N HIS A 122 -18.29 -3.81 7.58
CA HIS A 122 -18.05 -4.55 6.34
C HIS A 122 -16.84 -3.99 5.61
N VAL A 123 -16.44 -2.79 5.98
CA VAL A 123 -15.26 -2.15 5.42
C VAL A 123 -14.02 -2.99 5.70
N ARG A 124 -13.99 -3.60 6.88
CA ARG A 124 -12.86 -4.41 7.30
C ARG A 124 -12.73 -5.64 6.40
N ALA A 125 -13.87 -6.19 5.99
CA ALA A 125 -13.89 -7.37 5.14
C ALA A 125 -13.04 -7.15 3.87
N ALA A 126 -13.39 -6.14 3.10
CA ALA A 126 -12.69 -5.82 1.87
C ALA A 126 -11.30 -5.23 2.13
N LEU A 127 -11.17 -4.50 3.24
CA LEU A 127 -9.89 -3.89 3.59
C LEU A 127 -8.88 -4.96 3.99
N GLU A 128 -9.32 -5.87 4.85
CA GLU A 128 -8.48 -6.95 5.33
C GLU A 128 -8.09 -7.86 4.17
N ALA A 129 -9.03 -8.09 3.27
CA ALA A 129 -8.79 -8.91 2.08
C ALA A 129 -7.72 -8.28 1.20
N ALA A 130 -7.59 -6.96 1.28
CA ALA A 130 -6.60 -6.24 0.49
C ALA A 130 -5.21 -6.34 1.10
N LEU A 131 -5.12 -6.81 2.34
CA LEU A 131 -3.82 -6.93 3.03
C LEU A 131 -2.88 -7.93 2.34
N PRO A 132 -3.36 -9.18 2.02
CA PRO A 132 -2.54 -10.17 1.29
C PRO A 132 -2.10 -9.64 -0.07
N MET A 133 -2.84 -8.67 -0.60
CA MET A 133 -2.51 -8.08 -1.88
C MET A 133 -1.45 -6.99 -1.69
N LEU A 134 -1.57 -6.29 -0.57
CA LEU A 134 -0.67 -5.20 -0.22
C LEU A 134 0.75 -5.72 -0.01
N ARG A 135 0.85 -6.83 0.72
CA ARG A 135 2.16 -7.46 0.96
C ARG A 135 2.86 -7.78 -0.36
N THR A 136 2.08 -8.04 -1.40
CA THR A 136 2.63 -8.33 -2.71
C THR A 136 3.18 -7.05 -3.35
N GLN A 137 2.47 -5.94 -3.16
CA GLN A 137 2.87 -4.66 -3.72
C GLN A 137 4.14 -4.14 -3.02
N LEU A 138 4.14 -4.21 -1.69
CA LEU A 138 5.28 -3.76 -0.90
C LEU A 138 6.49 -4.65 -1.14
N ALA A 139 6.24 -5.94 -1.36
CA ALA A 139 7.31 -6.90 -1.60
C ALA A 139 8.14 -6.50 -2.82
N GLU A 140 7.49 -5.86 -3.77
CA GLU A 140 8.16 -5.40 -4.99
C GLU A 140 9.10 -4.25 -4.70
N SER A 141 8.88 -3.58 -3.58
CA SER A 141 9.69 -2.46 -3.18
C SER A 141 10.79 -2.92 -2.22
N GLY A 142 10.75 -4.20 -1.86
CA GLY A 142 11.77 -4.75 -0.99
C GLY A 142 11.24 -5.11 0.38
N ILE A 143 10.31 -4.34 0.88
CA ILE A 143 9.75 -4.56 2.22
C ILE A 143 8.68 -5.66 2.20
N GLN A 144 8.50 -6.33 3.33
CA GLN A 144 7.54 -7.41 3.45
C GLN A 144 6.54 -7.11 4.55
N LEU A 145 5.27 -7.04 4.21
CA LEU A 145 4.23 -6.84 5.20
C LEU A 145 4.03 -8.14 5.98
N GLY A 146 4.51 -8.16 7.20
CA GLY A 146 4.43 -9.37 7.98
C GLY A 146 3.28 -9.36 8.95
N GLN A 147 3.28 -8.43 9.87
CA GLN A 147 2.24 -8.35 10.87
C GLN A 147 1.25 -7.24 10.55
N SER A 148 0.02 -7.44 10.92
CA SER A 148 -1.03 -6.48 10.72
C SER A 148 -2.03 -6.57 11.86
N SER A 149 -2.62 -5.44 12.22
CA SER A 149 -3.57 -5.40 13.31
C SER A 149 -4.61 -4.31 13.07
N ILE A 150 -5.84 -4.60 13.47
CA ILE A 150 -6.94 -3.67 13.32
C ILE A 150 -7.70 -3.59 14.63
N SER A 151 -7.82 -2.40 15.16
CA SER A 151 -8.51 -2.20 16.41
C SER A 151 -9.33 -0.93 16.33
N SER A 152 -10.49 -0.92 16.97
CA SER A 152 -11.34 0.26 16.95
C SER A 152 -10.85 1.26 17.98
N GLU A 153 -10.20 0.72 19.00
CA GLU A 153 -9.63 1.50 20.07
C GLU A 153 -8.45 0.75 20.67
N SER A 154 -8.66 -0.53 20.94
CA SER A 154 -7.63 -1.41 21.47
C SER A 154 -7.98 -2.84 21.10
N PHE A 155 -6.98 -3.70 20.98
CA PHE A 155 -7.22 -5.07 20.61
C PHE A 155 -7.18 -5.98 21.83
N ALA A 156 -8.23 -6.76 22.00
CA ALA A 156 -8.32 -7.70 23.10
C ALA A 156 -9.31 -8.80 22.76
N GLY A 157 -8.83 -10.02 22.72
CA GLY A 157 -9.70 -11.13 22.40
C GLY A 157 -9.17 -12.42 22.97
N GLN A 158 -9.08 -12.48 24.29
CA GLN A 158 -8.57 -13.65 24.96
C GLN A 158 -9.61 -14.76 25.00
N GLN A 159 -9.68 -15.50 23.91
CA GLN A 159 -10.63 -16.59 23.78
C GLN A 159 -10.16 -17.52 22.67
N GLN A 160 -9.94 -18.77 23.01
CA GLN A 160 -9.49 -19.74 22.04
C GLN A 160 -10.01 -21.12 22.43
N SER A 161 -10.97 -21.58 21.67
CA SER A 161 -11.55 -22.89 21.86
C SER A 161 -12.14 -23.39 20.55
N SER A 162 -11.69 -24.54 20.10
CA SER A 162 -12.14 -25.10 18.82
C SER A 162 -11.82 -26.59 18.75
N SER A 163 -11.88 -27.26 19.90
CA SER A 163 -11.63 -28.69 19.97
C SER A 163 -12.71 -29.46 19.24
N GLN A 164 -12.43 -29.82 18.00
CA GLN A 164 -13.37 -30.53 17.17
C GLN A 164 -12.59 -31.16 16.01
N GLN A 165 -13.30 -31.84 15.11
CA GLN A 165 -12.70 -32.46 13.93
C GLN A 165 -11.85 -33.66 14.30
N GLN A 166 -12.52 -34.75 14.60
CA GLN A 166 -11.87 -36.00 14.91
C GLN A 166 -12.34 -37.06 13.94
N SER A 167 -11.50 -37.36 12.98
CA SER A 167 -11.84 -38.32 11.94
C SER A 167 -10.62 -38.66 11.10
N SER A 168 -10.82 -39.52 10.12
CA SER A 168 -9.74 -39.95 9.26
C SER A 168 -10.32 -40.54 7.98
N ARG A 169 -9.48 -41.10 7.13
CA ARG A 169 -9.94 -41.72 5.91
C ARG A 169 -10.26 -43.19 6.17
N HIS A 1 -55.66 60.21 8.86
CA HIS A 1 -55.63 60.45 7.40
C HIS A 1 -54.57 59.59 6.73
N MET A 2 -54.91 58.97 5.63
CA MET A 2 -53.98 58.16 4.89
C MET A 2 -53.21 59.02 3.90
N ALA A 3 -51.93 58.77 3.77
CA ALA A 3 -51.07 59.54 2.89
C ALA A 3 -49.70 58.89 2.78
N SER A 4 -48.68 59.69 2.52
CA SER A 4 -47.34 59.19 2.38
C SER A 4 -46.35 60.32 2.65
N ASP A 5 -45.08 60.08 2.38
CA ASP A 5 -44.08 61.12 2.61
C ASP A 5 -44.10 62.13 1.47
N ASP A 6 -44.29 61.62 0.25
CA ASP A 6 -44.33 62.45 -0.96
C ASP A 6 -43.05 63.23 -1.15
N ARG A 7 -42.13 62.66 -1.90
CA ARG A 7 -40.85 63.28 -2.14
C ARG A 7 -40.40 63.10 -3.58
N ALA A 8 -39.64 64.05 -4.09
CA ALA A 8 -39.14 64.02 -5.45
C ALA A 8 -38.06 65.08 -5.62
N THR A 9 -36.95 64.69 -6.23
CA THR A 9 -35.85 65.60 -6.43
C THR A 9 -35.09 65.24 -7.71
N GLY A 10 -34.52 66.25 -8.35
CA GLY A 10 -33.76 66.01 -9.55
C GLY A 10 -32.62 67.01 -9.70
N PRO A 11 -31.54 66.86 -8.94
CA PRO A 11 -30.37 67.74 -9.01
C PRO A 11 -29.56 67.51 -10.28
N ALA A 12 -29.00 68.59 -10.81
CA ALA A 12 -28.23 68.51 -12.03
C ALA A 12 -27.38 69.77 -12.20
N LEU A 13 -26.13 69.59 -12.56
CA LEU A 13 -25.19 70.69 -12.74
C LEU A 13 -24.13 70.30 -13.76
N THR A 14 -23.44 71.29 -14.30
CA THR A 14 -22.41 71.05 -15.28
C THR A 14 -21.09 70.72 -14.58
N PRO A 15 -20.55 69.53 -14.82
CA PRO A 15 -19.28 69.13 -14.24
C PRO A 15 -18.11 69.74 -15.00
N LEU A 16 -16.92 69.65 -14.41
CA LEU A 16 -15.73 70.18 -15.05
C LEU A 16 -14.49 69.58 -14.43
N VAL A 17 -13.43 69.52 -15.21
CA VAL A 17 -12.17 68.96 -14.76
C VAL A 17 -11.29 70.06 -14.16
N VAL A 18 -10.16 69.66 -13.64
CA VAL A 18 -9.22 70.58 -13.06
C VAL A 18 -7.79 70.03 -13.14
N ALA A 19 -6.92 70.74 -13.85
CA ALA A 19 -5.55 70.32 -14.04
C ALA A 19 -4.71 71.45 -14.60
N ALA A 20 -3.58 71.70 -13.95
CA ALA A 20 -2.67 72.75 -14.35
C ALA A 20 -1.36 72.62 -13.59
N ALA A 21 -0.35 72.11 -14.26
CA ALA A 21 0.97 71.93 -13.66
C ALA A 21 1.98 71.55 -14.73
N ALA A 22 3.14 72.17 -14.69
CA ALA A 22 4.18 71.93 -15.67
C ALA A 22 5.51 72.48 -15.19
N THR A 23 6.59 72.01 -15.78
CA THR A 23 7.92 72.45 -15.42
C THR A 23 8.86 72.30 -16.62
N SER A 24 9.17 73.42 -17.25
CA SER A 24 10.05 73.43 -18.42
C SER A 24 10.58 74.84 -18.67
N ALA A 25 11.87 75.02 -18.45
CA ALA A 25 12.51 76.30 -18.71
C ALA A 25 12.76 76.46 -20.21
N LYS A 26 12.48 75.38 -20.96
CA LYS A 26 12.64 75.34 -22.40
C LYS A 26 14.13 75.22 -22.76
N VAL A 27 14.87 74.57 -21.88
CA VAL A 27 16.30 74.38 -22.06
C VAL A 27 16.76 73.11 -21.31
N GLU A 28 15.84 72.18 -21.14
CA GLU A 28 16.12 70.93 -20.45
C GLU A 28 16.91 69.98 -21.36
N VAL A 29 18.21 69.97 -21.18
CA VAL A 29 19.09 69.13 -21.97
C VAL A 29 20.50 69.14 -21.38
N ASP A 30 21.15 67.99 -21.43
CA ASP A 30 22.50 67.86 -20.88
C ASP A 30 23.23 66.73 -21.55
N SER A 31 24.52 66.90 -21.76
CA SER A 31 25.33 65.89 -22.41
C SER A 31 26.77 65.98 -21.91
N PRO A 32 27.13 65.18 -20.91
CA PRO A 32 28.49 65.14 -20.36
C PRO A 32 29.48 64.56 -21.37
N PRO A 33 30.63 65.22 -21.54
CA PRO A 33 31.67 64.76 -22.48
C PRO A 33 32.20 63.39 -22.08
N ALA A 34 32.31 62.50 -23.04
CA ALA A 34 32.80 61.15 -22.78
C ALA A 34 34.28 61.18 -22.43
N PRO A 35 34.61 60.68 -21.23
CA PRO A 35 35.99 60.59 -20.76
C PRO A 35 36.66 59.32 -21.27
N VAL A 36 37.53 58.73 -20.46
CA VAL A 36 38.17 57.49 -20.85
C VAL A 36 37.18 56.34 -20.70
N THR A 37 36.93 55.65 -21.80
CA THR A 37 35.96 54.59 -21.85
C THR A 37 36.53 53.25 -21.39
N HIS A 38 36.30 52.93 -20.14
CA HIS A 38 36.72 51.66 -19.58
C HIS A 38 35.54 50.97 -18.93
N GLY A 39 35.55 49.66 -18.94
CA GLY A 39 34.46 48.92 -18.37
C GLY A 39 33.44 48.51 -19.42
N ALA A 40 33.75 47.46 -20.14
CA ALA A 40 32.88 46.96 -21.20
C ALA A 40 33.28 45.55 -21.56
N ALA A 41 33.62 44.79 -20.54
CA ALA A 41 34.07 43.42 -20.69
C ALA A 41 33.98 42.71 -19.35
N MET A 42 32.78 42.71 -18.81
CA MET A 42 32.50 42.11 -17.52
C MET A 42 32.27 40.60 -17.68
N PRO A 43 32.55 39.81 -16.62
CA PRO A 43 32.36 38.37 -16.65
C PRO A 43 30.88 37.99 -16.73
N THR A 44 30.53 37.25 -17.77
CA THR A 44 29.18 36.80 -17.98
C THR A 44 28.90 35.56 -17.13
N LEU A 45 27.68 35.48 -16.59
CA LEU A 45 27.28 34.36 -15.72
C LEU A 45 25.80 34.07 -15.93
N SER A 46 25.27 33.13 -15.16
CA SER A 46 23.87 32.74 -15.27
C SER A 46 23.39 32.05 -14.00
N SER A 47 22.15 32.28 -13.64
CA SER A 47 21.56 31.68 -12.47
C SER A 47 20.64 30.52 -12.87
N ALA A 48 20.12 29.80 -11.88
CA ALA A 48 19.24 28.68 -12.14
C ALA A 48 17.86 29.19 -12.57
N THR A 49 17.70 29.35 -13.86
CA THR A 49 16.47 29.85 -14.43
C THR A 49 15.49 28.70 -14.68
N ALA A 50 14.61 28.45 -13.71
CA ALA A 50 13.62 27.38 -13.81
C ALA A 50 12.59 27.53 -12.70
N GLN A 51 11.35 27.21 -13.01
CA GLN A 51 10.28 27.30 -12.02
C GLN A 51 10.18 25.99 -11.24
N PRO A 52 9.81 26.06 -9.95
CA PRO A 52 9.60 24.88 -9.13
C PRO A 52 8.26 24.22 -9.44
N LEU A 53 8.09 22.99 -9.00
CA LEU A 53 6.86 22.27 -9.26
C LEU A 53 5.89 22.42 -8.08
N PRO A 54 4.58 22.53 -8.37
CA PRO A 54 3.56 22.67 -7.34
C PRO A 54 3.27 21.34 -6.62
N VAL A 55 3.34 21.38 -5.30
CA VAL A 55 3.05 20.20 -4.51
C VAL A 55 1.53 20.10 -4.28
N ALA A 56 1.06 18.91 -3.89
CA ALA A 56 -0.35 18.70 -3.68
C ALA A 56 -0.57 17.46 -2.83
N SER A 57 -1.71 17.40 -2.17
CA SER A 57 -2.04 16.29 -1.29
C SER A 57 -2.49 15.08 -2.10
N ALA A 58 -2.38 13.91 -1.48
CA ALA A 58 -2.80 12.67 -2.10
C ALA A 58 -4.32 12.59 -2.14
N PRO A 59 -4.89 11.92 -3.14
CA PRO A 59 -6.34 11.75 -3.27
C PRO A 59 -6.91 10.91 -2.13
N VAL A 60 -8.18 11.10 -1.82
CA VAL A 60 -8.83 10.37 -0.74
C VAL A 60 -9.36 9.03 -1.23
N LEU A 61 -9.61 8.14 -0.30
CA LEU A 61 -10.12 6.83 -0.63
C LEU A 61 -11.64 6.81 -0.56
N SER A 62 -12.27 7.03 -1.70
CA SER A 62 -13.71 7.00 -1.78
C SER A 62 -14.16 6.09 -2.90
N ALA A 63 -14.19 4.82 -2.60
CA ALA A 63 -14.60 3.81 -3.53
C ALA A 63 -15.51 2.81 -2.83
N PRO A 64 -16.32 2.04 -3.58
CA PRO A 64 -17.20 1.02 -2.99
C PRO A 64 -16.40 -0.02 -2.20
N LEU A 65 -16.84 -0.29 -0.98
CA LEU A 65 -16.15 -1.24 -0.12
C LEU A 65 -16.34 -2.65 -0.63
N GLY A 66 -15.23 -3.32 -0.88
CA GLY A 66 -15.27 -4.67 -1.41
C GLY A 66 -14.76 -4.71 -2.81
N SER A 67 -15.03 -3.63 -3.55
CA SER A 67 -14.58 -3.48 -4.92
C SER A 67 -13.05 -3.47 -4.98
N HIS A 68 -12.51 -3.96 -6.09
CA HIS A 68 -11.08 -3.98 -6.28
C HIS A 68 -10.53 -2.56 -6.38
N GLU A 69 -11.38 -1.65 -6.85
CA GLU A 69 -11.01 -0.24 -7.00
C GLU A 69 -10.62 0.34 -5.64
N TRP A 70 -11.40 0.01 -4.61
CA TRP A 70 -11.13 0.48 -3.27
C TRP A 70 -9.84 -0.13 -2.75
N GLN A 71 -9.65 -1.41 -3.03
CA GLN A 71 -8.44 -2.10 -2.61
C GLN A 71 -7.21 -1.49 -3.29
N GLN A 72 -7.29 -1.33 -4.61
CA GLN A 72 -6.20 -0.74 -5.40
C GLN A 72 -5.85 0.66 -4.91
N THR A 73 -6.86 1.49 -4.70
CA THR A 73 -6.63 2.85 -4.24
C THR A 73 -6.03 2.85 -2.83
N PHE A 74 -6.54 1.99 -1.97
CA PHE A 74 -6.01 1.82 -0.62
C PHE A 74 -4.52 1.47 -0.70
N SER A 75 -4.18 0.50 -1.54
CA SER A 75 -2.81 0.06 -1.72
C SER A 75 -1.92 1.23 -2.13
N GLN A 76 -2.39 2.05 -3.08
CA GLN A 76 -1.64 3.22 -3.54
C GLN A 76 -1.24 4.13 -2.38
N GLN A 77 -2.19 4.38 -1.47
CA GLN A 77 -1.93 5.20 -0.29
C GLN A 77 -0.79 4.60 0.54
N VAL A 78 -0.79 3.28 0.67
CA VAL A 78 0.21 2.61 1.49
C VAL A 78 1.54 2.53 0.75
N MET A 79 1.48 2.45 -0.57
CA MET A 79 2.69 2.44 -1.38
C MET A 79 3.40 3.78 -1.22
N LEU A 80 2.68 4.86 -1.41
CA LEU A 80 3.23 6.20 -1.21
C LEU A 80 3.68 6.36 0.24
N PHE A 81 2.86 5.84 1.15
CA PHE A 81 3.13 5.84 2.59
C PHE A 81 4.52 5.28 2.90
N THR A 82 4.80 4.06 2.43
CA THR A 82 6.08 3.41 2.68
C THR A 82 7.21 4.10 1.91
N ARG A 83 6.90 4.67 0.74
CA ARG A 83 7.91 5.34 -0.08
C ARG A 83 8.36 6.64 0.58
N GLN A 84 7.42 7.38 1.14
CA GLN A 84 7.74 8.64 1.81
C GLN A 84 8.31 8.36 3.21
N GLY A 85 8.00 7.19 3.73
CA GLY A 85 8.53 6.78 5.03
C GLY A 85 7.89 7.50 6.19
N GLN A 86 6.66 7.92 6.01
CA GLN A 86 5.94 8.62 7.05
C GLN A 86 5.39 7.64 8.07
N GLN A 87 5.89 7.73 9.31
CA GLN A 87 5.49 6.81 10.38
C GLN A 87 4.00 6.89 10.71
N SER A 88 3.35 7.96 10.34
CA SER A 88 1.93 8.10 10.57
C SER A 88 1.29 8.95 9.49
N ALA A 89 0.04 8.63 9.16
CA ALA A 89 -0.69 9.36 8.14
C ALA A 89 -2.18 9.32 8.41
N GLN A 90 -2.85 10.39 8.05
CA GLN A 90 -4.28 10.49 8.23
C GLN A 90 -4.98 10.24 6.90
N LEU A 91 -5.82 9.24 6.87
CA LEU A 91 -6.56 8.89 5.67
C LEU A 91 -8.00 9.39 5.80
N ARG A 92 -8.74 9.33 4.72
CA ARG A 92 -10.13 9.76 4.70
C ARG A 92 -10.97 8.55 4.32
N LEU A 93 -11.84 8.10 5.20
CA LEU A 93 -12.56 6.87 4.96
C LEU A 93 -14.06 7.02 5.16
N HIS A 94 -14.80 6.28 4.37
CA HIS A 94 -16.25 6.22 4.49
C HIS A 94 -16.65 4.92 5.19
N PRO A 95 -17.85 4.85 5.80
CA PRO A 95 -18.83 5.94 5.84
C PRO A 95 -18.30 7.23 6.47
N GLU A 96 -18.87 8.34 6.01
CA GLU A 96 -18.54 9.69 6.49
C GLU A 96 -18.40 9.74 8.03
N GLU A 97 -19.23 8.97 8.74
CA GLU A 97 -19.15 8.85 10.20
C GLU A 97 -17.73 8.54 10.67
N LEU A 98 -17.08 7.56 10.04
CA LEU A 98 -15.73 7.17 10.41
C LEU A 98 -14.76 8.30 10.17
N GLY A 99 -15.00 9.04 9.09
CA GLY A 99 -14.23 10.21 8.74
C GLY A 99 -12.77 9.96 8.36
N GLN A 100 -12.06 9.11 9.08
CA GLN A 100 -10.64 8.97 8.86
C GLN A 100 -10.12 7.64 9.35
N VAL A 101 -8.84 7.41 9.09
CA VAL A 101 -8.13 6.21 9.53
C VAL A 101 -6.70 6.61 9.90
N HIS A 102 -6.19 6.07 10.98
CA HIS A 102 -4.85 6.37 11.41
C HIS A 102 -3.90 5.28 10.94
N ILE A 103 -3.15 5.58 9.91
CA ILE A 103 -2.21 4.62 9.36
C ILE A 103 -0.84 4.79 10.00
N SER A 104 -0.45 3.81 10.79
CA SER A 104 0.84 3.79 11.45
C SER A 104 1.85 2.95 10.67
N LEU A 105 3.10 2.96 11.10
CA LEU A 105 4.17 2.28 10.40
C LEU A 105 5.20 1.75 11.37
N LYS A 106 5.34 0.46 11.42
CA LYS A 106 6.36 -0.16 12.24
C LYS A 106 7.36 -0.84 11.32
N LEU A 107 8.62 -0.59 11.54
CA LEU A 107 9.65 -1.14 10.68
C LEU A 107 10.73 -1.80 11.52
N ASP A 108 10.98 -3.07 11.25
CA ASP A 108 11.99 -3.82 11.97
C ASP A 108 12.82 -4.59 10.97
N ASP A 109 14.14 -4.36 11.01
CA ASP A 109 15.11 -4.95 10.06
C ASP A 109 14.69 -4.83 8.58
N ASN A 110 13.84 -5.72 8.12
CA ASN A 110 13.41 -5.72 6.72
C ASN A 110 11.94 -6.09 6.61
N GLN A 111 11.18 -5.83 7.66
CA GLN A 111 9.76 -6.14 7.68
C GLN A 111 8.98 -4.95 8.20
N ALA A 112 7.81 -4.73 7.64
CA ALA A 112 6.98 -3.62 8.06
C ALA A 112 5.65 -4.11 8.61
N GLN A 113 5.30 -3.64 9.79
CA GLN A 113 4.03 -3.97 10.41
C GLN A 113 3.10 -2.78 10.30
N LEU A 114 1.97 -2.99 9.67
CA LEU A 114 1.00 -1.93 9.49
C LEU A 114 -0.06 -1.98 10.58
N GLN A 115 -0.03 -0.99 11.45
CA GLN A 115 -1.03 -0.86 12.49
C GLN A 115 -2.12 0.07 12.01
N MET A 116 -3.35 -0.36 12.10
CA MET A 116 -4.48 0.41 11.60
C MET A 116 -5.63 0.39 12.58
N VAL A 117 -6.35 1.49 12.67
CA VAL A 117 -7.46 1.60 13.58
C VAL A 117 -8.76 1.86 12.83
N SER A 118 -9.69 0.92 12.92
CA SER A 118 -10.98 1.04 12.29
C SER A 118 -11.95 0.05 12.96
N PRO A 119 -13.24 0.42 13.10
CA PRO A 119 -14.24 -0.44 13.75
C PRO A 119 -14.53 -1.71 12.93
N HIS A 120 -15.32 -2.61 13.48
CA HIS A 120 -15.66 -3.83 12.79
C HIS A 120 -16.92 -3.63 11.96
N SER A 121 -16.82 -3.97 10.70
CA SER A 121 -17.90 -3.80 9.76
C SER A 121 -17.48 -4.43 8.43
N HIS A 122 -18.30 -4.30 7.41
CA HIS A 122 -17.99 -4.89 6.13
C HIS A 122 -16.78 -4.19 5.49
N VAL A 123 -16.49 -2.97 5.93
CA VAL A 123 -15.33 -2.24 5.43
C VAL A 123 -14.06 -2.95 5.88
N ARG A 124 -14.05 -3.46 7.12
CA ARG A 124 -12.90 -4.16 7.65
C ARG A 124 -12.67 -5.46 6.89
N ALA A 125 -13.76 -6.08 6.44
CA ALA A 125 -13.68 -7.29 5.65
C ALA A 125 -12.91 -7.01 4.37
N ALA A 126 -13.26 -5.92 3.71
CA ALA A 126 -12.60 -5.51 2.49
C ALA A 126 -11.17 -5.04 2.78
N LEU A 127 -10.99 -4.43 3.94
CA LEU A 127 -9.68 -3.96 4.38
C LEU A 127 -8.74 -5.16 4.51
N GLU A 128 -9.23 -6.19 5.20
CA GLU A 128 -8.46 -7.41 5.39
C GLU A 128 -8.14 -8.06 4.04
N ALA A 129 -9.14 -8.10 3.16
CA ALA A 129 -8.98 -8.67 1.84
C ALA A 129 -7.95 -7.90 1.00
N ALA A 130 -7.73 -6.64 1.33
CA ALA A 130 -6.78 -5.83 0.59
C ALA A 130 -5.34 -6.14 0.99
N LEU A 131 -5.18 -6.75 2.16
CA LEU A 131 -3.85 -7.04 2.70
C LEU A 131 -3.02 -7.97 1.80
N PRO A 132 -3.56 -9.17 1.40
CA PRO A 132 -2.85 -10.11 0.54
C PRO A 132 -2.50 -9.49 -0.81
N MET A 133 -3.29 -8.50 -1.24
CA MET A 133 -3.04 -7.85 -2.52
C MET A 133 -1.96 -6.80 -2.35
N LEU A 134 -1.92 -6.20 -1.18
CA LEU A 134 -0.97 -5.17 -0.86
C LEU A 134 0.42 -5.76 -0.57
N ARG A 135 0.44 -6.85 0.19
CA ARG A 135 1.72 -7.51 0.55
C ARG A 135 2.54 -7.87 -0.69
N THR A 136 1.88 -8.23 -1.79
CA THR A 136 2.60 -8.58 -3.00
C THR A 136 3.19 -7.34 -3.66
N GLN A 137 2.52 -6.18 -3.46
CA GLN A 137 3.02 -4.91 -4.00
C GLN A 137 4.25 -4.49 -3.22
N LEU A 138 4.16 -4.59 -1.90
CA LEU A 138 5.26 -4.23 -1.01
C LEU A 138 6.43 -5.18 -1.20
N ALA A 139 6.13 -6.44 -1.47
CA ALA A 139 7.15 -7.45 -1.70
C ALA A 139 8.02 -7.09 -2.89
N GLU A 140 7.42 -6.47 -3.89
CA GLU A 140 8.14 -6.06 -5.10
C GLU A 140 8.94 -4.80 -4.85
N SER A 141 8.69 -4.16 -3.73
CA SER A 141 9.37 -2.95 -3.37
C SER A 141 10.52 -3.28 -2.42
N GLY A 142 10.54 -4.50 -1.95
CA GLY A 142 11.58 -4.93 -1.05
C GLY A 142 11.16 -4.77 0.40
N ILE A 143 9.90 -5.01 0.67
CA ILE A 143 9.34 -4.88 2.00
C ILE A 143 8.54 -6.13 2.33
N GLN A 144 8.83 -6.73 3.46
CA GLN A 144 8.13 -7.93 3.87
C GLN A 144 7.12 -7.58 4.95
N LEU A 145 5.86 -7.52 4.57
CA LEU A 145 4.79 -7.20 5.51
C LEU A 145 4.67 -8.29 6.59
N GLY A 146 3.96 -9.37 6.28
CA GLY A 146 3.82 -10.46 7.22
C GLY A 146 2.90 -10.13 8.38
N GLN A 147 3.34 -9.21 9.22
CA GLN A 147 2.58 -8.82 10.39
C GLN A 147 1.67 -7.64 10.07
N SER A 148 0.44 -7.75 10.51
CA SER A 148 -0.54 -6.70 10.30
C SER A 148 -1.41 -6.59 11.54
N SER A 149 -1.81 -5.38 11.89
CA SER A 149 -2.62 -5.18 13.07
C SER A 149 -3.80 -4.26 12.77
N ILE A 150 -4.98 -4.67 13.18
CA ILE A 150 -6.18 -3.90 12.96
C ILE A 150 -6.97 -3.78 14.27
N SER A 151 -6.89 -2.62 14.87
CA SER A 151 -7.60 -2.37 16.11
C SER A 151 -8.88 -1.62 15.80
N SER A 152 -9.84 -1.68 16.72
CA SER A 152 -11.10 -1.00 16.52
C SER A 152 -11.00 0.46 16.94
N GLU A 153 -10.23 0.72 18.00
CA GLU A 153 -10.04 2.06 18.50
C GLU A 153 -8.81 2.14 19.41
N SER A 154 -8.68 1.19 20.31
CA SER A 154 -7.55 1.16 21.24
C SER A 154 -7.26 -0.27 21.71
N PHE A 155 -6.03 -0.69 21.54
CA PHE A 155 -5.62 -2.02 21.95
C PHE A 155 -4.82 -1.93 23.24
N ALA A 156 -5.41 -2.38 24.33
CA ALA A 156 -4.76 -2.36 25.61
C ALA A 156 -3.87 -3.59 25.80
N GLY A 157 -2.77 -3.41 26.50
CA GLY A 157 -1.87 -4.51 26.76
C GLY A 157 -1.25 -4.38 28.12
N GLN A 158 -0.83 -5.51 28.69
CA GLN A 158 -0.23 -5.49 30.02
C GLN A 158 0.60 -6.74 30.25
N GLN A 159 1.75 -6.55 30.86
CA GLN A 159 2.67 -7.62 31.17
C GLN A 159 3.63 -7.18 32.27
N GLN A 160 3.57 -7.84 33.39
CA GLN A 160 4.37 -7.47 34.55
C GLN A 160 5.73 -8.15 34.54
N SER A 161 6.64 -7.60 35.32
CA SER A 161 7.98 -8.11 35.46
C SER A 161 8.45 -7.88 36.90
N SER A 162 9.43 -8.63 37.35
CA SER A 162 9.94 -8.51 38.70
C SER A 162 11.27 -9.22 38.83
N SER A 163 12.11 -8.70 39.70
CA SER A 163 13.42 -9.27 39.92
C SER A 163 13.60 -9.60 41.40
N GLN A 164 14.79 -10.00 41.77
CA GLN A 164 15.10 -10.36 43.16
C GLN A 164 16.58 -10.13 43.45
N GLN A 165 16.86 -9.61 44.63
CA GLN A 165 18.23 -9.31 45.03
C GLN A 165 18.98 -10.56 45.47
N GLN A 166 20.29 -10.44 45.55
CA GLN A 166 21.14 -11.51 46.04
C GLN A 166 21.16 -11.49 47.57
N SER A 167 22.00 -12.33 48.16
CA SER A 167 22.08 -12.41 49.60
C SER A 167 23.35 -13.15 50.01
N SER A 168 23.44 -13.53 51.27
CA SER A 168 24.60 -14.19 51.82
C SER A 168 24.19 -15.01 53.04
N ARG A 169 25.18 -15.55 53.73
CA ARG A 169 24.93 -16.33 54.93
C ARG A 169 24.82 -15.41 56.12
N HIS A 1 45.49 120.32 -59.35
CA HIS A 1 46.05 118.98 -59.61
C HIS A 1 45.12 117.91 -59.06
N MET A 2 44.59 117.08 -59.94
CA MET A 2 43.72 116.00 -59.51
C MET A 2 44.55 114.79 -59.14
N ALA A 3 44.92 114.72 -57.88
CA ALA A 3 45.73 113.61 -57.38
C ALA A 3 44.99 112.30 -57.49
N SER A 4 43.67 112.35 -57.31
CA SER A 4 42.81 111.18 -57.37
C SER A 4 43.17 110.17 -56.27
N ASP A 5 42.44 110.23 -55.18
CA ASP A 5 42.68 109.35 -54.05
C ASP A 5 42.09 107.99 -54.31
N ASP A 6 40.88 107.99 -54.90
CA ASP A 6 40.13 106.77 -55.25
C ASP A 6 39.60 106.05 -54.00
N ARG A 7 38.31 105.83 -53.98
CA ARG A 7 37.68 105.15 -52.88
C ARG A 7 37.46 103.68 -53.26
N ALA A 8 37.62 102.78 -52.29
CA ALA A 8 37.48 101.34 -52.54
C ALA A 8 36.04 100.98 -52.93
N THR A 9 35.88 99.80 -53.50
CA THR A 9 34.59 99.36 -53.97
C THR A 9 33.76 98.75 -52.84
N GLY A 10 32.57 99.31 -52.64
CA GLY A 10 31.67 98.79 -51.65
C GLY A 10 30.38 98.31 -52.29
N PRO A 11 30.31 97.03 -52.68
CA PRO A 11 29.15 96.48 -53.37
C PRO A 11 27.92 96.36 -52.47
N ALA A 12 27.11 97.41 -52.46
CA ALA A 12 25.87 97.41 -51.70
C ALA A 12 24.80 96.64 -52.46
N LEU A 13 23.83 96.11 -51.74
CA LEU A 13 22.75 95.35 -52.36
C LEU A 13 21.52 95.33 -51.47
N THR A 14 20.36 95.43 -52.08
CA THR A 14 19.12 95.41 -51.36
C THR A 14 18.56 93.99 -51.24
N PRO A 15 18.36 93.48 -50.01
CA PRO A 15 17.78 92.16 -49.79
C PRO A 15 16.28 92.14 -50.17
N LEU A 16 15.58 91.10 -49.77
CA LEU A 16 14.16 90.98 -50.09
C LEU A 16 13.47 90.08 -49.08
N VAL A 17 12.17 89.96 -49.22
CA VAL A 17 11.38 89.13 -48.32
C VAL A 17 11.32 87.70 -48.81
N VAL A 18 11.32 86.77 -47.88
CA VAL A 18 11.25 85.36 -48.21
C VAL A 18 9.80 84.92 -48.36
N ALA A 19 9.56 83.98 -49.26
CA ALA A 19 8.24 83.47 -49.52
C ALA A 19 8.31 82.19 -50.32
N ALA A 20 7.26 81.39 -50.23
CA ALA A 20 7.19 80.11 -50.92
C ALA A 20 5.77 79.59 -50.91
N ALA A 21 5.58 78.43 -51.51
CA ALA A 21 4.27 77.81 -51.59
C ALA A 21 4.39 76.35 -51.95
N ALA A 22 4.08 75.50 -51.00
CA ALA A 22 4.16 74.06 -51.17
C ALA A 22 3.32 73.38 -50.10
N THR A 23 2.26 72.73 -50.53
CA THR A 23 1.38 72.05 -49.63
C THR A 23 1.89 70.64 -49.31
N SER A 24 1.43 70.09 -48.19
CA SER A 24 1.82 68.76 -47.75
C SER A 24 0.83 68.25 -46.71
N ALA A 25 0.08 67.22 -47.05
CA ALA A 25 -0.91 66.63 -46.17
C ALA A 25 -1.39 65.30 -46.70
N LYS A 26 -0.92 64.22 -46.10
CA LYS A 26 -1.31 62.88 -46.51
C LYS A 26 -2.67 62.51 -45.94
N VAL A 27 -3.63 62.23 -46.80
CA VAL A 27 -4.95 61.84 -46.37
C VAL A 27 -5.05 60.33 -46.23
N GLU A 28 -5.43 59.87 -45.05
CA GLU A 28 -5.56 58.45 -44.79
C GLU A 28 -6.52 58.18 -43.63
N VAL A 29 -7.59 57.46 -43.93
CA VAL A 29 -8.60 57.12 -42.94
C VAL A 29 -9.37 55.89 -43.40
N ASP A 30 -10.00 55.19 -42.47
CA ASP A 30 -10.76 54.00 -42.81
C ASP A 30 -11.81 53.74 -41.75
N SER A 31 -12.88 53.07 -42.14
CA SER A 31 -13.96 52.74 -41.22
C SER A 31 -14.77 51.56 -41.73
N PRO A 32 -14.49 50.35 -41.24
CA PRO A 32 -15.21 49.14 -41.63
C PRO A 32 -16.54 49.02 -40.89
N PRO A 33 -17.50 48.26 -41.45
CA PRO A 33 -18.80 48.05 -40.82
C PRO A 33 -18.72 47.09 -39.63
N ALA A 34 -19.75 47.09 -38.80
CA ALA A 34 -19.79 46.24 -37.63
C ALA A 34 -19.88 44.78 -38.05
N PRO A 35 -19.01 43.92 -37.53
CA PRO A 35 -18.98 42.50 -37.88
C PRO A 35 -20.09 41.70 -37.20
N VAL A 36 -21.30 41.87 -37.69
CA VAL A 36 -22.43 41.15 -37.16
C VAL A 36 -22.55 39.78 -37.82
N THR A 37 -22.60 38.75 -37.01
CA THR A 37 -22.71 37.40 -37.52
C THR A 37 -24.16 36.99 -37.66
N HIS A 38 -24.44 36.17 -38.66
CA HIS A 38 -25.79 35.69 -38.89
C HIS A 38 -26.22 34.74 -37.78
N GLY A 39 -27.44 34.88 -37.33
CA GLY A 39 -27.95 34.02 -36.30
C GLY A 39 -28.62 32.81 -36.89
N ALA A 40 -28.81 31.79 -36.08
CA ALA A 40 -29.43 30.56 -36.54
C ALA A 40 -29.85 29.69 -35.38
N ALA A 41 -31.07 29.86 -34.93
CA ALA A 41 -31.60 29.04 -33.86
C ALA A 41 -31.88 27.64 -34.38
N MET A 42 -30.97 26.73 -34.13
CA MET A 42 -31.08 25.36 -34.59
C MET A 42 -30.48 24.43 -33.55
N PRO A 43 -30.95 23.17 -33.48
CA PRO A 43 -30.44 22.17 -32.55
C PRO A 43 -28.92 22.06 -32.61
N THR A 44 -28.27 22.34 -31.50
CA THR A 44 -26.83 22.34 -31.44
C THR A 44 -26.32 20.91 -31.24
N LEU A 45 -25.14 20.63 -31.76
CA LEU A 45 -24.55 19.32 -31.68
C LEU A 45 -23.03 19.47 -31.71
N SER A 46 -22.35 18.75 -30.83
CA SER A 46 -20.91 18.82 -30.74
C SER A 46 -20.24 18.14 -31.93
N SER A 47 -20.03 18.91 -32.99
CA SER A 47 -19.38 18.40 -34.17
C SER A 47 -17.92 18.84 -34.21
N ALA A 48 -17.61 19.87 -33.43
CA ALA A 48 -16.27 20.40 -33.36
C ALA A 48 -15.39 19.49 -32.51
N THR A 49 -14.14 19.39 -32.87
CA THR A 49 -13.19 18.58 -32.14
C THR A 49 -12.59 19.39 -30.98
N ALA A 50 -12.26 18.71 -29.89
CA ALA A 50 -11.69 19.36 -28.73
C ALA A 50 -10.99 18.33 -27.86
N GLN A 51 -10.33 18.81 -26.83
CA GLN A 51 -9.60 17.93 -25.92
C GLN A 51 -10.53 17.31 -24.88
N PRO A 52 -10.19 16.10 -24.42
CA PRO A 52 -10.93 15.45 -23.34
C PRO A 52 -10.49 15.99 -21.98
N LEU A 53 -11.25 15.69 -20.95
CA LEU A 53 -10.92 16.15 -19.61
C LEU A 53 -9.86 15.24 -18.99
N PRO A 54 -8.64 15.75 -18.78
CA PRO A 54 -7.56 14.99 -18.20
C PRO A 54 -7.59 15.06 -16.67
N VAL A 55 -7.63 13.91 -16.02
CA VAL A 55 -7.69 13.87 -14.57
C VAL A 55 -6.29 14.07 -13.97
N ALA A 56 -6.25 14.58 -12.76
CA ALA A 56 -5.01 14.84 -12.05
C ALA A 56 -5.32 15.13 -10.59
N SER A 57 -4.27 15.26 -9.78
CA SER A 57 -4.40 15.51 -8.34
C SER A 57 -4.92 14.27 -7.63
N ALA A 58 -4.07 13.67 -6.81
CA ALA A 58 -4.43 12.45 -6.09
C ALA A 58 -5.46 12.73 -5.01
N PRO A 59 -6.66 12.16 -5.15
CA PRO A 59 -7.73 12.33 -4.19
C PRO A 59 -7.63 11.34 -3.03
N VAL A 60 -8.57 11.43 -2.10
CA VAL A 60 -8.59 10.50 -0.97
C VAL A 60 -9.17 9.17 -1.41
N LEU A 61 -9.32 8.26 -0.48
CA LEU A 61 -9.82 6.94 -0.80
C LEU A 61 -11.34 6.91 -0.75
N SER A 62 -11.94 7.16 -1.89
CA SER A 62 -13.37 7.16 -2.01
C SER A 62 -13.77 6.36 -3.23
N ALA A 63 -13.70 5.05 -3.08
CA ALA A 63 -14.01 4.15 -4.15
C ALA A 63 -14.87 3.02 -3.60
N PRO A 64 -15.65 2.35 -4.47
CA PRO A 64 -16.50 1.22 -4.08
C PRO A 64 -15.72 0.17 -3.31
N LEU A 65 -16.09 -0.04 -2.05
CA LEU A 65 -15.41 -1.00 -1.19
C LEU A 65 -15.70 -2.42 -1.66
N GLY A 66 -14.67 -3.22 -1.74
CA GLY A 66 -14.81 -4.56 -2.24
C GLY A 66 -14.31 -4.66 -3.65
N SER A 67 -14.61 -3.64 -4.43
CA SER A 67 -14.16 -3.53 -5.80
C SER A 67 -12.62 -3.41 -5.85
N HIS A 68 -12.05 -3.74 -7.01
CA HIS A 68 -10.61 -3.65 -7.19
C HIS A 68 -10.14 -2.20 -7.19
N GLU A 69 -11.04 -1.29 -7.56
CA GLU A 69 -10.72 0.14 -7.63
C GLU A 69 -10.31 0.67 -6.26
N TRP A 70 -11.05 0.27 -5.24
CA TRP A 70 -10.75 0.67 -3.88
C TRP A 70 -9.45 0.04 -3.42
N GLN A 71 -9.23 -1.20 -3.79
CA GLN A 71 -8.01 -1.90 -3.43
C GLN A 71 -6.79 -1.23 -4.07
N GLN A 72 -6.89 -0.99 -5.38
CA GLN A 72 -5.81 -0.31 -6.12
C GLN A 72 -5.44 1.02 -5.48
N THR A 73 -6.45 1.84 -5.23
CA THR A 73 -6.21 3.15 -4.64
C THR A 73 -5.62 2.99 -3.22
N PHE A 74 -6.13 2.00 -2.50
CA PHE A 74 -5.62 1.67 -1.17
C PHE A 74 -4.11 1.42 -1.20
N SER A 75 -3.65 0.62 -2.17
CA SER A 75 -2.23 0.35 -2.30
C SER A 75 -1.46 1.62 -2.73
N GLN A 76 -2.08 2.43 -3.58
CA GLN A 76 -1.47 3.68 -4.06
C GLN A 76 -1.05 4.58 -2.92
N GLN A 77 -1.96 4.79 -1.95
CA GLN A 77 -1.65 5.65 -0.80
C GLN A 77 -0.44 5.11 -0.03
N VAL A 78 -0.29 3.79 0.02
CA VAL A 78 0.79 3.17 0.76
C VAL A 78 2.10 3.35 0.01
N MET A 79 2.01 3.30 -1.31
CA MET A 79 3.17 3.55 -2.15
C MET A 79 3.65 4.97 -1.95
N LEU A 80 2.71 5.87 -1.75
CA LEU A 80 3.03 7.26 -1.50
C LEU A 80 3.72 7.39 -0.14
N PHE A 81 3.14 6.76 0.88
CA PHE A 81 3.71 6.77 2.23
C PHE A 81 5.14 6.27 2.25
N THR A 82 5.39 5.11 1.61
CA THR A 82 6.74 4.53 1.59
C THR A 82 7.70 5.43 0.79
N ARG A 83 7.17 6.20 -0.16
CA ARG A 83 7.97 7.12 -0.95
C ARG A 83 8.44 8.28 -0.08
N GLN A 84 7.52 8.85 0.68
CA GLN A 84 7.82 9.98 1.55
C GLN A 84 8.62 9.53 2.78
N GLY A 85 8.36 8.32 3.24
CA GLY A 85 9.05 7.81 4.39
C GLY A 85 8.23 7.90 5.66
N GLN A 86 6.97 8.28 5.52
CA GLN A 86 6.08 8.38 6.67
C GLN A 86 5.48 7.04 7.03
N GLN A 87 5.79 6.56 8.22
CA GLN A 87 5.24 5.31 8.71
C GLN A 87 3.80 5.51 9.18
N SER A 88 3.56 6.66 9.78
CA SER A 88 2.25 7.02 10.29
C SER A 88 1.48 7.86 9.27
N ALA A 89 0.22 7.52 9.05
CA ALA A 89 -0.60 8.26 8.10
C ALA A 89 -2.08 8.18 8.45
N GLN A 90 -2.79 9.27 8.19
CA GLN A 90 -4.23 9.34 8.40
C GLN A 90 -4.90 9.94 7.17
N LEU A 91 -5.88 9.24 6.62
CA LEU A 91 -6.57 9.70 5.43
C LEU A 91 -8.08 9.73 5.67
N ARG A 92 -8.81 10.51 4.87
CA ARG A 92 -10.26 10.59 4.98
C ARG A 92 -10.88 9.36 4.32
N LEU A 93 -11.66 8.63 5.09
CA LEU A 93 -12.22 7.37 4.62
C LEU A 93 -13.70 7.22 4.97
N HIS A 94 -14.31 6.24 4.32
CA HIS A 94 -15.70 5.87 4.55
C HIS A 94 -15.76 4.44 5.10
N PRO A 95 -16.84 4.06 5.87
CA PRO A 95 -17.99 4.93 6.20
C PRO A 95 -17.61 6.31 6.71
N GLU A 96 -18.19 7.31 6.09
CA GLU A 96 -17.91 8.72 6.41
C GLU A 96 -17.97 9.00 7.91
N GLU A 97 -18.93 8.39 8.62
CA GLU A 97 -19.02 8.50 10.08
C GLU A 97 -17.66 8.26 10.79
N LEU A 98 -16.82 7.39 10.21
CA LEU A 98 -15.51 7.09 10.78
C LEU A 98 -14.59 8.31 10.72
N GLY A 99 -14.81 9.14 9.71
CA GLY A 99 -14.03 10.34 9.54
C GLY A 99 -12.64 10.10 8.96
N GLN A 100 -11.96 9.06 9.44
CA GLN A 100 -10.61 8.79 9.00
C GLN A 100 -10.23 7.35 9.30
N VAL A 101 -8.97 7.04 9.03
CA VAL A 101 -8.38 5.76 9.35
C VAL A 101 -6.98 6.00 9.88
N HIS A 102 -6.65 5.38 10.99
CA HIS A 102 -5.35 5.59 11.60
C HIS A 102 -4.40 4.49 11.20
N ILE A 103 -3.52 4.77 10.26
CA ILE A 103 -2.55 3.79 9.80
C ILE A 103 -1.20 4.00 10.44
N SER A 104 -0.77 3.03 11.22
CA SER A 104 0.54 3.08 11.83
C SER A 104 1.37 1.88 11.39
N LEU A 105 2.04 2.02 10.26
CA LEU A 105 2.88 0.97 9.73
C LEU A 105 4.29 1.12 10.26
N LYS A 106 4.71 0.15 11.06
CA LYS A 106 6.06 0.15 11.61
C LYS A 106 6.94 -0.72 10.74
N LEU A 107 8.24 -0.47 10.75
CA LEU A 107 9.13 -1.17 9.84
C LEU A 107 10.38 -1.64 10.56
N ASP A 108 10.42 -2.91 10.89
CA ASP A 108 11.59 -3.51 11.52
C ASP A 108 12.40 -4.17 10.44
N ASP A 109 13.66 -3.78 10.31
CA ASP A 109 14.54 -4.24 9.20
C ASP A 109 13.83 -4.19 7.82
N ASN A 110 13.03 -5.22 7.51
CA ASN A 110 12.28 -5.30 6.26
C ASN A 110 10.91 -5.96 6.51
N GLN A 111 10.52 -6.02 7.78
CA GLN A 111 9.25 -6.62 8.16
C GLN A 111 8.37 -5.53 8.78
N ALA A 112 7.25 -5.28 8.17
CA ALA A 112 6.40 -4.20 8.60
C ALA A 112 5.16 -4.63 9.36
N GLN A 113 4.92 -3.97 10.48
CA GLN A 113 3.73 -4.17 11.29
C GLN A 113 2.70 -3.12 10.92
N LEU A 114 1.65 -3.55 10.24
CA LEU A 114 0.63 -2.65 9.79
C LEU A 114 -0.54 -2.62 10.76
N GLN A 115 -0.63 -1.56 11.53
CA GLN A 115 -1.73 -1.40 12.46
C GLN A 115 -2.72 -0.37 11.96
N MET A 116 -3.98 -0.65 12.16
CA MET A 116 -5.05 0.25 11.76
C MET A 116 -6.02 0.43 12.91
N VAL A 117 -6.22 1.66 13.31
CA VAL A 117 -7.17 1.95 14.37
C VAL A 117 -8.46 2.51 13.78
N SER A 118 -9.48 1.70 13.81
CA SER A 118 -10.77 2.05 13.26
C SER A 118 -11.84 1.08 13.80
N PRO A 119 -13.06 1.59 14.06
CA PRO A 119 -14.17 0.75 14.53
C PRO A 119 -14.37 -0.47 13.62
N HIS A 120 -14.82 -1.58 14.19
CA HIS A 120 -14.97 -2.79 13.43
C HIS A 120 -16.36 -2.91 12.82
N SER A 121 -16.39 -3.34 11.58
CA SER A 121 -17.61 -3.49 10.83
C SER A 121 -17.33 -4.47 9.69
N HIS A 122 -18.33 -4.77 8.85
CA HIS A 122 -18.13 -5.68 7.73
C HIS A 122 -17.10 -5.10 6.75
N VAL A 123 -16.86 -3.80 6.88
CA VAL A 123 -15.86 -3.09 6.09
C VAL A 123 -14.46 -3.69 6.34
N ARG A 124 -14.32 -4.34 7.49
CA ARG A 124 -13.07 -5.00 7.86
C ARG A 124 -12.69 -6.03 6.81
N ALA A 125 -13.71 -6.66 6.22
CA ALA A 125 -13.50 -7.67 5.19
C ALA A 125 -12.77 -7.08 4.00
N ALA A 126 -13.10 -5.85 3.65
CA ALA A 126 -12.44 -5.16 2.55
C ALA A 126 -11.00 -4.81 2.92
N LEU A 127 -10.80 -4.42 4.16
CA LEU A 127 -9.46 -4.09 4.65
C LEU A 127 -8.58 -5.34 4.67
N GLU A 128 -9.11 -6.42 5.22
CA GLU A 128 -8.39 -7.68 5.29
C GLU A 128 -8.09 -8.19 3.90
N ALA A 129 -9.04 -8.05 3.00
CA ALA A 129 -8.88 -8.46 1.61
C ALA A 129 -7.71 -7.74 0.94
N ALA A 130 -7.45 -6.51 1.34
CA ALA A 130 -6.39 -5.73 0.75
C ALA A 130 -5.02 -6.14 1.28
N LEU A 131 -4.99 -6.83 2.41
CA LEU A 131 -3.74 -7.22 3.05
C LEU A 131 -2.86 -8.12 2.14
N PRO A 132 -3.41 -9.28 1.64
CA PRO A 132 -2.65 -10.18 0.76
C PRO A 132 -2.21 -9.49 -0.53
N MET A 133 -2.93 -8.46 -0.90
CA MET A 133 -2.64 -7.71 -2.10
C MET A 133 -1.45 -6.77 -1.84
N LEU A 134 -1.50 -6.14 -0.67
CA LEU A 134 -0.50 -5.17 -0.27
C LEU A 134 0.85 -5.84 -0.05
N ARG A 135 0.84 -6.98 0.64
CA ARG A 135 2.08 -7.72 0.91
C ARG A 135 2.69 -8.29 -0.38
N THR A 136 1.93 -8.24 -1.46
CA THR A 136 2.44 -8.68 -2.74
C THR A 136 3.14 -7.51 -3.44
N GLN A 137 2.51 -6.34 -3.35
CA GLN A 137 3.07 -5.11 -3.93
C GLN A 137 4.32 -4.67 -3.17
N LEU A 138 4.25 -4.72 -1.85
CA LEU A 138 5.36 -4.29 -1.00
C LEU A 138 6.53 -5.27 -1.08
N ALA A 139 6.23 -6.52 -1.38
CA ALA A 139 7.26 -7.55 -1.52
C ALA A 139 8.21 -7.19 -2.66
N GLU A 140 7.67 -6.55 -3.70
CA GLU A 140 8.44 -6.14 -4.85
C GLU A 140 9.33 -4.94 -4.51
N SER A 141 8.99 -4.27 -3.42
CA SER A 141 9.71 -3.10 -2.97
C SER A 141 10.74 -3.48 -1.91
N GLY A 142 10.62 -4.71 -1.41
CA GLY A 142 11.54 -5.19 -0.40
C GLY A 142 10.99 -5.02 1.00
N ILE A 143 9.70 -5.26 1.14
CA ILE A 143 9.02 -5.15 2.43
C ILE A 143 8.13 -6.36 2.65
N GLN A 144 8.28 -7.00 3.79
CA GLN A 144 7.48 -8.16 4.13
C GLN A 144 6.56 -7.81 5.29
N LEU A 145 5.27 -7.71 5.01
CA LEU A 145 4.31 -7.39 6.06
C LEU A 145 4.18 -8.52 7.09
N GLY A 146 3.20 -9.38 6.90
CA GLY A 146 2.96 -10.47 7.85
C GLY A 146 2.30 -9.97 9.11
N GLN A 147 2.91 -8.99 9.73
CA GLN A 147 2.40 -8.36 10.92
C GLN A 147 1.32 -7.35 10.54
N SER A 148 0.09 -7.63 10.90
CA SER A 148 -1.00 -6.74 10.62
C SER A 148 -2.01 -6.77 11.76
N SER A 149 -2.55 -5.62 12.11
CA SER A 149 -3.49 -5.51 13.19
C SER A 149 -4.62 -4.54 12.85
N ILE A 150 -5.83 -4.93 13.16
CA ILE A 150 -7.00 -4.10 12.92
C ILE A 150 -7.77 -3.98 14.22
N SER A 151 -7.77 -2.80 14.80
CA SER A 151 -8.38 -2.62 16.09
C SER A 151 -9.19 -1.32 16.13
N SER A 152 -10.24 -1.32 16.93
CA SER A 152 -11.04 -0.12 17.12
C SER A 152 -10.34 0.78 18.13
N GLU A 153 -9.55 0.16 19.00
CA GLU A 153 -8.76 0.86 19.99
C GLU A 153 -7.55 0.01 20.42
N SER A 154 -7.78 -1.29 20.60
CA SER A 154 -6.72 -2.22 20.95
C SER A 154 -7.15 -3.66 20.66
N PHE A 155 -8.14 -4.14 21.40
CA PHE A 155 -8.71 -5.45 21.19
C PHE A 155 -10.21 -5.39 21.38
N ALA A 156 -10.94 -6.13 20.57
CA ALA A 156 -12.40 -6.14 20.67
C ALA A 156 -12.95 -7.51 20.34
N GLY A 157 -13.94 -7.92 21.09
CA GLY A 157 -14.55 -9.21 20.90
C GLY A 157 -14.79 -9.89 22.22
N GLN A 158 -14.27 -11.11 22.38
CA GLN A 158 -14.35 -11.87 23.64
C GLN A 158 -15.78 -12.34 23.96
N GLN A 159 -16.73 -11.92 23.16
CA GLN A 159 -18.12 -12.30 23.37
C GLN A 159 -18.40 -13.69 22.81
N GLN A 160 -19.03 -14.53 23.62
CA GLN A 160 -19.36 -15.88 23.20
C GLN A 160 -20.56 -16.40 23.95
N SER A 161 -21.44 -17.06 23.24
CA SER A 161 -22.61 -17.65 23.82
C SER A 161 -22.94 -18.96 23.11
N SER A 162 -23.75 -19.78 23.76
CA SER A 162 -24.15 -21.08 23.23
C SER A 162 -25.40 -21.56 23.97
N SER A 163 -26.49 -21.65 23.27
CA SER A 163 -27.75 -22.06 23.85
C SER A 163 -28.52 -22.93 22.87
N GLN A 164 -29.20 -23.95 23.39
CA GLN A 164 -29.97 -24.86 22.56
C GLN A 164 -30.99 -25.59 23.43
N GLN A 165 -32.11 -25.93 22.84
CA GLN A 165 -33.16 -26.66 23.52
C GLN A 165 -34.08 -27.30 22.51
N GLN A 166 -34.12 -28.62 22.52
CA GLN A 166 -34.94 -29.36 21.56
C GLN A 166 -36.41 -29.41 21.97
N SER A 167 -37.19 -30.18 21.25
CA SER A 167 -38.60 -30.36 21.51
C SER A 167 -39.08 -31.65 20.87
N SER A 168 -40.32 -32.01 21.12
CA SER A 168 -40.88 -33.25 20.59
C SER A 168 -42.40 -33.13 20.51
N ARG A 169 -42.99 -33.78 19.53
CA ARG A 169 -44.43 -33.77 19.35
C ARG A 169 -45.06 -34.90 20.14
N HIS A 1 -42.74 61.78 -83.08
CA HIS A 1 -42.88 62.15 -84.50
C HIS A 1 -41.91 63.26 -84.84
N MET A 2 -41.41 63.24 -86.05
CA MET A 2 -40.53 64.29 -86.52
C MET A 2 -41.37 65.50 -86.87
N ALA A 3 -40.73 66.66 -86.93
CA ALA A 3 -41.42 67.93 -87.19
C ALA A 3 -42.26 68.33 -85.98
N SER A 4 -42.96 69.44 -86.07
CA SER A 4 -43.77 69.92 -84.97
C SER A 4 -44.82 70.91 -85.47
N ASP A 5 -45.68 71.36 -84.58
CA ASP A 5 -46.69 72.35 -84.96
C ASP A 5 -46.04 73.71 -85.02
N ASP A 6 -44.90 73.82 -84.34
CA ASP A 6 -44.05 75.01 -84.33
C ASP A 6 -44.70 76.23 -83.69
N ARG A 7 -43.89 77.00 -83.01
CA ARG A 7 -44.36 78.19 -82.32
C ARG A 7 -44.03 79.45 -83.13
N ALA A 8 -44.64 80.56 -82.73
CA ALA A 8 -44.42 81.83 -83.41
C ALA A 8 -44.84 82.97 -82.50
N THR A 9 -44.22 84.12 -82.70
CA THR A 9 -44.54 85.30 -81.92
C THR A 9 -44.30 86.56 -82.74
N GLY A 10 -45.31 87.40 -82.82
CA GLY A 10 -45.19 88.63 -83.58
C GLY A 10 -45.30 88.39 -85.06
N PRO A 11 -44.34 88.92 -85.86
CA PRO A 11 -44.33 88.74 -87.32
C PRO A 11 -44.19 87.27 -87.70
N ALA A 12 -45.29 86.68 -88.10
CA ALA A 12 -45.34 85.30 -88.48
C ALA A 12 -46.63 84.98 -89.19
N LEU A 13 -46.54 84.68 -90.46
CA LEU A 13 -47.70 84.37 -91.27
C LEU A 13 -47.31 83.44 -92.40
N THR A 14 -46.23 82.71 -92.21
CA THR A 14 -45.76 81.79 -93.21
C THR A 14 -46.54 80.46 -93.11
N PRO A 15 -47.05 79.97 -94.25
CA PRO A 15 -47.80 78.73 -94.31
C PRO A 15 -46.89 77.51 -94.10
N LEU A 16 -45.60 77.73 -94.25
CA LEU A 16 -44.62 76.67 -94.08
C LEU A 16 -44.39 76.40 -92.61
N VAL A 17 -44.99 75.36 -92.11
CA VAL A 17 -44.79 74.98 -90.72
C VAL A 17 -43.52 74.15 -90.59
N VAL A 18 -42.41 74.82 -90.38
CA VAL A 18 -41.13 74.17 -90.30
C VAL A 18 -40.14 75.01 -89.49
N ALA A 19 -39.15 74.35 -88.91
CA ALA A 19 -38.10 75.00 -88.13
C ALA A 19 -36.97 74.02 -87.92
N ALA A 20 -37.33 72.76 -87.73
CA ALA A 20 -36.37 71.69 -87.61
C ALA A 20 -35.76 71.36 -88.97
N ALA A 21 -35.13 70.19 -89.06
CA ALA A 21 -34.50 69.75 -90.29
C ALA A 21 -34.23 68.26 -90.22
N ALA A 22 -33.38 67.77 -91.11
CA ALA A 22 -33.05 66.36 -91.15
C ALA A 22 -31.72 66.15 -91.82
N THR A 23 -30.90 65.31 -91.22
CA THR A 23 -29.57 65.04 -91.73
C THR A 23 -29.09 63.69 -91.22
N SER A 24 -28.04 63.17 -91.84
CA SER A 24 -27.48 61.87 -91.46
C SER A 24 -26.14 61.65 -92.15
N ALA A 25 -25.08 61.57 -91.36
CA ALA A 25 -23.73 61.35 -91.89
C ALA A 25 -22.74 61.03 -90.76
N LYS A 26 -22.67 59.76 -90.39
CA LYS A 26 -21.73 59.31 -89.37
C LYS A 26 -21.58 57.80 -89.42
N VAL A 27 -20.44 57.31 -88.96
CA VAL A 27 -20.17 55.89 -88.92
C VAL A 27 -19.23 55.56 -87.76
N GLU A 28 -19.80 55.23 -86.62
CA GLU A 28 -19.03 54.93 -85.43
C GLU A 28 -18.67 53.45 -85.35
N VAL A 29 -17.61 53.17 -84.60
CA VAL A 29 -17.16 51.80 -84.37
C VAL A 29 -16.25 51.75 -83.14
N ASP A 30 -16.69 51.04 -82.12
CA ASP A 30 -15.93 50.92 -80.88
C ASP A 30 -16.40 49.70 -80.10
N SER A 31 -15.51 49.10 -79.36
CA SER A 31 -15.84 47.92 -78.58
C SER A 31 -14.93 47.80 -77.36
N PRO A 32 -15.49 48.03 -76.17
CA PRO A 32 -14.73 47.95 -74.91
C PRO A 32 -14.46 46.50 -74.52
N PRO A 33 -13.31 46.25 -73.87
CA PRO A 33 -12.94 44.92 -73.40
C PRO A 33 -13.79 44.47 -72.21
N ALA A 34 -13.59 43.24 -71.78
CA ALA A 34 -14.35 42.69 -70.67
C ALA A 34 -13.95 43.34 -69.34
N PRO A 35 -14.90 44.01 -68.68
CA PRO A 35 -14.67 44.65 -67.39
C PRO A 35 -14.78 43.66 -66.24
N VAL A 36 -13.89 42.68 -66.23
CA VAL A 36 -13.91 41.66 -65.20
C VAL A 36 -13.16 42.13 -63.95
N THR A 37 -13.43 41.47 -62.84
CA THR A 37 -12.78 41.78 -61.58
C THR A 37 -12.65 40.53 -60.73
N HIS A 38 -11.47 40.33 -60.17
CA HIS A 38 -11.20 39.14 -59.35
C HIS A 38 -10.88 39.56 -57.93
N GLY A 39 -10.84 38.60 -57.03
CA GLY A 39 -10.54 38.89 -55.65
C GLY A 39 -10.97 37.78 -54.72
N ALA A 40 -10.11 37.42 -53.77
CA ALA A 40 -10.41 36.35 -52.84
C ALA A 40 -9.43 36.34 -51.67
N ALA A 41 -9.87 35.80 -50.54
CA ALA A 41 -9.07 35.69 -49.33
C ALA A 41 -9.79 34.80 -48.32
N MET A 42 -9.03 34.04 -47.54
CA MET A 42 -9.62 33.12 -46.56
C MET A 42 -8.72 32.96 -45.35
N PRO A 43 -9.19 33.39 -44.17
CA PRO A 43 -8.45 33.25 -42.92
C PRO A 43 -8.59 31.83 -42.34
N THR A 44 -8.03 31.62 -41.16
CA THR A 44 -8.13 30.34 -40.50
C THR A 44 -8.04 30.52 -38.98
N LEU A 45 -8.09 29.43 -38.26
CA LEU A 45 -8.06 29.45 -36.81
C LEU A 45 -7.52 28.13 -36.31
N SER A 46 -6.65 28.19 -35.32
CA SER A 46 -6.07 26.99 -34.75
C SER A 46 -5.48 27.32 -33.38
N SER A 47 -6.08 26.76 -32.35
CA SER A 47 -5.63 27.01 -31.00
C SER A 47 -5.18 25.71 -30.33
N ALA A 48 -4.16 25.82 -29.51
CA ALA A 48 -3.59 24.69 -28.79
C ALA A 48 -2.82 25.21 -27.58
N THR A 49 -3.24 26.35 -27.08
CA THR A 49 -2.61 26.98 -25.96
C THR A 49 -3.67 27.70 -25.12
N ALA A 50 -3.31 28.07 -23.89
CA ALA A 50 -4.22 28.74 -22.94
C ALA A 50 -5.23 27.76 -22.39
N GLN A 51 -4.96 26.49 -22.60
CA GLN A 51 -5.82 25.42 -22.13
C GLN A 51 -5.45 25.05 -20.71
N PRO A 52 -6.38 25.22 -19.77
CA PRO A 52 -6.14 24.87 -18.36
C PRO A 52 -5.83 23.39 -18.20
N LEU A 53 -4.79 23.09 -17.45
CA LEU A 53 -4.39 21.72 -17.21
C LEU A 53 -4.93 21.26 -15.86
N PRO A 54 -5.99 20.46 -15.86
CA PRO A 54 -6.61 19.96 -14.63
C PRO A 54 -5.82 18.83 -13.99
N VAL A 55 -6.31 18.35 -12.86
CA VAL A 55 -5.69 17.27 -12.10
C VAL A 55 -4.37 17.71 -11.48
N ALA A 56 -4.38 17.87 -10.17
CA ALA A 56 -3.19 18.31 -9.44
C ALA A 56 -3.38 18.06 -7.95
N SER A 57 -4.27 17.16 -7.61
CA SER A 57 -4.55 16.83 -6.22
C SER A 57 -5.15 15.44 -6.10
N ALA A 58 -4.50 14.59 -5.31
CA ALA A 58 -4.98 13.24 -5.09
C ALA A 58 -6.25 13.27 -4.24
N PRO A 59 -7.31 12.63 -4.71
CA PRO A 59 -8.59 12.59 -3.99
C PRO A 59 -8.53 11.60 -2.82
N VAL A 60 -9.61 11.51 -2.07
CA VAL A 60 -9.68 10.60 -0.94
C VAL A 60 -10.09 9.21 -1.42
N LEU A 61 -10.03 8.25 -0.52
CA LEU A 61 -10.38 6.89 -0.87
C LEU A 61 -11.87 6.66 -0.69
N SER A 62 -12.61 6.83 -1.76
CA SER A 62 -14.05 6.62 -1.74
C SER A 62 -14.48 5.75 -2.91
N ALA A 63 -14.35 4.45 -2.74
CA ALA A 63 -14.73 3.49 -3.76
C ALA A 63 -15.51 2.36 -3.09
N PRO A 64 -16.21 1.51 -3.87
CA PRO A 64 -16.98 0.38 -3.32
C PRO A 64 -16.11 -0.50 -2.43
N LEU A 65 -16.59 -0.76 -1.22
CA LEU A 65 -15.83 -1.54 -0.25
C LEU A 65 -15.74 -2.99 -0.67
N GLY A 66 -14.54 -3.39 -1.06
CA GLY A 66 -14.32 -4.75 -1.50
C GLY A 66 -13.86 -4.82 -2.92
N SER A 67 -14.18 -3.78 -3.69
CA SER A 67 -13.79 -3.71 -5.09
C SER A 67 -12.28 -3.75 -5.26
N HIS A 68 -11.82 -4.26 -6.39
CA HIS A 68 -10.40 -4.32 -6.67
C HIS A 68 -9.81 -2.93 -6.77
N GLU A 69 -10.57 -2.02 -7.37
CA GLU A 69 -10.13 -0.64 -7.52
C GLU A 69 -9.86 0.00 -6.17
N TRP A 70 -10.72 -0.29 -5.20
CA TRP A 70 -10.56 0.26 -3.86
C TRP A 70 -9.28 -0.25 -3.21
N GLN A 71 -9.11 -1.56 -3.19
CA GLN A 71 -7.93 -2.15 -2.58
C GLN A 71 -6.65 -1.72 -3.30
N GLN A 72 -6.68 -1.68 -4.64
CA GLN A 72 -5.53 -1.22 -5.43
C GLN A 72 -5.19 0.24 -5.10
N THR A 73 -6.19 1.05 -4.85
CA THR A 73 -5.96 2.43 -4.46
C THR A 73 -5.39 2.46 -3.04
N PHE A 74 -5.97 1.64 -2.17
CA PHE A 74 -5.55 1.51 -0.79
C PHE A 74 -4.06 1.13 -0.71
N SER A 75 -3.64 0.16 -1.49
CA SER A 75 -2.25 -0.24 -1.50
C SER A 75 -1.35 0.89 -2.01
N GLN A 76 -1.80 1.58 -3.06
CA GLN A 76 -1.05 2.70 -3.64
C GLN A 76 -0.73 3.76 -2.59
N GLN A 77 -1.74 4.20 -1.86
CA GLN A 77 -1.55 5.23 -0.85
C GLN A 77 -0.58 4.77 0.25
N VAL A 78 -0.58 3.47 0.54
CA VAL A 78 0.31 2.92 1.56
C VAL A 78 1.72 2.79 1.03
N MET A 79 1.83 2.41 -0.24
CA MET A 79 3.13 2.32 -0.89
C MET A 79 3.76 3.70 -0.93
N LEU A 80 2.93 4.69 -1.20
CA LEU A 80 3.38 6.08 -1.22
C LEU A 80 4.01 6.47 0.12
N PHE A 81 3.36 6.07 1.22
CA PHE A 81 3.86 6.37 2.56
C PHE A 81 5.24 5.77 2.79
N THR A 82 5.42 4.50 2.46
CA THR A 82 6.71 3.84 2.67
C THR A 82 7.78 4.36 1.69
N ARG A 83 7.33 4.92 0.57
CA ARG A 83 8.25 5.51 -0.41
C ARG A 83 8.77 6.85 0.12
N GLN A 84 7.93 7.53 0.87
CA GLN A 84 8.31 8.79 1.48
C GLN A 84 9.05 8.54 2.80
N GLY A 85 9.24 9.59 3.56
CA GLY A 85 9.93 9.46 4.82
C GLY A 85 8.99 9.34 6.01
N GLN A 86 7.69 9.47 5.74
CA GLN A 86 6.69 9.37 6.79
C GLN A 86 6.37 7.92 7.11
N GLN A 87 5.48 7.71 8.07
CA GLN A 87 5.08 6.36 8.47
C GLN A 87 3.74 6.39 9.22
N SER A 88 3.05 7.49 9.07
CA SER A 88 1.72 7.64 9.64
C SER A 88 0.94 8.64 8.81
N ALA A 89 -0.35 8.43 8.68
CA ALA A 89 -1.17 9.31 7.88
C ALA A 89 -2.64 9.20 8.25
N GLN A 90 -3.39 10.23 7.90
CA GLN A 90 -4.82 10.24 8.11
C GLN A 90 -5.50 10.60 6.81
N LEU A 91 -6.65 10.02 6.56
CA LEU A 91 -7.38 10.29 5.34
C LEU A 91 -8.87 10.24 5.61
N ARG A 92 -9.66 10.88 4.76
CA ARG A 92 -11.10 10.88 4.91
C ARG A 92 -11.70 9.58 4.41
N LEU A 93 -12.33 8.87 5.31
CA LEU A 93 -12.91 7.57 5.00
C LEU A 93 -14.33 7.47 5.51
N HIS A 94 -15.15 6.76 4.75
CA HIS A 94 -16.51 6.49 5.14
C HIS A 94 -16.59 5.03 5.61
N PRO A 95 -17.70 4.57 6.25
CA PRO A 95 -18.93 5.35 6.53
C PRO A 95 -18.71 6.71 7.21
N GLU A 96 -19.77 7.49 7.19
CA GLU A 96 -19.77 8.83 7.75
C GLU A 96 -19.40 8.77 9.22
N GLU A 97 -19.94 7.77 9.91
CA GLU A 97 -19.61 7.47 11.30
C GLU A 97 -18.09 7.52 11.56
N LEU A 98 -17.32 6.83 10.72
CA LEU A 98 -15.87 6.77 10.88
C LEU A 98 -15.22 8.13 10.70
N GLY A 99 -15.64 8.87 9.68
CA GLY A 99 -15.05 10.17 9.37
C GLY A 99 -13.62 10.13 8.86
N GLN A 100 -12.77 9.32 9.49
CA GLN A 100 -11.37 9.23 9.11
C GLN A 100 -10.77 7.91 9.56
N VAL A 101 -9.53 7.68 9.17
CA VAL A 101 -8.79 6.47 9.54
C VAL A 101 -7.34 6.84 9.81
N HIS A 102 -6.76 6.26 10.85
CA HIS A 102 -5.38 6.55 11.20
C HIS A 102 -4.49 5.38 10.77
N ILE A 103 -3.76 5.57 9.70
CA ILE A 103 -2.88 4.54 9.20
C ILE A 103 -1.47 4.71 9.74
N SER A 104 -1.02 3.72 10.48
CA SER A 104 0.31 3.70 11.02
C SER A 104 1.19 2.74 10.21
N LEU A 105 2.48 2.75 10.45
CA LEU A 105 3.40 1.94 9.67
C LEU A 105 4.64 1.59 10.49
N LYS A 106 4.80 0.33 10.81
CA LYS A 106 5.97 -0.10 11.55
C LYS A 106 6.94 -0.81 10.64
N LEU A 107 8.21 -0.58 10.86
CA LEU A 107 9.25 -1.19 10.07
C LEU A 107 10.31 -1.76 10.99
N ASP A 108 10.47 -3.07 10.98
CA ASP A 108 11.43 -3.74 11.83
C ASP A 108 11.98 -4.97 11.12
N ASP A 109 13.27 -5.23 11.32
CA ASP A 109 13.96 -6.37 10.69
C ASP A 109 13.85 -6.28 9.16
N ASN A 110 12.89 -6.99 8.58
CA ASN A 110 12.64 -6.90 7.15
C ASN A 110 11.15 -7.05 6.89
N GLN A 111 10.37 -6.66 7.89
CA GLN A 111 8.94 -6.82 7.85
C GLN A 111 8.25 -5.53 8.29
N ALA A 112 7.14 -5.24 7.68
CA ALA A 112 6.38 -4.06 8.00
C ALA A 112 5.05 -4.44 8.62
N GLN A 113 4.76 -3.87 9.75
CA GLN A 113 3.49 -4.11 10.41
C GLN A 113 2.57 -2.94 10.15
N LEU A 114 1.49 -3.19 9.45
CA LEU A 114 0.56 -2.14 9.11
C LEU A 114 -0.53 -2.07 10.16
N GLN A 115 -0.47 -1.04 10.96
CA GLN A 115 -1.47 -0.83 12.00
C GLN A 115 -2.50 0.18 11.57
N MET A 116 -3.73 -0.10 11.87
CA MET A 116 -4.83 0.78 11.55
C MET A 116 -5.81 0.78 12.70
N VAL A 117 -6.43 1.92 12.93
CA VAL A 117 -7.38 2.05 14.01
C VAL A 117 -8.79 2.14 13.46
N SER A 118 -9.54 1.07 13.57
CA SER A 118 -10.91 1.03 13.08
C SER A 118 -11.73 -0.03 13.82
N PRO A 119 -13.01 0.27 14.08
CA PRO A 119 -13.94 -0.66 14.75
C PRO A 119 -14.26 -1.88 13.89
N HIS A 120 -15.04 -2.80 14.44
CA HIS A 120 -15.41 -4.00 13.71
C HIS A 120 -16.62 -3.71 12.83
N SER A 121 -16.40 -3.75 11.55
CA SER A 121 -17.41 -3.44 10.57
C SER A 121 -17.14 -4.22 9.30
N HIS A 122 -18.14 -4.30 8.41
CA HIS A 122 -17.98 -5.02 7.15
C HIS A 122 -16.91 -4.34 6.29
N VAL A 123 -16.65 -3.07 6.57
CA VAL A 123 -15.65 -2.30 5.83
C VAL A 123 -14.25 -2.83 6.15
N ARG A 124 -14.07 -3.29 7.38
CA ARG A 124 -12.78 -3.81 7.82
C ARG A 124 -12.38 -5.04 6.99
N ALA A 125 -13.38 -5.73 6.45
CA ALA A 125 -13.13 -6.88 5.59
C ALA A 125 -12.37 -6.44 4.35
N ALA A 126 -12.76 -5.29 3.82
CA ALA A 126 -12.12 -4.74 2.63
C ALA A 126 -10.69 -4.29 2.94
N LEU A 127 -10.50 -3.69 4.12
CA LEU A 127 -9.16 -3.27 4.54
C LEU A 127 -8.24 -4.47 4.67
N GLU A 128 -8.77 -5.55 5.20
CA GLU A 128 -8.01 -6.77 5.41
C GLU A 128 -7.74 -7.46 4.07
N ALA A 129 -8.77 -7.57 3.22
CA ALA A 129 -8.63 -8.19 1.90
C ALA A 129 -7.63 -7.46 1.00
N ALA A 130 -7.31 -6.22 1.35
CA ALA A 130 -6.35 -5.45 0.60
C ALA A 130 -4.91 -5.84 0.95
N LEU A 131 -4.75 -6.50 2.10
CA LEU A 131 -3.44 -6.85 2.61
C LEU A 131 -2.71 -7.91 1.75
N PRO A 132 -3.37 -9.06 1.42
CA PRO A 132 -2.74 -10.11 0.59
C PRO A 132 -2.23 -9.60 -0.75
N MET A 133 -2.86 -8.55 -1.27
CA MET A 133 -2.43 -7.96 -2.52
C MET A 133 -1.28 -6.97 -2.28
N LEU A 134 -1.38 -6.27 -1.15
CA LEU A 134 -0.39 -5.24 -0.78
C LEU A 134 0.96 -5.87 -0.51
N ARG A 135 0.95 -7.01 0.19
CA ARG A 135 2.20 -7.72 0.48
C ARG A 135 2.96 -8.03 -0.80
N THR A 136 2.24 -8.34 -1.86
CA THR A 136 2.86 -8.64 -3.14
C THR A 136 3.60 -7.43 -3.69
N GLN A 137 2.92 -6.30 -3.68
CA GLN A 137 3.48 -5.07 -4.20
C GLN A 137 4.61 -4.56 -3.31
N LEU A 138 4.43 -4.68 -2.01
CA LEU A 138 5.44 -4.28 -1.05
C LEU A 138 6.67 -5.18 -1.17
N ALA A 139 6.43 -6.47 -1.39
CA ALA A 139 7.51 -7.45 -1.54
C ALA A 139 8.38 -7.12 -2.74
N GLU A 140 7.77 -6.51 -3.74
CA GLU A 140 8.50 -6.09 -4.94
C GLU A 140 9.41 -4.90 -4.62
N SER A 141 9.18 -4.30 -3.47
CA SER A 141 9.96 -3.18 -3.01
C SER A 141 11.00 -3.65 -1.98
N GLY A 142 11.03 -4.96 -1.75
CA GLY A 142 12.00 -5.53 -0.83
C GLY A 142 11.46 -5.75 0.57
N ILE A 143 10.45 -4.99 0.94
CA ILE A 143 9.86 -5.10 2.27
C ILE A 143 8.78 -6.19 2.31
N GLN A 144 8.64 -6.83 3.46
CA GLN A 144 7.71 -7.94 3.62
C GLN A 144 6.60 -7.55 4.57
N LEU A 145 5.37 -7.58 4.08
CA LEU A 145 4.23 -7.27 4.93
C LEU A 145 3.87 -8.49 5.78
N GLY A 146 2.95 -9.33 5.29
CA GLY A 146 2.55 -10.53 6.00
C GLY A 146 1.74 -10.23 7.25
N GLN A 147 2.38 -9.62 8.21
CA GLN A 147 1.76 -9.29 9.48
C GLN A 147 1.05 -7.94 9.40
N SER A 148 -0.13 -7.86 10.00
CA SER A 148 -0.91 -6.65 10.00
C SER A 148 -1.72 -6.57 11.28
N SER A 149 -2.16 -5.38 11.65
CA SER A 149 -2.91 -5.21 12.88
C SER A 149 -3.94 -4.09 12.73
N ILE A 150 -5.12 -4.32 13.26
CA ILE A 150 -6.19 -3.36 13.21
C ILE A 150 -6.86 -3.30 14.56
N SER A 151 -6.61 -2.25 15.28
CA SER A 151 -7.11 -2.12 16.63
C SER A 151 -8.38 -1.28 16.66
N SER A 152 -9.42 -1.84 17.24
CA SER A 152 -10.65 -1.12 17.40
C SER A 152 -10.60 -0.28 18.67
N GLU A 153 -9.89 0.85 18.55
CA GLU A 153 -9.71 1.79 19.65
C GLU A 153 -8.90 1.17 20.81
N SER A 154 -7.58 1.26 20.68
CA SER A 154 -6.64 0.79 21.69
C SER A 154 -6.58 -0.75 21.78
N PHE A 155 -7.52 -1.33 22.51
CA PHE A 155 -7.52 -2.78 22.73
C PHE A 155 -8.85 -3.40 22.37
N ALA A 156 -8.81 -4.66 21.97
CA ALA A 156 -10.02 -5.40 21.63
C ALA A 156 -9.74 -6.90 21.68
N GLY A 157 -9.77 -7.46 22.87
CA GLY A 157 -9.50 -8.88 23.03
C GLY A 157 -10.22 -9.48 24.21
N GLN A 158 -10.29 -10.80 24.24
CA GLN A 158 -10.96 -11.55 25.31
C GLN A 158 -10.33 -12.93 25.42
N GLN A 159 -10.27 -13.45 26.64
CA GLN A 159 -9.67 -14.76 26.91
C GLN A 159 -10.29 -15.39 28.13
N GLN A 160 -10.33 -16.72 28.16
CA GLN A 160 -10.89 -17.47 29.27
C GLN A 160 -10.15 -18.79 29.44
N SER A 161 -10.58 -19.58 30.39
CA SER A 161 -9.98 -20.86 30.66
C SER A 161 -11.04 -21.89 31.07
N SER A 162 -10.64 -23.15 31.15
CA SER A 162 -11.55 -24.22 31.54
C SER A 162 -10.78 -25.51 31.79
N SER A 163 -11.37 -26.41 32.55
CA SER A 163 -10.77 -27.68 32.88
C SER A 163 -11.85 -28.76 33.00
N GLN A 164 -11.44 -30.02 32.91
CA GLN A 164 -12.38 -31.12 32.99
C GLN A 164 -11.63 -32.40 33.40
N GLN A 165 -12.37 -33.42 33.81
CA GLN A 165 -11.79 -34.70 34.23
C GLN A 165 -12.74 -35.83 33.89
N GLN A 166 -12.30 -37.06 34.05
CA GLN A 166 -13.10 -38.21 33.68
C GLN A 166 -13.68 -38.91 34.90
N SER A 167 -15.00 -38.88 35.00
CA SER A 167 -15.71 -39.56 36.06
C SER A 167 -15.70 -41.07 35.78
N SER A 168 -15.95 -41.87 36.81
CA SER A 168 -15.96 -43.33 36.64
C SER A 168 -16.79 -43.99 37.74
N ARG A 169 -17.34 -45.14 37.42
CA ARG A 169 -18.14 -45.90 38.37
C ARG A 169 -17.24 -46.74 39.26
N HIS A 1 22.89 -52.46 -0.89
CA HIS A 1 22.97 -52.84 -2.31
C HIS A 1 23.79 -54.12 -2.47
N MET A 2 23.68 -54.75 -3.62
CA MET A 2 24.46 -55.94 -3.91
C MET A 2 25.60 -55.59 -4.84
N ALA A 3 26.57 -56.50 -4.95
CA ALA A 3 27.72 -56.30 -5.83
C ALA A 3 28.56 -57.56 -5.88
N SER A 4 28.70 -58.13 -7.06
CA SER A 4 29.50 -59.32 -7.24
C SER A 4 31.00 -59.00 -7.26
N ASP A 5 31.56 -58.80 -6.08
CA ASP A 5 32.99 -58.50 -5.95
C ASP A 5 33.80 -59.78 -5.99
N ASP A 6 33.33 -60.78 -5.25
CA ASP A 6 33.98 -62.09 -5.15
C ASP A 6 35.38 -61.99 -4.57
N ARG A 7 35.49 -62.32 -3.30
CA ARG A 7 36.78 -62.32 -2.63
C ARG A 7 37.73 -63.31 -3.28
N ALA A 8 39.01 -63.18 -3.02
CA ALA A 8 40.00 -64.04 -3.63
C ALA A 8 41.28 -64.02 -2.83
N THR A 9 41.95 -65.15 -2.80
CA THR A 9 43.17 -65.29 -2.04
C THR A 9 44.36 -64.82 -2.87
N GLY A 10 44.99 -63.75 -2.41
CA GLY A 10 46.15 -63.23 -3.09
C GLY A 10 47.42 -63.65 -2.42
N PRO A 11 48.28 -64.44 -3.09
CA PRO A 11 49.55 -64.90 -2.53
C PRO A 11 50.48 -63.74 -2.19
N ALA A 12 51.23 -63.91 -1.11
CA ALA A 12 52.16 -62.89 -0.64
C ALA A 12 53.13 -63.49 0.34
N LEU A 13 54.29 -62.87 0.49
CA LEU A 13 55.31 -63.39 1.38
C LEU A 13 56.19 -62.27 1.92
N THR A 14 57.06 -62.61 2.84
CA THR A 14 57.97 -61.65 3.41
C THR A 14 59.19 -61.49 2.49
N PRO A 15 59.43 -60.26 1.99
CA PRO A 15 60.52 -59.98 1.05
C PRO A 15 61.88 -60.46 1.57
N LEU A 16 62.38 -61.54 0.98
CA LEU A 16 63.66 -62.10 1.35
C LEU A 16 64.79 -61.38 0.62
N VAL A 17 64.43 -60.64 -0.43
CA VAL A 17 65.41 -59.89 -1.20
C VAL A 17 65.64 -58.53 -0.53
N VAL A 18 66.84 -58.34 -0.02
CA VAL A 18 67.20 -57.12 0.70
C VAL A 18 67.77 -56.08 -0.27
N ALA A 19 67.42 -54.83 -0.04
CA ALA A 19 67.88 -53.72 -0.86
C ALA A 19 67.67 -52.40 -0.13
N ALA A 20 68.24 -51.33 -0.66
CA ALA A 20 68.13 -50.03 -0.04
C ALA A 20 66.71 -49.49 -0.16
N ALA A 21 66.24 -48.84 0.88
CA ALA A 21 64.90 -48.27 0.92
C ALA A 21 64.81 -47.01 0.06
N ALA A 22 63.71 -46.28 0.20
CA ALA A 22 63.49 -45.07 -0.56
C ALA A 22 62.49 -44.19 0.17
N THR A 23 62.33 -42.97 -0.29
CA THR A 23 61.44 -42.04 0.37
C THR A 23 60.88 -41.04 -0.65
N SER A 24 59.56 -40.87 -0.63
CA SER A 24 58.91 -39.92 -1.50
C SER A 24 59.19 -38.49 -1.02
N ALA A 25 59.89 -37.73 -1.83
CA ALA A 25 60.26 -36.37 -1.49
C ALA A 25 60.72 -35.62 -2.73
N LYS A 26 60.82 -34.31 -2.62
CA LYS A 26 61.22 -33.47 -3.75
C LYS A 26 61.94 -32.23 -3.25
N VAL A 27 62.99 -31.84 -3.95
CA VAL A 27 63.70 -30.63 -3.63
C VAL A 27 63.08 -29.46 -4.41
N GLU A 28 62.35 -28.62 -3.72
CA GLU A 28 61.67 -27.52 -4.35
C GLU A 28 62.60 -26.36 -4.61
N VAL A 29 62.96 -26.19 -5.85
CA VAL A 29 63.81 -25.09 -6.27
C VAL A 29 63.01 -24.13 -7.14
N ASP A 30 63.22 -22.83 -6.91
CA ASP A 30 62.53 -21.76 -7.66
C ASP A 30 61.05 -21.67 -7.28
N SER A 31 60.57 -20.46 -7.11
CA SER A 31 59.18 -20.21 -6.79
C SER A 31 58.77 -18.82 -7.27
N PRO A 32 58.24 -18.74 -8.49
CA PRO A 32 57.82 -17.48 -9.09
C PRO A 32 56.38 -17.10 -8.74
N PRO A 33 56.10 -15.80 -8.64
CA PRO A 33 54.75 -15.31 -8.37
C PRO A 33 53.85 -15.49 -9.59
N ALA A 34 52.60 -15.79 -9.35
CA ALA A 34 51.64 -15.99 -10.42
C ALA A 34 51.27 -14.65 -11.06
N PRO A 35 51.58 -14.45 -12.35
CA PRO A 35 51.26 -13.23 -13.07
C PRO A 35 49.75 -13.05 -13.20
N VAL A 36 49.24 -11.94 -12.71
CA VAL A 36 47.81 -11.68 -12.75
C VAL A 36 47.55 -10.20 -13.04
N THR A 37 46.57 -9.93 -13.87
CA THR A 37 46.24 -8.56 -14.22
C THR A 37 44.72 -8.43 -14.42
N HIS A 38 44.17 -7.30 -14.00
CA HIS A 38 42.74 -7.05 -14.13
C HIS A 38 42.51 -5.74 -14.85
N GLY A 39 41.34 -5.60 -15.45
CA GLY A 39 41.01 -4.39 -16.15
C GLY A 39 39.56 -4.36 -16.58
N ALA A 40 38.94 -3.20 -16.39
CA ALA A 40 37.55 -3.01 -16.75
C ALA A 40 37.20 -1.53 -16.71
N ALA A 41 36.65 -1.03 -17.79
CA ALA A 41 36.29 0.38 -17.87
C ALA A 41 35.11 0.66 -16.97
N MET A 42 34.06 -0.15 -17.12
CA MET A 42 32.84 -0.04 -16.31
C MET A 42 32.15 1.31 -16.51
N PRO A 43 31.19 1.37 -17.44
CA PRO A 43 30.45 2.60 -17.72
C PRO A 43 29.32 2.81 -16.71
N THR A 44 29.14 4.06 -16.29
CA THR A 44 28.09 4.38 -15.36
C THR A 44 26.76 4.57 -16.10
N LEU A 45 26.88 4.95 -17.38
CA LEU A 45 25.73 5.15 -18.27
C LEU A 45 24.89 6.34 -17.84
N SER A 46 23.92 6.69 -18.67
CA SER A 46 23.03 7.79 -18.39
C SER A 46 22.00 7.39 -17.34
N SER A 47 21.61 8.32 -16.51
CA SER A 47 20.61 8.09 -15.50
C SER A 47 19.22 8.18 -16.13
N ALA A 48 18.23 7.60 -15.48
CA ALA A 48 16.89 7.58 -16.03
C ALA A 48 15.83 7.50 -14.94
N THR A 49 16.24 7.72 -13.71
CA THR A 49 15.29 7.72 -12.62
C THR A 49 14.61 9.08 -12.52
N ALA A 50 13.42 9.16 -13.09
CA ALA A 50 12.65 10.40 -13.11
C ALA A 50 12.06 10.69 -11.75
N GLN A 51 12.12 11.93 -11.34
CA GLN A 51 11.56 12.35 -10.06
C GLN A 51 10.08 12.70 -10.22
N PRO A 52 9.19 11.98 -9.52
CA PRO A 52 7.73 12.21 -9.58
C PRO A 52 7.35 13.63 -9.12
N LEU A 53 6.12 14.02 -9.40
CA LEU A 53 5.63 15.34 -9.03
C LEU A 53 5.34 15.38 -7.52
N PRO A 54 6.05 16.26 -6.78
CA PRO A 54 5.89 16.39 -5.33
C PRO A 54 4.48 16.86 -4.96
N VAL A 55 3.76 16.01 -4.25
CA VAL A 55 2.42 16.33 -3.82
C VAL A 55 2.44 17.15 -2.53
N ALA A 56 1.57 18.13 -2.44
CA ALA A 56 1.47 18.97 -1.26
C ALA A 56 0.87 18.19 -0.11
N SER A 57 0.00 17.24 -0.44
CA SER A 57 -0.65 16.40 0.55
C SER A 57 -1.12 15.09 -0.09
N ALA A 58 -1.12 14.03 0.69
CA ALA A 58 -1.53 12.72 0.21
C ALA A 58 -3.04 12.69 -0.07
N PRO A 59 -3.46 11.90 -1.07
CA PRO A 59 -4.87 11.77 -1.44
C PRO A 59 -5.66 10.94 -0.46
N VAL A 60 -6.93 11.28 -0.30
CA VAL A 60 -7.81 10.51 0.55
C VAL A 60 -8.44 9.40 -0.27
N LEU A 61 -9.13 8.48 0.38
CA LEU A 61 -9.71 7.38 -0.32
C LEU A 61 -11.18 7.64 -0.63
N SER A 62 -11.48 7.75 -1.91
CA SER A 62 -12.84 7.92 -2.36
C SER A 62 -13.11 6.99 -3.53
N ALA A 63 -13.27 5.73 -3.21
CA ALA A 63 -13.52 4.71 -4.21
C ALA A 63 -14.63 3.78 -3.73
N PRO A 64 -15.38 3.17 -4.67
CA PRO A 64 -16.47 2.24 -4.34
C PRO A 64 -16.02 1.15 -3.36
N LEU A 65 -16.72 1.04 -2.24
CA LEU A 65 -16.35 0.13 -1.17
C LEU A 65 -16.53 -1.32 -1.61
N GLY A 66 -15.46 -2.08 -1.57
CA GLY A 66 -15.51 -3.49 -1.94
C GLY A 66 -14.95 -3.72 -3.32
N SER A 67 -15.03 -2.69 -4.16
CA SER A 67 -14.52 -2.76 -5.52
C SER A 67 -13.03 -3.03 -5.57
N HIS A 68 -12.57 -3.58 -6.69
CA HIS A 68 -11.16 -3.83 -6.90
C HIS A 68 -10.41 -2.50 -6.98
N GLU A 69 -11.10 -1.50 -7.52
CA GLU A 69 -10.56 -0.15 -7.62
C GLU A 69 -10.24 0.40 -6.24
N TRP A 70 -11.10 0.10 -5.27
CA TRP A 70 -10.91 0.55 -3.90
C TRP A 70 -9.63 -0.06 -3.32
N GLN A 71 -9.51 -1.37 -3.39
CA GLN A 71 -8.31 -2.05 -2.91
C GLN A 71 -7.06 -1.51 -3.63
N GLN A 72 -7.18 -1.29 -4.94
CA GLN A 72 -6.07 -0.74 -5.71
C GLN A 72 -5.71 0.68 -5.27
N THR A 73 -6.73 1.51 -5.03
CA THR A 73 -6.49 2.88 -4.59
C THR A 73 -5.85 2.89 -3.20
N PHE A 74 -6.43 2.11 -2.30
CA PHE A 74 -5.92 1.97 -0.94
C PHE A 74 -4.45 1.58 -0.91
N SER A 75 -4.06 0.70 -1.82
CA SER A 75 -2.69 0.22 -1.86
C SER A 75 -1.73 1.24 -2.49
N GLN A 76 -2.17 1.90 -3.55
CA GLN A 76 -1.31 2.87 -4.23
C GLN A 76 -0.93 4.04 -3.32
N GLN A 77 -1.88 4.49 -2.49
CA GLN A 77 -1.60 5.57 -1.55
C GLN A 77 -0.56 5.13 -0.51
N VAL A 78 -0.46 3.82 -0.28
CA VAL A 78 0.49 3.27 0.66
C VAL A 78 1.87 3.17 0.01
N MET A 79 1.88 3.01 -1.31
CA MET A 79 3.13 2.93 -2.06
C MET A 79 3.94 4.19 -1.84
N LEU A 80 3.33 5.34 -2.12
CA LEU A 80 3.99 6.62 -1.91
C LEU A 80 4.31 6.83 -0.42
N PHE A 81 3.38 6.41 0.44
CA PHE A 81 3.54 6.48 1.89
C PHE A 81 4.81 5.74 2.34
N THR A 82 4.95 4.49 1.92
CA THR A 82 6.09 3.66 2.32
C THR A 82 7.40 4.15 1.65
N ARG A 83 7.26 4.85 0.53
CA ARG A 83 8.41 5.42 -0.15
C ARG A 83 8.98 6.59 0.65
N GLN A 84 8.09 7.31 1.30
CA GLN A 84 8.47 8.44 2.13
C GLN A 84 8.92 7.97 3.50
N GLY A 85 9.27 8.91 4.35
CA GLY A 85 9.70 8.58 5.70
C GLY A 85 8.56 8.63 6.69
N GLN A 86 7.36 8.38 6.21
CA GLN A 86 6.19 8.38 7.06
C GLN A 86 6.02 7.05 7.76
N GLN A 87 5.17 7.03 8.76
CA GLN A 87 4.88 5.82 9.50
C GLN A 87 3.52 5.91 10.19
N SER A 88 2.97 7.10 10.25
CA SER A 88 1.66 7.29 10.85
C SER A 88 0.89 8.34 10.06
N ALA A 89 -0.35 8.03 9.76
CA ALA A 89 -1.19 8.90 8.97
C ALA A 89 -2.65 8.63 9.21
N GLN A 90 -3.49 9.60 8.86
CA GLN A 90 -4.93 9.47 8.96
C GLN A 90 -5.53 9.39 7.57
N LEU A 91 -6.19 8.29 7.28
CA LEU A 91 -6.80 8.12 5.98
C LEU A 91 -8.31 8.14 6.09
N ARG A 92 -8.95 8.97 5.29
CA ARG A 92 -10.39 9.07 5.31
C ARG A 92 -11.02 7.93 4.49
N LEU A 93 -11.58 6.98 5.19
CA LEU A 93 -12.20 5.84 4.54
C LEU A 93 -13.71 6.00 4.44
N HIS A 94 -14.29 5.26 3.55
CA HIS A 94 -15.73 5.26 3.36
C HIS A 94 -16.36 4.05 4.02
N PRO A 95 -17.62 4.18 4.50
CA PRO A 95 -18.38 5.42 4.35
C PRO A 95 -17.86 6.56 5.24
N GLU A 96 -18.11 7.78 4.75
CA GLU A 96 -17.69 9.03 5.41
C GLU A 96 -17.84 8.98 6.94
N GLU A 97 -18.92 8.34 7.41
CA GLU A 97 -19.18 8.14 8.86
C GLU A 97 -17.92 7.73 9.65
N LEU A 98 -17.03 6.95 9.04
CA LEU A 98 -15.81 6.50 9.71
C LEU A 98 -14.93 7.68 10.13
N GLY A 99 -14.99 8.76 9.33
CA GLY A 99 -14.24 9.98 9.60
C GLY A 99 -12.72 9.86 9.48
N GLN A 100 -12.14 8.84 10.07
CA GLN A 100 -10.69 8.68 10.05
C GLN A 100 -10.27 7.24 10.24
N VAL A 101 -9.01 6.99 9.97
CA VAL A 101 -8.36 5.70 10.18
C VAL A 101 -6.93 5.97 10.58
N HIS A 102 -6.44 5.30 11.59
CA HIS A 102 -5.08 5.54 12.04
C HIS A 102 -4.16 4.46 11.52
N ILE A 103 -3.27 4.85 10.62
CA ILE A 103 -2.32 3.92 10.04
C ILE A 103 -1.01 3.99 10.82
N SER A 104 -0.76 2.99 11.63
CA SER A 104 0.46 2.94 12.42
C SER A 104 1.42 1.89 11.85
N LEU A 105 2.26 2.31 10.92
CA LEU A 105 3.22 1.43 10.30
C LEU A 105 4.53 1.36 11.09
N LYS A 106 4.80 0.17 11.62
CA LYS A 106 6.04 -0.11 12.33
C LYS A 106 7.03 -0.73 11.37
N LEU A 107 8.32 -0.55 11.64
CA LEU A 107 9.35 -1.05 10.75
C LEU A 107 10.44 -1.77 11.53
N ASP A 108 10.81 -2.94 11.06
CA ASP A 108 11.86 -3.72 11.69
C ASP A 108 12.58 -4.54 10.64
N ASP A 109 13.91 -4.64 10.74
CA ASP A 109 14.75 -5.38 9.76
C ASP A 109 14.46 -4.92 8.30
N ASN A 110 13.50 -5.55 7.65
CA ASN A 110 13.07 -5.16 6.31
C ASN A 110 11.61 -5.56 6.11
N GLN A 111 10.89 -5.57 7.20
CA GLN A 111 9.49 -5.93 7.20
C GLN A 111 8.73 -4.90 8.01
N ALA A 112 7.54 -4.59 7.60
CA ALA A 112 6.77 -3.58 8.27
C ALA A 112 5.40 -4.10 8.67
N GLN A 113 5.00 -3.77 9.89
CA GLN A 113 3.69 -4.15 10.40
C GLN A 113 2.73 -2.98 10.23
N LEU A 114 1.67 -3.23 9.46
CA LEU A 114 0.67 -2.20 9.21
C LEU A 114 -0.47 -2.35 10.21
N GLN A 115 -0.53 -1.43 11.16
CA GLN A 115 -1.60 -1.42 12.14
C GLN A 115 -2.71 -0.47 11.71
N MET A 116 -3.93 -0.93 11.80
CA MET A 116 -5.09 -0.12 11.43
C MET A 116 -6.05 -0.01 12.58
N VAL A 117 -6.23 1.19 13.09
CA VAL A 117 -7.19 1.41 14.16
C VAL A 117 -8.34 2.27 13.62
N SER A 118 -9.54 1.71 13.70
CA SER A 118 -10.72 2.39 13.22
C SER A 118 -11.97 1.73 13.81
N PRO A 119 -13.14 2.40 13.79
CA PRO A 119 -14.41 1.85 14.29
C PRO A 119 -14.72 0.47 13.69
N HIS A 120 -15.73 -0.22 14.20
CA HIS A 120 -16.02 -1.57 13.73
C HIS A 120 -17.08 -1.54 12.64
N SER A 121 -16.83 -2.29 11.59
CA SER A 121 -17.73 -2.34 10.45
C SER A 121 -17.31 -3.45 9.52
N HIS A 122 -18.15 -3.77 8.56
CA HIS A 122 -17.82 -4.79 7.58
C HIS A 122 -16.73 -4.30 6.65
N VAL A 123 -16.55 -2.98 6.64
CA VAL A 123 -15.48 -2.36 5.88
C VAL A 123 -14.13 -2.87 6.41
N ARG A 124 -14.11 -3.18 7.70
CA ARG A 124 -12.91 -3.69 8.36
C ARG A 124 -12.49 -5.01 7.73
N ALA A 125 -13.47 -5.82 7.33
CA ALA A 125 -13.21 -7.10 6.68
C ALA A 125 -12.61 -6.86 5.30
N ALA A 126 -13.05 -5.79 4.66
CA ALA A 126 -12.51 -5.40 3.36
C ALA A 126 -11.06 -4.96 3.48
N LEU A 127 -10.73 -4.24 4.57
CA LEU A 127 -9.34 -3.86 4.82
C LEU A 127 -8.48 -5.09 5.02
N GLU A 128 -9.06 -6.08 5.71
CA GLU A 128 -8.40 -7.35 5.95
C GLU A 128 -8.04 -8.02 4.63
N ALA A 129 -8.99 -8.04 3.71
CA ALA A 129 -8.79 -8.61 2.38
C ALA A 129 -7.68 -7.91 1.62
N ALA A 130 -7.51 -6.63 1.88
CA ALA A 130 -6.51 -5.84 1.18
C ALA A 130 -5.10 -6.13 1.69
N LEU A 131 -4.99 -6.73 2.88
CA LEU A 131 -3.68 -6.98 3.49
C LEU A 131 -2.79 -7.89 2.64
N PRO A 132 -3.26 -9.12 2.23
CA PRO A 132 -2.44 -10.04 1.44
C PRO A 132 -2.14 -9.48 0.05
N MET A 133 -2.99 -8.59 -0.41
CA MET A 133 -2.82 -7.99 -1.71
C MET A 133 -1.75 -6.92 -1.65
N LEU A 134 -1.83 -6.08 -0.61
CA LEU A 134 -0.90 -4.99 -0.42
C LEU A 134 0.50 -5.50 -0.09
N ARG A 135 0.57 -6.54 0.75
CA ARG A 135 1.85 -7.14 1.10
C ARG A 135 2.58 -7.64 -0.14
N THR A 136 1.81 -8.05 -1.14
CA THR A 136 2.38 -8.54 -2.38
C THR A 136 2.99 -7.39 -3.19
N GLN A 137 2.30 -6.26 -3.23
CA GLN A 137 2.78 -5.10 -3.97
C GLN A 137 4.07 -4.56 -3.38
N LEU A 138 4.15 -4.51 -2.07
CA LEU A 138 5.32 -3.98 -1.40
C LEU A 138 6.45 -5.01 -1.37
N ALA A 139 6.08 -6.29 -1.44
CA ALA A 139 7.05 -7.38 -1.45
C ALA A 139 7.97 -7.27 -2.66
N GLU A 140 7.41 -6.79 -3.77
CA GLU A 140 8.18 -6.64 -4.99
C GLU A 140 9.11 -5.43 -4.91
N SER A 141 8.83 -4.56 -3.96
CA SER A 141 9.63 -3.37 -3.78
C SER A 141 10.74 -3.59 -2.76
N GLY A 142 10.63 -4.67 -2.00
CA GLY A 142 11.63 -4.96 -1.00
C GLY A 142 11.16 -4.66 0.40
N ILE A 143 9.85 -4.58 0.57
CA ILE A 143 9.25 -4.31 1.87
C ILE A 143 8.29 -5.42 2.20
N GLN A 144 8.51 -6.08 3.32
CA GLN A 144 7.65 -7.18 3.69
C GLN A 144 6.54 -6.70 4.60
N LEU A 145 5.41 -6.38 4.03
CA LEU A 145 4.26 -5.95 4.81
C LEU A 145 3.38 -7.15 5.14
N GLY A 146 4.01 -8.32 5.30
CA GLY A 146 3.27 -9.53 5.59
C GLY A 146 2.65 -9.52 6.96
N GLN A 147 3.14 -8.64 7.82
CA GLN A 147 2.64 -8.51 9.16
C GLN A 147 1.69 -7.32 9.25
N SER A 148 0.51 -7.54 9.79
CA SER A 148 -0.47 -6.50 9.90
C SER A 148 -1.40 -6.75 11.08
N SER A 149 -2.01 -5.70 11.58
CA SER A 149 -2.93 -5.80 12.70
C SER A 149 -4.04 -4.79 12.52
N ILE A 150 -5.27 -5.20 12.76
CA ILE A 150 -6.41 -4.33 12.61
C ILE A 150 -7.24 -4.34 13.88
N SER A 151 -7.34 -3.21 14.52
CA SER A 151 -8.10 -3.10 15.74
C SER A 151 -9.44 -2.43 15.48
N SER A 152 -10.51 -3.09 15.86
CA SER A 152 -11.84 -2.55 15.66
C SER A 152 -12.18 -1.57 16.78
N GLU A 153 -11.43 -0.46 16.81
CA GLU A 153 -11.55 0.60 17.79
C GLU A 153 -11.03 0.16 19.16
N SER A 154 -10.22 1.00 19.76
CA SER A 154 -9.64 0.71 21.05
C SER A 154 -10.67 0.92 22.16
N PHE A 155 -11.24 -0.17 22.64
CA PHE A 155 -12.21 -0.10 23.71
C PHE A 155 -11.51 -0.04 25.05
N ALA A 156 -12.03 0.77 25.95
CA ALA A 156 -11.46 0.91 27.27
C ALA A 156 -11.93 -0.24 28.17
N GLY A 157 -11.18 -1.33 28.15
CA GLY A 157 -11.53 -2.48 28.96
C GLY A 157 -11.10 -2.32 30.39
N GLN A 158 -11.64 -3.15 31.27
CA GLN A 158 -11.32 -3.10 32.68
C GLN A 158 -11.67 -4.43 33.35
N GLN A 159 -11.72 -5.49 32.55
CA GLN A 159 -12.06 -6.82 33.03
C GLN A 159 -10.89 -7.43 33.79
N GLN A 160 -10.96 -7.39 35.11
CA GLN A 160 -9.91 -7.93 35.95
C GLN A 160 -10.46 -8.35 37.30
N SER A 161 -10.47 -9.65 37.54
CA SER A 161 -10.96 -10.20 38.81
C SER A 161 -10.19 -11.47 39.15
N SER A 162 -10.51 -12.06 40.30
CA SER A 162 -9.87 -13.30 40.76
C SER A 162 -10.69 -13.92 41.89
N SER A 163 -10.90 -15.23 41.80
CA SER A 163 -11.68 -15.94 42.81
C SER A 163 -10.88 -17.08 43.43
N GLN A 164 -10.70 -17.02 44.75
CA GLN A 164 -9.99 -18.06 45.53
C GLN A 164 -8.60 -18.35 44.98
N GLN A 165 -7.62 -17.63 45.47
CA GLN A 165 -6.24 -17.87 45.08
C GLN A 165 -5.65 -19.01 45.90
N GLN A 166 -4.48 -19.48 45.48
CA GLN A 166 -3.82 -20.56 46.19
C GLN A 166 -3.38 -20.07 47.56
N SER A 167 -3.63 -20.88 48.57
CA SER A 167 -3.32 -20.51 49.94
C SER A 167 -3.42 -21.73 50.85
N SER A 168 -3.14 -21.53 52.13
CA SER A 168 -3.21 -22.60 53.09
C SER A 168 -3.35 -22.02 54.50
N ARG A 169 -3.46 -22.89 55.49
CA ARG A 169 -3.59 -22.47 56.87
C ARG A 169 -2.22 -22.18 57.46
N HIS A 1 106.54 -32.27 -69.14
CA HIS A 1 105.39 -32.44 -70.06
C HIS A 1 104.85 -33.86 -69.98
N MET A 2 103.52 -33.98 -70.01
CA MET A 2 102.82 -35.28 -69.96
C MET A 2 102.96 -35.96 -68.60
N ALA A 3 102.01 -36.83 -68.29
CA ALA A 3 102.00 -37.57 -67.03
C ALA A 3 100.91 -38.63 -67.06
N SER A 4 101.10 -39.69 -66.30
CA SER A 4 100.13 -40.78 -66.25
C SER A 4 98.92 -40.41 -65.41
N ASP A 5 97.75 -40.37 -66.05
CA ASP A 5 96.52 -40.05 -65.34
C ASP A 5 95.98 -41.28 -64.61
N ASP A 6 96.34 -42.46 -65.13
CA ASP A 6 95.94 -43.75 -64.56
C ASP A 6 94.45 -44.03 -64.72
N ARG A 7 94.12 -45.07 -65.44
CA ARG A 7 92.74 -45.44 -65.65
C ARG A 7 92.31 -46.47 -64.61
N ALA A 8 91.20 -46.20 -63.96
CA ALA A 8 90.67 -47.09 -62.93
C ALA A 8 89.20 -46.78 -62.67
N THR A 9 88.35 -47.29 -63.52
CA THR A 9 86.92 -47.08 -63.42
C THR A 9 86.25 -48.26 -62.71
N GLY A 10 85.02 -48.06 -62.28
CA GLY A 10 84.29 -49.12 -61.60
C GLY A 10 84.80 -49.36 -60.18
N PRO A 11 84.47 -48.47 -59.23
CA PRO A 11 84.94 -48.60 -57.85
C PRO A 11 84.24 -49.75 -57.14
N ALA A 12 84.89 -50.26 -56.11
CA ALA A 12 84.33 -51.36 -55.36
C ALA A 12 83.21 -50.88 -54.44
N LEU A 13 82.00 -51.31 -54.74
CA LEU A 13 80.86 -50.96 -53.90
C LEU A 13 80.76 -51.91 -52.72
N THR A 14 80.24 -51.42 -51.63
CA THR A 14 80.05 -52.24 -50.46
C THR A 14 78.69 -52.94 -50.52
N PRO A 15 78.53 -54.08 -49.83
CA PRO A 15 77.27 -54.82 -49.80
C PRO A 15 76.13 -53.96 -49.28
N LEU A 16 75.12 -53.76 -50.10
CA LEU A 16 74.00 -52.92 -49.72
C LEU A 16 73.14 -53.61 -48.68
N VAL A 17 72.59 -52.83 -47.77
CA VAL A 17 71.76 -53.38 -46.71
C VAL A 17 70.34 -53.59 -47.19
N VAL A 18 69.64 -54.50 -46.53
CA VAL A 18 68.27 -54.83 -46.90
C VAL A 18 67.50 -55.32 -45.67
N ALA A 19 66.23 -54.95 -45.60
CA ALA A 19 65.38 -55.33 -44.49
C ALA A 19 63.92 -55.08 -44.86
N ALA A 20 63.03 -55.39 -43.94
CA ALA A 20 61.61 -55.22 -44.16
C ALA A 20 60.84 -55.38 -42.85
N ALA A 21 59.55 -55.12 -42.90
CA ALA A 21 58.67 -55.23 -41.76
C ALA A 21 57.23 -55.16 -42.22
N ALA A 22 56.29 -55.18 -41.28
CA ALA A 22 54.88 -55.15 -41.62
C ALA A 22 54.04 -54.83 -40.40
N THR A 23 52.73 -54.79 -40.60
CA THR A 23 51.79 -54.51 -39.55
C THR A 23 50.52 -55.32 -39.75
N SER A 24 49.83 -55.65 -38.67
CA SER A 24 48.63 -56.44 -38.75
C SER A 24 47.82 -56.34 -37.45
N ALA A 25 46.64 -55.76 -37.57
CA ALA A 25 45.73 -55.58 -36.45
C ALA A 25 44.39 -55.11 -36.99
N LYS A 26 43.36 -55.19 -36.18
CA LYS A 26 42.05 -54.78 -36.61
C LYS A 26 41.17 -54.44 -35.42
N VAL A 27 41.31 -53.23 -34.93
CA VAL A 27 40.46 -52.76 -33.85
C VAL A 27 39.21 -52.13 -34.43
N GLU A 28 38.17 -52.03 -33.67
CA GLU A 28 36.94 -51.47 -34.20
C GLU A 28 36.09 -50.82 -33.14
N VAL A 29 35.93 -49.53 -33.28
CA VAL A 29 35.08 -48.75 -32.41
C VAL A 29 34.55 -47.54 -33.18
N ASP A 30 33.34 -47.67 -33.68
CA ASP A 30 32.74 -46.62 -34.50
C ASP A 30 31.24 -46.62 -34.30
N SER A 31 30.70 -45.44 -34.10
CA SER A 31 29.28 -45.29 -33.87
C SER A 31 28.83 -43.88 -34.23
N PRO A 32 27.69 -43.73 -34.91
CA PRO A 32 27.15 -42.42 -35.29
C PRO A 32 26.88 -41.54 -34.06
N PRO A 33 27.49 -40.34 -34.02
CA PRO A 33 27.31 -39.39 -32.91
C PRO A 33 25.85 -39.13 -32.61
N ALA A 34 25.44 -39.47 -31.40
CA ALA A 34 24.07 -39.30 -30.96
C ALA A 34 23.74 -37.82 -30.77
N PRO A 35 22.64 -37.35 -31.35
CA PRO A 35 22.22 -35.95 -31.24
C PRO A 35 21.70 -35.62 -29.85
N VAL A 36 21.31 -34.38 -29.66
CA VAL A 36 20.82 -33.92 -28.38
C VAL A 36 19.34 -34.31 -28.20
N THR A 37 19.08 -35.17 -27.25
CA THR A 37 17.72 -35.61 -26.97
C THR A 37 17.08 -34.70 -25.94
N HIS A 38 17.90 -33.98 -25.18
CA HIS A 38 17.40 -33.06 -24.18
C HIS A 38 16.77 -31.85 -24.84
N GLY A 39 15.56 -31.52 -24.44
CA GLY A 39 14.86 -30.42 -25.04
C GLY A 39 15.29 -29.08 -24.48
N ALA A 40 14.57 -28.04 -24.86
CA ALA A 40 14.87 -26.68 -24.43
C ALA A 40 13.70 -25.77 -24.75
N ALA A 41 13.91 -24.47 -24.64
CA ALA A 41 12.85 -23.50 -24.91
C ALA A 41 13.46 -22.13 -25.13
N MET A 42 12.62 -21.12 -25.15
CA MET A 42 13.06 -19.76 -25.39
C MET A 42 12.34 -18.77 -24.47
N PRO A 43 13.01 -18.32 -23.40
CA PRO A 43 12.46 -17.35 -22.47
C PRO A 43 12.43 -15.96 -23.07
N THR A 44 11.25 -15.47 -23.35
CA THR A 44 11.10 -14.17 -23.96
C THR A 44 9.78 -13.55 -23.55
N LEU A 45 9.74 -12.23 -23.54
CA LEU A 45 8.57 -11.49 -23.15
C LEU A 45 8.67 -10.08 -23.72
N SER A 46 7.57 -9.36 -23.70
CA SER A 46 7.55 -8.00 -24.20
C SER A 46 6.38 -7.23 -23.59
N SER A 47 6.64 -6.63 -22.46
CA SER A 47 5.64 -5.87 -21.77
C SER A 47 6.02 -4.39 -21.78
N ALA A 48 5.03 -3.53 -21.71
CA ALA A 48 5.28 -2.10 -21.73
C ALA A 48 4.11 -1.36 -21.10
N THR A 49 4.22 -1.13 -19.82
CA THR A 49 3.19 -0.44 -19.09
C THR A 49 3.80 0.31 -17.90
N ALA A 50 4.02 1.60 -18.09
CA ALA A 50 4.57 2.44 -17.05
C ALA A 50 3.50 2.75 -16.01
N GLN A 51 3.89 3.43 -14.94
CA GLN A 51 2.96 3.76 -13.88
C GLN A 51 2.11 4.96 -14.30
N PRO A 52 0.78 4.76 -14.47
CA PRO A 52 -0.12 5.84 -14.86
C PRO A 52 -0.21 6.91 -13.77
N LEU A 53 0.42 8.04 -14.03
CA LEU A 53 0.44 9.13 -13.07
C LEU A 53 -0.32 10.32 -13.60
N PRO A 54 -1.52 10.57 -13.08
CA PRO A 54 -2.33 11.71 -13.48
C PRO A 54 -1.82 13.00 -12.84
N VAL A 55 -1.95 14.10 -13.55
CA VAL A 55 -1.52 15.38 -13.02
C VAL A 55 -2.57 15.95 -12.07
N ALA A 56 -2.54 15.47 -10.85
CA ALA A 56 -3.48 15.86 -9.82
C ALA A 56 -2.98 15.39 -8.47
N SER A 57 -3.57 15.92 -7.42
CA SER A 57 -3.17 15.56 -6.08
C SER A 57 -3.71 14.18 -5.70
N ALA A 58 -3.18 13.61 -4.63
CA ALA A 58 -3.60 12.31 -4.16
C ALA A 58 -5.03 12.33 -3.67
N PRO A 59 -5.85 11.36 -4.09
CA PRO A 59 -7.24 11.26 -3.68
C PRO A 59 -7.39 10.55 -2.34
N VAL A 60 -8.55 10.71 -1.74
CA VAL A 60 -8.83 10.04 -0.48
C VAL A 60 -9.48 8.70 -0.75
N LEU A 61 -9.52 7.83 0.25
CA LEU A 61 -10.09 6.51 0.03
C LEU A 61 -11.58 6.50 0.30
N SER A 62 -12.33 6.86 -0.72
CA SER A 62 -13.78 6.83 -0.66
C SER A 62 -14.32 6.24 -1.94
N ALA A 63 -14.20 4.93 -2.07
CA ALA A 63 -14.65 4.23 -3.25
C ALA A 63 -15.58 3.10 -2.86
N PRO A 64 -16.44 2.63 -3.80
CA PRO A 64 -17.37 1.53 -3.57
C PRO A 64 -16.69 0.34 -2.88
N LEU A 65 -17.34 -0.17 -1.84
CA LEU A 65 -16.79 -1.26 -1.07
C LEU A 65 -16.82 -2.54 -1.88
N GLY A 66 -15.68 -3.21 -1.92
CA GLY A 66 -15.57 -4.44 -2.66
C GLY A 66 -14.93 -4.20 -4.01
N SER A 67 -15.08 -2.99 -4.53
CA SER A 67 -14.51 -2.61 -5.79
C SER A 67 -12.99 -2.77 -5.77
N HIS A 68 -12.45 -3.22 -6.88
CA HIS A 68 -11.01 -3.38 -7.01
C HIS A 68 -10.35 -2.02 -7.02
N GLU A 69 -11.11 -1.00 -7.43
CA GLU A 69 -10.62 0.36 -7.48
C GLU A 69 -10.38 0.88 -6.06
N TRP A 70 -11.07 0.29 -5.10
CA TRP A 70 -10.94 0.66 -3.71
C TRP A 70 -9.68 0.01 -3.16
N GLN A 71 -9.54 -1.29 -3.39
CA GLN A 71 -8.37 -2.04 -2.95
C GLN A 71 -7.09 -1.46 -3.56
N GLN A 72 -7.17 -0.98 -4.81
CA GLN A 72 -6.01 -0.43 -5.49
C GLN A 72 -5.64 0.95 -4.94
N THR A 73 -6.66 1.75 -4.60
CA THR A 73 -6.41 3.07 -4.02
C THR A 73 -5.76 2.92 -2.64
N PHE A 74 -6.18 1.88 -1.91
CA PHE A 74 -5.59 1.59 -0.61
C PHE A 74 -4.12 1.22 -0.80
N SER A 75 -3.86 0.44 -1.83
CA SER A 75 -2.50 0.05 -2.18
C SER A 75 -1.62 1.29 -2.42
N GLN A 76 -2.17 2.30 -3.09
CA GLN A 76 -1.44 3.53 -3.39
C GLN A 76 -1.04 4.26 -2.11
N GLN A 77 -2.04 4.54 -1.27
CA GLN A 77 -1.82 5.27 0.00
C GLN A 77 -0.84 4.54 0.93
N VAL A 78 -0.75 3.22 0.79
CA VAL A 78 0.18 2.45 1.62
C VAL A 78 1.58 2.45 1.03
N MET A 79 1.68 2.36 -0.29
CA MET A 79 2.99 2.42 -0.94
C MET A 79 3.64 3.77 -0.68
N LEU A 80 2.79 4.78 -0.48
CA LEU A 80 3.24 6.14 -0.16
C LEU A 80 4.16 6.15 1.08
N PHE A 81 3.95 5.19 1.98
CA PHE A 81 4.74 5.10 3.20
C PHE A 81 6.22 4.91 2.89
N THR A 82 6.53 3.90 2.09
CA THR A 82 7.92 3.58 1.77
C THR A 82 8.51 4.54 0.73
N ARG A 83 7.67 5.40 0.17
CA ARG A 83 8.13 6.34 -0.84
C ARG A 83 8.97 7.46 -0.25
N GLN A 84 8.87 7.68 1.07
CA GLN A 84 9.66 8.72 1.71
C GLN A 84 9.79 8.53 3.24
N GLY A 85 9.80 7.29 3.70
CA GLY A 85 10.01 7.02 5.12
C GLY A 85 8.85 7.43 6.01
N GLN A 86 7.66 7.46 5.45
CA GLN A 86 6.47 7.81 6.20
C GLN A 86 5.89 6.56 6.87
N GLN A 87 5.40 6.70 8.09
CA GLN A 87 4.78 5.56 8.78
C GLN A 87 3.54 6.00 9.55
N SER A 88 2.87 7.01 9.01
CA SER A 88 1.67 7.56 9.60
C SER A 88 0.81 8.12 8.48
N ALA A 89 -0.50 8.13 8.66
CA ALA A 89 -1.38 8.60 7.60
C ALA A 89 -2.77 8.95 8.10
N GLN A 90 -3.14 10.19 7.95
CA GLN A 90 -4.48 10.62 8.24
C GLN A 90 -5.17 10.91 6.93
N LEU A 91 -6.17 10.12 6.60
CA LEU A 91 -6.84 10.27 5.33
C LEU A 91 -8.34 10.23 5.51
N ARG A 92 -9.04 10.82 4.55
CA ARG A 92 -10.49 10.83 4.57
C ARG A 92 -10.98 9.43 4.19
N LEU A 93 -11.86 8.89 5.01
CA LEU A 93 -12.30 7.52 4.88
C LEU A 93 -13.75 7.37 5.29
N HIS A 94 -14.35 6.25 4.93
CA HIS A 94 -15.71 5.92 5.33
C HIS A 94 -15.64 4.90 6.47
N PRO A 95 -16.69 4.79 7.32
CA PRO A 95 -17.94 5.58 7.24
C PRO A 95 -17.71 7.08 7.39
N GLU A 96 -18.65 7.87 6.89
CA GLU A 96 -18.55 9.31 6.90
C GLU A 96 -18.71 9.88 8.31
N GLU A 97 -19.33 9.11 9.20
CA GLU A 97 -19.46 9.52 10.60
C GLU A 97 -18.09 9.88 11.18
N LEU A 98 -17.09 9.05 10.86
CA LEU A 98 -15.73 9.36 11.22
C LEU A 98 -15.23 10.46 10.29
N GLY A 99 -14.97 10.05 9.05
CA GLY A 99 -14.55 10.97 8.03
C GLY A 99 -13.08 10.85 7.75
N GLN A 100 -12.36 10.37 8.74
CA GLN A 100 -10.92 10.19 8.62
C GLN A 100 -10.44 9.04 9.49
N VAL A 101 -9.42 8.36 9.02
CA VAL A 101 -8.83 7.23 9.71
C VAL A 101 -7.31 7.38 9.73
N HIS A 102 -6.71 7.23 10.91
CA HIS A 102 -5.26 7.37 11.05
C HIS A 102 -4.60 6.00 11.00
N ILE A 103 -3.87 5.74 9.95
CA ILE A 103 -3.14 4.49 9.83
C ILE A 103 -1.78 4.60 10.52
N SER A 104 -1.19 3.46 10.79
CA SER A 104 0.04 3.37 11.55
C SER A 104 0.91 2.26 10.97
N LEU A 105 2.19 2.55 10.82
CA LEU A 105 3.11 1.60 10.22
C LEU A 105 4.33 1.40 11.10
N LYS A 106 4.80 0.18 11.13
CA LYS A 106 5.99 -0.18 11.87
C LYS A 106 6.91 -0.94 10.93
N LEU A 107 8.06 -0.37 10.65
CA LEU A 107 8.96 -0.92 9.63
C LEU A 107 10.32 -1.23 10.21
N ASP A 108 10.76 -2.46 10.02
CA ASP A 108 12.05 -2.91 10.50
C ASP A 108 12.64 -3.93 9.55
N ASP A 109 13.95 -3.84 9.32
CA ASP A 109 14.68 -4.74 8.40
C ASP A 109 14.06 -4.76 7.00
N ASN A 110 13.15 -5.70 6.78
CA ASN A 110 12.46 -5.87 5.50
C ASN A 110 11.05 -6.36 5.77
N GLN A 111 10.55 -5.96 6.92
CA GLN A 111 9.24 -6.37 7.37
C GLN A 111 8.51 -5.20 8.00
N ALA A 112 7.22 -5.16 7.81
CA ALA A 112 6.42 -4.09 8.35
C ALA A 112 5.13 -4.62 8.92
N GLN A 113 4.76 -4.11 10.07
CA GLN A 113 3.50 -4.46 10.70
C GLN A 113 2.48 -3.36 10.47
N LEU A 114 1.30 -3.74 10.01
CA LEU A 114 0.25 -2.77 9.76
C LEU A 114 -0.68 -2.66 10.94
N GLN A 115 -0.67 -1.52 11.59
CA GLN A 115 -1.59 -1.25 12.67
C GLN A 115 -2.77 -0.49 12.10
N MET A 116 -3.95 -0.73 12.64
CA MET A 116 -5.16 -0.16 12.07
C MET A 116 -6.19 0.19 13.12
N VAL A 117 -6.93 1.25 12.86
CA VAL A 117 -8.02 1.70 13.70
C VAL A 117 -9.20 1.99 12.79
N SER A 118 -10.30 1.31 13.00
CA SER A 118 -11.48 1.43 12.13
C SER A 118 -12.69 0.89 12.87
N PRO A 119 -13.91 1.25 12.44
CA PRO A 119 -15.14 0.72 13.03
C PRO A 119 -15.20 -0.80 12.89
N HIS A 120 -16.10 -1.43 13.61
CA HIS A 120 -16.20 -2.86 13.57
C HIS A 120 -17.36 -3.25 12.66
N SER A 121 -17.03 -3.86 11.53
CA SER A 121 -18.04 -4.27 10.55
C SER A 121 -17.39 -5.18 9.51
N HIS A 122 -18.16 -5.55 8.48
CA HIS A 122 -17.65 -6.48 7.47
C HIS A 122 -16.60 -5.83 6.55
N VAL A 123 -16.41 -4.50 6.68
CA VAL A 123 -15.37 -3.79 5.90
C VAL A 123 -13.99 -4.28 6.31
N ARG A 124 -13.96 -4.99 7.42
CA ARG A 124 -12.75 -5.53 7.96
C ARG A 124 -12.25 -6.64 7.05
N ALA A 125 -13.21 -7.38 6.47
CA ALA A 125 -12.91 -8.50 5.59
C ALA A 125 -12.33 -8.03 4.27
N ALA A 126 -12.84 -6.92 3.76
CA ALA A 126 -12.37 -6.40 2.48
C ALA A 126 -10.96 -5.88 2.60
N LEU A 127 -10.64 -5.32 3.76
CA LEU A 127 -9.30 -4.83 4.02
C LEU A 127 -8.36 -6.01 4.19
N GLU A 128 -8.82 -7.01 4.93
CA GLU A 128 -8.05 -8.23 5.16
C GLU A 128 -7.76 -8.92 3.83
N ALA A 129 -8.75 -8.94 2.96
CA ALA A 129 -8.64 -9.55 1.64
C ALA A 129 -7.61 -8.83 0.78
N ALA A 130 -7.54 -7.52 0.91
CA ALA A 130 -6.62 -6.72 0.13
C ALA A 130 -5.16 -6.88 0.58
N LEU A 131 -4.95 -7.37 1.80
CA LEU A 131 -3.60 -7.52 2.36
C LEU A 131 -2.67 -8.38 1.45
N PRO A 132 -3.09 -9.60 1.00
CA PRO A 132 -2.27 -10.45 0.11
C PRO A 132 -1.88 -9.71 -1.18
N MET A 133 -2.74 -8.82 -1.63
CA MET A 133 -2.48 -8.05 -2.84
C MET A 133 -1.50 -6.93 -2.53
N LEU A 134 -1.78 -6.23 -1.44
CA LEU A 134 -0.97 -5.11 -0.96
C LEU A 134 0.49 -5.50 -0.76
N ARG A 135 0.70 -6.67 -0.14
CA ARG A 135 2.05 -7.13 0.16
C ARG A 135 2.82 -7.46 -1.11
N THR A 136 2.11 -7.67 -2.22
CA THR A 136 2.76 -7.95 -3.48
C THR A 136 3.49 -6.72 -3.99
N GLN A 137 2.81 -5.57 -3.97
CA GLN A 137 3.39 -4.31 -4.41
C GLN A 137 4.47 -3.83 -3.45
N LEU A 138 4.31 -4.18 -2.19
CA LEU A 138 5.27 -3.79 -1.17
C LEU A 138 6.51 -4.66 -1.29
N ALA A 139 6.29 -5.93 -1.63
CA ALA A 139 7.36 -6.88 -1.83
C ALA A 139 8.28 -6.45 -2.96
N GLU A 140 7.76 -5.63 -3.87
CA GLU A 140 8.55 -5.12 -4.98
C GLU A 140 9.50 -4.04 -4.48
N SER A 141 9.24 -3.56 -3.28
CA SER A 141 10.07 -2.55 -2.66
C SER A 141 10.99 -3.18 -1.63
N GLY A 142 10.83 -4.49 -1.43
CA GLY A 142 11.69 -5.21 -0.50
C GLY A 142 11.06 -5.42 0.86
N ILE A 143 9.94 -4.76 1.11
CA ILE A 143 9.26 -4.87 2.39
C ILE A 143 8.08 -5.84 2.29
N GLN A 144 8.15 -6.93 3.02
CA GLN A 144 7.07 -7.91 2.99
C GLN A 144 6.43 -8.07 4.35
N LEU A 145 5.30 -7.36 4.56
CA LEU A 145 4.44 -7.47 5.76
C LEU A 145 4.46 -8.85 6.42
N GLY A 146 4.42 -8.84 7.74
CA GLY A 146 4.39 -10.08 8.48
C GLY A 146 3.39 -10.02 9.61
N GLN A 147 3.58 -9.08 10.51
CA GLN A 147 2.68 -8.90 11.63
C GLN A 147 1.59 -7.90 11.28
N SER A 148 0.59 -7.80 12.13
CA SER A 148 -0.53 -6.89 11.88
C SER A 148 -1.24 -6.57 13.20
N SER A 149 -2.09 -5.56 13.17
CA SER A 149 -2.90 -5.19 14.32
C SER A 149 -4.21 -4.59 13.84
N ILE A 150 -5.27 -4.87 14.56
CA ILE A 150 -6.59 -4.40 14.20
C ILE A 150 -7.33 -3.95 15.45
N SER A 151 -7.91 -2.78 15.39
CA SER A 151 -8.64 -2.24 16.51
C SER A 151 -9.85 -1.43 16.04
N SER A 152 -10.98 -1.62 16.71
CA SER A 152 -12.16 -0.81 16.42
C SER A 152 -12.03 0.51 17.16
N GLU A 153 -11.06 0.52 18.05
CA GLU A 153 -10.69 1.64 18.90
C GLU A 153 -9.62 1.13 19.83
N SER A 154 -9.75 -0.14 20.13
CA SER A 154 -8.81 -0.90 20.94
C SER A 154 -9.02 -2.37 20.61
N PHE A 155 -8.10 -3.23 20.98
CA PHE A 155 -8.26 -4.64 20.68
C PHE A 155 -8.16 -5.50 21.92
N ALA A 156 -9.00 -6.52 21.98
CA ALA A 156 -9.04 -7.44 23.09
C ALA A 156 -9.68 -8.74 22.66
N GLY A 157 -9.41 -9.80 23.38
CA GLY A 157 -9.97 -11.08 23.05
C GLY A 157 -10.03 -11.99 24.24
N GLN A 158 -10.30 -13.26 24.00
CA GLN A 158 -10.38 -14.24 25.06
C GLN A 158 -10.23 -15.65 24.50
N GLN A 159 -10.01 -16.61 25.38
CA GLN A 159 -9.82 -17.99 24.97
C GLN A 159 -11.15 -18.61 24.53
N GLN A 160 -11.08 -19.48 23.53
CA GLN A 160 -12.26 -20.11 22.99
C GLN A 160 -11.91 -21.48 22.41
N SER A 161 -12.86 -22.39 22.44
CA SER A 161 -12.66 -23.73 21.93
C SER A 161 -14.00 -24.44 21.74
N SER A 162 -14.01 -25.45 20.90
CA SER A 162 -15.20 -26.25 20.62
C SER A 162 -14.78 -27.54 19.91
N SER A 163 -15.11 -28.67 20.52
CA SER A 163 -14.74 -29.94 19.95
C SER A 163 -15.85 -30.97 20.15
N GLN A 164 -16.56 -31.27 19.07
CA GLN A 164 -17.64 -32.23 19.09
C GLN A 164 -17.93 -32.72 17.68
N GLN A 165 -18.46 -33.92 17.56
CA GLN A 165 -18.77 -34.48 16.28
C GLN A 165 -19.71 -35.67 16.41
N GLN A 166 -20.96 -35.47 16.07
CA GLN A 166 -21.92 -36.55 16.07
C GLN A 166 -21.91 -37.23 14.71
N SER A 167 -22.41 -38.44 14.65
CA SER A 167 -22.44 -39.20 13.40
C SER A 167 -23.43 -40.36 13.53
N SER A 168 -24.23 -40.55 12.50
CA SER A 168 -25.22 -41.61 12.46
C SER A 168 -25.58 -41.92 11.01
N ARG A 169 -26.19 -43.06 10.80
CA ARG A 169 -26.60 -43.43 9.46
C ARG A 169 -27.98 -42.84 9.16
N HIS A 1 20.85 -0.42 30.59
CA HIS A 1 20.56 -0.65 29.17
C HIS A 1 20.86 -2.11 28.80
N MET A 2 20.66 -2.45 27.54
CA MET A 2 20.89 -3.82 27.07
C MET A 2 22.25 -3.93 26.38
N ALA A 3 23.20 -3.15 26.86
CA ALA A 3 24.54 -3.13 26.31
C ALA A 3 25.45 -2.29 27.19
N SER A 4 26.74 -2.32 26.90
CA SER A 4 27.69 -1.54 27.64
C SER A 4 27.66 -0.09 27.18
N ASP A 5 27.44 0.82 28.12
CA ASP A 5 27.39 2.24 27.78
C ASP A 5 28.79 2.78 27.60
N ASP A 6 29.72 2.26 28.42
CA ASP A 6 31.14 2.64 28.35
C ASP A 6 31.29 4.15 28.61
N ARG A 7 32.41 4.73 28.22
CA ARG A 7 32.65 6.15 28.41
C ARG A 7 32.34 6.92 27.13
N ALA A 8 32.45 8.24 27.19
CA ALA A 8 32.14 9.06 26.04
C ALA A 8 32.78 10.43 26.14
N THR A 9 33.34 10.88 25.04
CA THR A 9 33.94 12.19 24.93
C THR A 9 33.94 12.60 23.47
N GLY A 10 33.44 13.80 23.18
CA GLY A 10 33.38 14.28 21.82
C GLY A 10 34.76 14.37 21.18
N PRO A 11 34.99 13.61 20.11
CA PRO A 11 36.27 13.60 19.42
C PRO A 11 36.36 14.71 18.37
N ALA A 12 37.39 14.65 17.54
CA ALA A 12 37.61 15.61 16.48
C ALA A 12 38.60 15.06 15.49
N LEU A 13 38.47 15.45 14.25
CA LEU A 13 39.34 14.96 13.20
C LEU A 13 39.37 15.95 12.05
N THR A 14 40.45 15.95 11.32
CA THR A 14 40.59 16.84 10.20
C THR A 14 39.97 16.21 8.94
N PRO A 15 39.15 16.99 8.19
CA PRO A 15 38.56 16.51 6.95
C PRO A 15 39.63 16.16 5.92
N LEU A 16 39.50 15.01 5.31
CA LEU A 16 40.46 14.55 4.32
C LEU A 16 40.26 15.26 3.00
N VAL A 17 40.85 16.43 2.86
CA VAL A 17 40.77 17.17 1.63
C VAL A 17 41.99 16.88 0.74
N VAL A 18 41.85 15.90 -0.11
CA VAL A 18 42.91 15.50 -0.99
C VAL A 18 42.35 14.86 -2.25
N ALA A 19 43.10 14.94 -3.33
CA ALA A 19 42.68 14.39 -4.60
C ALA A 19 43.88 14.29 -5.52
N ALA A 20 43.70 13.63 -6.65
CA ALA A 20 44.79 13.45 -7.60
C ALA A 20 44.26 13.00 -8.94
N ALA A 21 44.63 13.72 -9.98
CA ALA A 21 44.20 13.42 -11.34
C ALA A 21 44.98 14.25 -12.33
N ALA A 22 44.75 14.00 -13.61
CA ALA A 22 45.42 14.73 -14.67
C ALA A 22 44.71 14.50 -15.98
N THR A 23 44.55 15.54 -16.75
CA THR A 23 43.86 15.45 -18.01
C THR A 23 44.83 14.99 -19.10
N SER A 24 44.44 13.95 -19.82
CA SER A 24 45.26 13.38 -20.88
C SER A 24 44.42 12.47 -21.75
N ALA A 25 44.38 12.76 -23.03
CA ALA A 25 43.58 12.00 -23.98
C ALA A 25 44.00 12.36 -25.39
N LYS A 26 43.84 11.42 -26.31
CA LYS A 26 44.25 11.62 -27.69
C LYS A 26 43.57 10.64 -28.63
N VAL A 27 43.64 10.94 -29.90
CA VAL A 27 43.10 10.09 -30.93
C VAL A 27 43.89 10.28 -32.22
N GLU A 28 44.75 9.33 -32.51
CA GLU A 28 45.58 9.37 -33.69
C GLU A 28 44.81 8.88 -34.91
N VAL A 29 44.32 9.81 -35.69
CA VAL A 29 43.56 9.48 -36.88
C VAL A 29 44.19 10.15 -38.10
N ASP A 30 44.18 9.44 -39.22
CA ASP A 30 44.77 9.95 -40.47
C ASP A 30 44.13 9.28 -41.67
N SER A 31 43.57 8.09 -41.46
CA SER A 31 42.91 7.36 -42.52
C SER A 31 41.72 6.56 -41.96
N PRO A 32 40.56 7.21 -41.85
CA PRO A 32 39.34 6.58 -41.33
C PRO A 32 38.62 5.76 -42.40
N PRO A 33 37.67 4.90 -41.99
CA PRO A 33 36.90 4.07 -42.92
C PRO A 33 35.98 4.89 -43.82
N ALA A 34 35.89 4.50 -45.07
CA ALA A 34 35.04 5.19 -46.03
C ALA A 34 33.57 4.98 -45.70
N PRO A 35 32.71 5.97 -46.03
CA PRO A 35 31.26 5.91 -45.77
C PRO A 35 30.53 4.97 -46.73
N VAL A 36 31.02 3.75 -46.84
CA VAL A 36 30.42 2.75 -47.70
C VAL A 36 29.27 2.04 -46.99
N THR A 37 28.17 1.86 -47.70
CA THR A 37 26.99 1.22 -47.15
C THR A 37 26.51 1.95 -45.88
N HIS A 38 25.83 3.05 -46.07
CA HIS A 38 25.35 3.84 -44.96
C HIS A 38 23.83 3.81 -44.86
N GLY A 39 23.35 3.16 -43.84
CA GLY A 39 21.92 3.07 -43.63
C GLY A 39 21.46 4.02 -42.55
N ALA A 40 20.31 4.63 -42.76
CA ALA A 40 19.75 5.58 -41.81
C ALA A 40 19.28 4.87 -40.54
N ALA A 41 18.90 5.65 -39.54
CA ALA A 41 18.43 5.11 -38.28
C ALA A 41 17.66 6.15 -37.50
N MET A 42 16.58 5.73 -36.88
CA MET A 42 15.73 6.61 -36.10
C MET A 42 14.95 5.81 -35.07
N PRO A 43 14.73 6.37 -33.87
CA PRO A 43 13.97 5.69 -32.81
C PRO A 43 12.47 5.69 -33.10
N THR A 44 11.92 4.51 -33.26
CA THR A 44 10.50 4.37 -33.52
C THR A 44 9.71 4.30 -32.21
N LEU A 45 10.35 3.75 -31.19
CA LEU A 45 9.77 3.63 -29.87
C LEU A 45 9.94 4.93 -29.08
N SER A 46 9.73 4.85 -27.77
CA SER A 46 9.91 5.99 -26.86
C SER A 46 8.79 7.03 -27.04
N SER A 47 7.64 6.58 -27.51
CA SER A 47 6.52 7.48 -27.70
C SER A 47 5.30 6.97 -26.95
N ALA A 48 5.03 7.56 -25.80
CA ALA A 48 3.87 7.20 -25.01
C ALA A 48 2.63 7.83 -25.60
N THR A 49 2.83 8.97 -26.27
CA THR A 49 1.75 9.72 -26.90
C THR A 49 0.66 10.06 -25.89
N ALA A 50 0.99 10.95 -24.97
CA ALA A 50 0.08 11.37 -23.93
C ALA A 50 0.60 12.64 -23.28
N GLN A 51 -0.30 13.44 -22.77
CA GLN A 51 0.07 14.66 -22.10
C GLN A 51 0.50 14.38 -20.66
N PRO A 52 1.58 15.02 -20.19
CA PRO A 52 2.07 14.86 -18.82
C PRO A 52 1.00 15.29 -17.81
N LEU A 53 0.37 14.33 -17.18
CA LEU A 53 -0.67 14.62 -16.22
C LEU A 53 -0.10 15.12 -14.90
N PRO A 54 -0.73 16.13 -14.31
CA PRO A 54 -0.31 16.69 -13.02
C PRO A 54 -0.62 15.74 -11.87
N VAL A 55 -0.19 16.11 -10.69
CA VAL A 55 -0.39 15.31 -9.49
C VAL A 55 -0.75 16.20 -8.31
N ALA A 56 -1.09 15.59 -7.18
CA ALA A 56 -1.47 16.34 -6.00
C ALA A 56 -1.48 15.44 -4.78
N SER A 57 -1.98 15.97 -3.68
CA SER A 57 -2.07 15.24 -2.43
C SER A 57 -3.19 14.20 -2.53
N ALA A 58 -3.12 13.19 -1.67
CA ALA A 58 -4.09 12.11 -1.69
C ALA A 58 -5.46 12.59 -1.26
N PRO A 59 -6.49 12.34 -2.10
CA PRO A 59 -7.87 12.68 -1.80
C PRO A 59 -8.48 11.74 -0.77
N VAL A 60 -9.74 11.95 -0.42
CA VAL A 60 -10.40 11.08 0.54
C VAL A 60 -10.75 9.76 -0.14
N LEU A 61 -10.85 8.71 0.63
CA LEU A 61 -11.12 7.42 0.07
C LEU A 61 -12.62 7.15 0.00
N SER A 62 -13.15 7.29 -1.19
CA SER A 62 -14.56 7.04 -1.44
C SER A 62 -14.72 6.20 -2.68
N ALA A 63 -14.51 4.91 -2.53
CA ALA A 63 -14.59 3.99 -3.63
C ALA A 63 -15.35 2.75 -3.19
N PRO A 64 -15.95 2.01 -4.14
CA PRO A 64 -16.68 0.78 -3.82
C PRO A 64 -15.81 -0.20 -3.04
N LEU A 65 -16.22 -0.49 -1.82
CA LEU A 65 -15.45 -1.34 -0.94
C LEU A 65 -15.46 -2.78 -1.44
N GLY A 66 -14.32 -3.42 -1.40
CA GLY A 66 -14.21 -4.78 -1.85
C GLY A 66 -13.71 -4.84 -3.27
N SER A 67 -14.21 -3.92 -4.09
CA SER A 67 -13.83 -3.82 -5.48
C SER A 67 -12.32 -3.56 -5.62
N HIS A 68 -11.78 -3.91 -6.79
CA HIS A 68 -10.37 -3.76 -7.07
C HIS A 68 -9.92 -2.31 -6.99
N GLU A 69 -10.81 -1.39 -7.37
CA GLU A 69 -10.49 0.03 -7.39
C GLU A 69 -10.15 0.54 -5.98
N TRP A 70 -10.98 0.16 -5.02
CA TRP A 70 -10.75 0.55 -3.63
C TRP A 70 -9.48 -0.09 -3.10
N GLN A 71 -9.29 -1.35 -3.43
CA GLN A 71 -8.09 -2.07 -3.00
C GLN A 71 -6.83 -1.46 -3.63
N GLN A 72 -6.89 -1.18 -4.93
CA GLN A 72 -5.77 -0.54 -5.63
C GLN A 72 -5.45 0.82 -5.00
N THR A 73 -6.48 1.58 -4.65
CA THR A 73 -6.27 2.88 -4.01
C THR A 73 -5.61 2.67 -2.65
N PHE A 74 -6.11 1.67 -1.91
CA PHE A 74 -5.52 1.29 -0.63
C PHE A 74 -4.03 1.01 -0.78
N SER A 75 -3.68 0.22 -1.78
CA SER A 75 -2.28 -0.07 -2.03
C SER A 75 -1.48 1.21 -2.25
N GLN A 76 -2.01 2.11 -3.06
CA GLN A 76 -1.35 3.37 -3.35
C GLN A 76 -1.08 4.19 -2.09
N GLN A 77 -2.13 4.43 -1.29
CA GLN A 77 -1.99 5.22 -0.05
C GLN A 77 -0.98 4.60 0.92
N VAL A 78 -0.85 3.28 0.92
CA VAL A 78 0.09 2.61 1.81
C VAL A 78 1.49 2.61 1.21
N MET A 79 1.58 2.46 -0.10
CA MET A 79 2.87 2.51 -0.78
C MET A 79 3.43 3.92 -0.72
N LEU A 80 2.54 4.88 -0.51
CA LEU A 80 2.94 6.29 -0.40
C LEU A 80 3.99 6.44 0.70
N PHE A 81 3.79 5.71 1.80
CA PHE A 81 4.74 5.69 2.91
C PHE A 81 6.16 5.39 2.43
N THR A 82 6.33 4.35 1.64
CA THR A 82 7.65 3.97 1.17
C THR A 82 8.10 4.84 -0.02
N ARG A 83 7.15 5.55 -0.62
CA ARG A 83 7.46 6.46 -1.72
C ARG A 83 8.13 7.72 -1.19
N GLN A 84 7.43 8.44 -0.32
CA GLN A 84 7.94 9.69 0.23
C GLN A 84 8.83 9.47 1.45
N GLY A 85 8.58 8.40 2.18
CA GLY A 85 9.36 8.12 3.37
C GLY A 85 8.60 8.46 4.64
N GLN A 86 7.29 8.25 4.59
CA GLN A 86 6.41 8.50 5.73
C GLN A 86 6.29 7.25 6.59
N GLN A 87 5.46 7.33 7.63
CA GLN A 87 5.20 6.17 8.46
C GLN A 87 3.89 6.33 9.25
N SER A 88 3.25 7.49 9.13
CA SER A 88 1.95 7.70 9.75
C SER A 88 1.10 8.59 8.85
N ALA A 89 -0.17 8.24 8.76
CA ALA A 89 -1.10 8.99 7.93
C ALA A 89 -2.53 8.82 8.40
N GLN A 90 -3.33 9.83 8.15
CA GLN A 90 -4.75 9.82 8.51
C GLN A 90 -5.56 10.46 7.39
N LEU A 91 -6.41 9.67 6.77
CA LEU A 91 -7.25 10.17 5.69
C LEU A 91 -8.71 10.01 6.05
N ARG A 92 -9.58 10.67 5.30
CA ARG A 92 -11.01 10.61 5.58
C ARG A 92 -11.61 9.35 4.99
N LEU A 93 -12.34 8.63 5.80
CA LEU A 93 -12.89 7.35 5.39
C LEU A 93 -14.35 7.20 5.78
N HIS A 94 -15.00 6.28 5.11
CA HIS A 94 -16.38 5.92 5.37
C HIS A 94 -16.43 4.53 6.01
N PRO A 95 -17.47 4.21 6.83
CA PRO A 95 -18.60 5.11 7.14
C PRO A 95 -18.17 6.47 7.67
N GLU A 96 -18.93 7.50 7.25
CA GLU A 96 -18.65 8.89 7.64
C GLU A 96 -18.40 9.02 9.14
N GLU A 97 -19.16 8.28 9.95
CA GLU A 97 -18.98 8.22 11.40
C GLU A 97 -17.50 8.09 11.81
N LEU A 98 -16.72 7.33 11.04
CA LEU A 98 -15.31 7.12 11.35
C LEU A 98 -14.53 8.42 11.28
N GLY A 99 -14.84 9.24 10.29
CA GLY A 99 -14.14 10.49 10.10
C GLY A 99 -12.74 10.34 9.53
N GLN A 100 -11.98 9.38 10.04
CA GLN A 100 -10.61 9.17 9.59
C GLN A 100 -10.13 7.77 9.92
N VAL A 101 -8.91 7.47 9.52
CA VAL A 101 -8.27 6.20 9.81
C VAL A 101 -6.81 6.47 10.17
N HIS A 102 -6.36 5.86 11.24
CA HIS A 102 -5.01 6.09 11.73
C HIS A 102 -4.11 4.93 11.34
N ILE A 103 -3.27 5.15 10.34
CA ILE A 103 -2.36 4.11 9.89
C ILE A 103 -0.97 4.34 10.45
N SER A 104 -0.54 3.44 11.32
CA SER A 104 0.78 3.54 11.92
C SER A 104 1.66 2.41 11.42
N LEU A 105 2.37 2.65 10.34
CA LEU A 105 3.25 1.66 9.76
C LEU A 105 4.65 1.70 10.38
N LYS A 106 4.99 0.61 11.06
CA LYS A 106 6.29 0.45 11.68
C LYS A 106 7.13 -0.54 10.89
N LEU A 107 7.89 -0.06 9.94
CA LEU A 107 8.79 -0.91 9.20
C LEU A 107 10.09 -1.12 9.98
N ASP A 108 10.16 -2.26 10.64
CA ASP A 108 11.35 -2.65 11.39
C ASP A 108 12.06 -3.72 10.59
N ASP A 109 13.39 -3.81 10.73
CA ASP A 109 14.22 -4.72 9.91
C ASP A 109 13.82 -4.67 8.44
N ASN A 110 12.95 -5.58 8.02
CA ASN A 110 12.46 -5.64 6.65
C ASN A 110 11.01 -6.10 6.65
N GLN A 111 10.35 -5.96 7.78
CA GLN A 111 8.97 -6.39 7.94
C GLN A 111 8.09 -5.22 8.35
N ALA A 112 7.07 -4.99 7.56
CA ALA A 112 6.17 -3.86 7.77
C ALA A 112 4.98 -4.22 8.65
N GLN A 113 4.84 -3.50 9.74
CA GLN A 113 3.70 -3.64 10.64
C GLN A 113 2.67 -2.54 10.39
N LEU A 114 1.50 -2.92 9.91
CA LEU A 114 0.43 -1.97 9.66
C LEU A 114 -0.57 -1.96 10.81
N GLN A 115 -0.54 -0.90 11.60
CA GLN A 115 -1.47 -0.75 12.70
C GLN A 115 -2.66 0.10 12.27
N MET A 116 -3.85 -0.43 12.46
CA MET A 116 -5.08 0.26 12.09
C MET A 116 -6.16 0.04 13.12
N VAL A 117 -7.02 1.02 13.29
CA VAL A 117 -8.13 0.93 14.21
C VAL A 117 -9.43 1.24 13.49
N SER A 118 -10.29 0.26 13.36
CA SER A 118 -11.53 0.44 12.64
C SER A 118 -12.58 -0.57 13.12
N PRO A 119 -13.78 -0.06 13.46
CA PRO A 119 -14.93 -0.90 13.87
C PRO A 119 -15.30 -1.95 12.81
N HIS A 120 -16.29 -2.77 13.13
CA HIS A 120 -16.70 -3.82 12.23
C HIS A 120 -17.69 -3.28 11.22
N SER A 121 -17.25 -3.23 9.99
CA SER A 121 -18.03 -2.77 8.88
C SER A 121 -17.53 -3.47 7.62
N HIS A 122 -18.22 -3.29 6.50
CA HIS A 122 -17.84 -3.97 5.28
C HIS A 122 -16.52 -3.45 4.72
N VAL A 123 -16.14 -2.22 5.09
CA VAL A 123 -14.84 -1.69 4.69
C VAL A 123 -13.71 -2.49 5.33
N ARG A 124 -14.00 -3.04 6.52
CA ARG A 124 -13.03 -3.83 7.26
C ARG A 124 -12.72 -5.13 6.51
N ALA A 125 -13.76 -5.73 5.95
CA ALA A 125 -13.61 -6.96 5.18
C ALA A 125 -12.68 -6.75 4.01
N ALA A 126 -12.93 -5.67 3.27
CA ALA A 126 -12.12 -5.32 2.13
C ALA A 126 -10.73 -4.87 2.54
N LEU A 127 -10.63 -4.33 3.75
CA LEU A 127 -9.36 -3.86 4.28
C LEU A 127 -8.44 -5.05 4.52
N GLU A 128 -8.91 -6.02 5.29
CA GLU A 128 -8.11 -7.20 5.60
C GLU A 128 -7.80 -7.98 4.33
N ALA A 129 -8.79 -8.07 3.44
CA ALA A 129 -8.63 -8.74 2.15
C ALA A 129 -7.60 -8.05 1.26
N ALA A 130 -7.45 -6.75 1.42
CA ALA A 130 -6.52 -5.99 0.60
C ALA A 130 -5.06 -6.18 1.04
N LEU A 131 -4.88 -6.66 2.26
CA LEU A 131 -3.53 -6.85 2.81
C LEU A 131 -2.71 -7.90 2.01
N PRO A 132 -3.26 -9.12 1.75
CA PRO A 132 -2.55 -10.16 0.97
C PRO A 132 -2.19 -9.68 -0.44
N MET A 133 -2.99 -8.75 -0.95
CA MET A 133 -2.77 -8.22 -2.29
C MET A 133 -1.59 -7.24 -2.26
N LEU A 134 -1.54 -6.42 -1.23
CA LEU A 134 -0.52 -5.42 -1.09
C LEU A 134 0.81 -6.02 -0.67
N ARG A 135 0.76 -7.03 0.20
CA ARG A 135 1.98 -7.66 0.70
C ARG A 135 2.84 -8.23 -0.43
N THR A 136 2.21 -8.65 -1.53
CA THR A 136 2.96 -9.19 -2.65
C THR A 136 3.62 -8.05 -3.44
N GLN A 137 2.97 -6.88 -3.46
CA GLN A 137 3.50 -5.70 -4.15
C GLN A 137 4.72 -5.16 -3.41
N LEU A 138 4.61 -5.06 -2.08
CA LEU A 138 5.70 -4.56 -1.26
C LEU A 138 6.87 -5.53 -1.26
N ALA A 139 6.56 -6.80 -1.51
CA ALA A 139 7.58 -7.83 -1.57
C ALA A 139 8.54 -7.57 -2.72
N GLU A 140 8.04 -6.90 -3.75
CA GLU A 140 8.85 -6.57 -4.92
C GLU A 140 9.90 -5.52 -4.59
N SER A 141 9.68 -4.79 -3.50
CA SER A 141 10.62 -3.77 -3.07
C SER A 141 11.50 -4.30 -1.94
N GLY A 142 11.30 -5.56 -1.58
CA GLY A 142 12.05 -6.16 -0.52
C GLY A 142 11.48 -5.80 0.83
N ILE A 143 10.16 -5.86 0.94
CA ILE A 143 9.47 -5.54 2.17
C ILE A 143 8.51 -6.66 2.53
N GLN A 144 8.62 -7.16 3.74
CA GLN A 144 7.78 -8.24 4.20
C GLN A 144 6.58 -7.72 4.96
N LEU A 145 5.47 -7.58 4.27
CA LEU A 145 4.24 -7.16 4.91
C LEU A 145 3.49 -8.36 5.45
N GLY A 146 3.33 -8.41 6.75
CA GLY A 146 2.62 -9.49 7.37
C GLY A 146 2.08 -9.07 8.70
N GLN A 147 2.91 -8.39 9.46
CA GLN A 147 2.54 -7.87 10.75
C GLN A 147 1.47 -6.81 10.59
N SER A 148 0.30 -7.06 11.11
CA SER A 148 -0.78 -6.13 11.01
C SER A 148 -1.55 -6.09 12.32
N SER A 149 -1.62 -4.92 12.90
CA SER A 149 -2.35 -4.72 14.12
C SER A 149 -3.70 -4.13 13.78
N ILE A 150 -4.72 -4.93 13.88
CA ILE A 150 -6.05 -4.47 13.55
C ILE A 150 -6.93 -4.53 14.78
N SER A 151 -7.45 -3.39 15.17
CA SER A 151 -8.29 -3.31 16.33
C SER A 151 -9.53 -2.47 16.04
N SER A 152 -10.67 -2.91 16.53
CA SER A 152 -11.90 -2.18 16.34
C SER A 152 -12.03 -1.08 17.39
N GLU A 153 -11.35 -1.28 18.51
CA GLU A 153 -11.35 -0.34 19.61
C GLU A 153 -10.14 -0.60 20.50
N SER A 154 -9.87 -1.86 20.75
CA SER A 154 -8.73 -2.28 21.53
C SER A 154 -8.36 -3.71 21.17
N PHE A 155 -7.18 -4.14 21.57
CA PHE A 155 -6.74 -5.49 21.28
C PHE A 155 -7.31 -6.47 22.30
N ALA A 156 -8.10 -7.40 21.82
CA ALA A 156 -8.70 -8.41 22.68
C ALA A 156 -7.72 -9.54 22.95
N GLY A 157 -7.25 -9.62 24.17
CA GLY A 157 -6.33 -10.66 24.54
C GLY A 157 -6.80 -11.40 25.78
N GLN A 158 -8.00 -11.94 25.69
CA GLN A 158 -8.59 -12.67 26.82
C GLN A 158 -8.00 -14.07 26.93
N GLN A 159 -8.02 -14.60 28.13
CA GLN A 159 -7.52 -15.94 28.40
C GLN A 159 -8.14 -16.46 29.69
N GLN A 160 -9.31 -17.05 29.55
CA GLN A 160 -10.04 -17.56 30.69
C GLN A 160 -9.69 -19.02 30.95
N SER A 161 -9.75 -19.40 32.21
CA SER A 161 -9.49 -20.77 32.60
C SER A 161 -10.65 -21.30 33.45
N SER A 162 -11.10 -22.51 33.15
CA SER A 162 -12.22 -23.10 33.85
C SER A 162 -12.35 -24.59 33.51
N SER A 163 -12.71 -25.38 34.53
CA SER A 163 -12.94 -26.81 34.39
C SER A 163 -11.62 -27.58 34.15
N GLN A 164 -11.63 -28.86 34.50
CA GLN A 164 -10.46 -29.70 34.32
C GLN A 164 -10.31 -30.11 32.86
N GLN A 165 -9.08 -30.05 32.35
CA GLN A 165 -8.83 -30.41 30.96
C GLN A 165 -8.76 -31.92 30.80
N GLN A 166 -8.55 -32.62 31.90
CA GLN A 166 -8.51 -34.07 31.86
C GLN A 166 -9.93 -34.63 31.85
N SER A 167 -10.18 -35.61 31.02
CA SER A 167 -11.51 -36.20 30.90
C SER A 167 -11.42 -37.59 30.27
N SER A 168 -10.23 -38.17 30.29
CA SER A 168 -10.02 -39.49 29.73
C SER A 168 -8.70 -40.06 30.21
N ARG A 169 -8.56 -41.37 30.12
CA ARG A 169 -7.34 -42.03 30.51
C ARG A 169 -6.35 -42.00 29.37
N HIS A 1 100.61 -27.92 36.08
CA HIS A 1 100.40 -26.70 35.27
C HIS A 1 101.08 -26.84 33.92
N MET A 2 100.30 -27.18 32.91
CA MET A 2 100.82 -27.33 31.56
C MET A 2 99.93 -26.57 30.57
N ALA A 3 100.52 -26.12 29.49
CA ALA A 3 99.80 -25.36 28.48
C ALA A 3 100.65 -25.18 27.23
N SER A 4 100.04 -25.33 26.07
CA SER A 4 100.72 -25.20 24.81
C SER A 4 99.70 -25.06 23.68
N ASP A 5 99.69 -23.89 23.04
CA ASP A 5 98.78 -23.65 21.93
C ASP A 5 99.34 -24.25 20.64
N ASP A 6 100.47 -23.69 20.19
CA ASP A 6 101.18 -24.16 18.99
C ASP A 6 100.31 -24.06 17.72
N ARG A 7 100.96 -24.13 16.56
CA ARG A 7 100.25 -24.06 15.30
C ARG A 7 99.66 -25.41 14.93
N ALA A 8 98.59 -25.39 14.14
CA ALA A 8 97.93 -26.60 13.73
C ALA A 8 97.01 -26.33 12.54
N THR A 9 97.57 -26.43 11.36
CA THR A 9 96.83 -26.21 10.14
C THR A 9 97.49 -26.96 8.98
N GLY A 10 96.82 -27.03 7.85
CA GLY A 10 97.38 -27.70 6.70
C GLY A 10 97.89 -26.73 5.67
N PRO A 11 97.26 -26.69 4.48
CA PRO A 11 97.66 -25.79 3.41
C PRO A 11 97.06 -24.40 3.59
N ALA A 12 97.01 -23.63 2.53
CA ALA A 12 96.47 -22.29 2.56
C ALA A 12 96.15 -21.83 1.16
N LEU A 13 95.13 -20.99 1.04
CA LEU A 13 94.69 -20.48 -0.24
C LEU A 13 94.09 -19.10 -0.07
N THR A 14 94.36 -18.23 -1.01
CA THR A 14 93.85 -16.89 -0.98
C THR A 14 92.45 -16.82 -1.60
N PRO A 15 91.56 -15.98 -1.04
CA PRO A 15 90.20 -15.80 -1.57
C PRO A 15 90.22 -15.37 -3.02
N LEU A 16 89.76 -16.24 -3.90
CA LEU A 16 89.77 -15.98 -5.34
C LEU A 16 88.63 -16.71 -6.03
N VAL A 17 87.60 -15.97 -6.37
CA VAL A 17 86.46 -16.52 -7.08
C VAL A 17 86.67 -16.39 -8.59
N VAL A 18 86.04 -17.26 -9.37
CA VAL A 18 86.16 -17.22 -10.81
C VAL A 18 85.21 -16.17 -11.40
N ALA A 19 85.73 -15.34 -12.28
CA ALA A 19 84.95 -14.27 -12.90
C ALA A 19 83.91 -14.82 -13.87
N ALA A 20 82.65 -14.54 -13.60
CA ALA A 20 81.57 -14.94 -14.46
C ALA A 20 81.54 -14.07 -15.71
N ALA A 21 81.81 -14.66 -16.86
CA ALA A 21 81.84 -13.93 -18.12
C ALA A 21 81.88 -14.89 -19.29
N ALA A 22 81.10 -14.58 -20.32
CA ALA A 22 81.05 -15.40 -21.53
C ALA A 22 80.31 -14.67 -22.63
N THR A 23 80.79 -14.82 -23.85
CA THR A 23 80.13 -14.22 -24.98
C THR A 23 78.99 -15.12 -25.46
N SER A 24 77.77 -14.64 -25.32
CA SER A 24 76.59 -15.44 -25.68
C SER A 24 75.39 -14.53 -25.97
N ALA A 25 75.65 -13.24 -26.14
CA ALA A 25 74.60 -12.28 -26.43
C ALA A 25 74.11 -12.43 -27.86
N LYS A 26 73.08 -13.22 -28.05
CA LYS A 26 72.52 -13.43 -29.37
C LYS A 26 71.60 -12.27 -29.74
N VAL A 27 72.08 -11.39 -30.59
CA VAL A 27 71.29 -10.26 -31.04
C VAL A 27 70.58 -10.59 -32.36
N GLU A 28 69.26 -10.65 -32.29
CA GLU A 28 68.46 -10.97 -33.45
C GLU A 28 67.05 -10.45 -33.24
N VAL A 29 66.69 -9.43 -33.98
CA VAL A 29 65.37 -8.82 -33.87
C VAL A 29 64.55 -9.02 -35.13
N ASP A 30 63.28 -8.68 -35.06
CA ASP A 30 62.38 -8.77 -36.19
C ASP A 30 61.16 -7.90 -35.93
N SER A 31 61.13 -6.76 -36.57
CA SER A 31 60.06 -5.79 -36.38
C SER A 31 58.84 -6.12 -37.24
N PRO A 32 57.70 -6.37 -36.60
CA PRO A 32 56.45 -6.66 -37.31
C PRO A 32 55.71 -5.38 -37.71
N PRO A 33 55.26 -5.29 -38.98
CA PRO A 33 54.53 -4.12 -39.47
C PRO A 33 53.23 -3.89 -38.69
N ALA A 34 53.02 -2.66 -38.25
CA ALA A 34 51.84 -2.31 -37.47
C ALA A 34 50.59 -2.28 -38.35
N PRO A 35 49.59 -3.10 -38.02
CA PRO A 35 48.35 -3.17 -38.79
C PRO A 35 47.48 -1.94 -38.58
N VAL A 36 46.44 -1.82 -39.37
CA VAL A 36 45.53 -0.70 -39.25
C VAL A 36 44.41 -1.04 -38.25
N THR A 37 44.17 -0.14 -37.32
CA THR A 37 43.12 -0.33 -36.34
C THR A 37 41.79 0.18 -36.86
N HIS A 38 40.71 -0.46 -36.45
CA HIS A 38 39.38 -0.08 -36.87
C HIS A 38 38.53 0.28 -35.67
N GLY A 39 37.36 0.85 -35.91
CA GLY A 39 36.48 1.21 -34.84
C GLY A 39 35.85 2.57 -35.02
N ALA A 40 34.53 2.63 -34.92
CA ALA A 40 33.78 3.87 -35.07
C ALA A 40 32.37 3.69 -34.57
N ALA A 41 31.84 4.69 -33.87
CA ALA A 41 30.49 4.62 -33.33
C ALA A 41 30.00 5.98 -32.89
N MET A 42 28.70 6.12 -32.75
CA MET A 42 28.08 7.35 -32.28
C MET A 42 26.68 7.04 -31.75
N PRO A 43 26.58 6.66 -30.47
CA PRO A 43 25.30 6.29 -29.86
C PRO A 43 24.45 7.50 -29.49
N THR A 44 23.27 7.56 -30.07
CA THR A 44 22.33 8.64 -29.79
C THR A 44 20.90 8.21 -30.15
N LEU A 45 20.05 8.07 -29.12
CA LEU A 45 18.67 7.63 -29.31
C LEU A 45 17.78 8.13 -28.17
N SER A 46 16.77 8.94 -28.54
CA SER A 46 15.76 9.44 -27.60
C SER A 46 16.35 10.43 -26.57
N SER A 47 15.48 11.19 -25.95
CA SER A 47 15.87 12.12 -24.91
C SER A 47 15.60 11.48 -23.55
N ALA A 48 14.47 10.74 -23.47
CA ALA A 48 14.05 10.03 -22.25
C ALA A 48 13.59 10.99 -21.16
N THR A 49 12.46 10.70 -20.57
CA THR A 49 11.94 11.53 -19.50
C THR A 49 12.55 11.10 -18.17
N ALA A 50 13.56 11.84 -17.73
CA ALA A 50 14.25 11.56 -16.49
C ALA A 50 13.41 11.98 -15.29
N GLN A 51 12.46 12.87 -15.52
CA GLN A 51 11.59 13.35 -14.46
C GLN A 51 10.49 12.34 -14.16
N PRO A 52 10.37 11.93 -12.88
CA PRO A 52 9.34 10.99 -12.44
C PRO A 52 7.95 11.64 -12.41
N LEU A 53 6.93 10.82 -12.29
CA LEU A 53 5.56 11.31 -12.26
C LEU A 53 4.94 11.09 -10.87
N PRO A 54 4.88 12.15 -10.06
CA PRO A 54 4.33 12.10 -8.72
C PRO A 54 2.82 12.37 -8.71
N VAL A 55 2.33 12.95 -7.63
CA VAL A 55 0.93 13.27 -7.51
C VAL A 55 0.75 14.50 -6.62
N ALA A 56 0.68 15.65 -7.25
CA ALA A 56 0.54 16.91 -6.55
C ALA A 56 -0.84 17.03 -5.93
N SER A 57 -0.87 17.11 -4.60
CA SER A 57 -2.10 17.24 -3.83
C SER A 57 -3.05 16.07 -4.07
N ALA A 58 -2.78 14.96 -3.42
CA ALA A 58 -3.62 13.79 -3.51
C ALA A 58 -4.92 13.99 -2.74
N PRO A 59 -6.07 13.70 -3.36
CA PRO A 59 -7.36 13.84 -2.73
C PRO A 59 -7.64 12.71 -1.75
N VAL A 60 -8.80 12.76 -1.11
CA VAL A 60 -9.16 11.72 -0.17
C VAL A 60 -9.71 10.51 -0.91
N LEU A 61 -9.82 9.40 -0.20
CA LEU A 61 -10.29 8.17 -0.80
C LEU A 61 -11.81 8.10 -0.72
N SER A 62 -12.45 8.06 -1.87
CA SER A 62 -13.87 7.90 -1.96
C SER A 62 -14.23 6.88 -3.04
N ALA A 63 -14.09 5.63 -2.68
CA ALA A 63 -14.37 4.54 -3.58
C ALA A 63 -15.13 3.45 -2.83
N PRO A 64 -15.92 2.62 -3.55
CA PRO A 64 -16.69 1.52 -2.96
C PRO A 64 -15.80 0.62 -2.10
N LEU A 65 -16.20 0.39 -0.87
CA LEU A 65 -15.42 -0.40 0.07
C LEU A 65 -15.41 -1.87 -0.33
N GLY A 66 -14.24 -2.38 -0.65
CA GLY A 66 -14.10 -3.76 -1.03
C GLY A 66 -13.73 -3.93 -2.48
N SER A 67 -14.03 -2.92 -3.27
CA SER A 67 -13.74 -2.92 -4.70
C SER A 67 -12.25 -3.13 -4.97
N HIS A 68 -11.94 -3.77 -6.08
CA HIS A 68 -10.54 -3.99 -6.49
C HIS A 68 -9.86 -2.65 -6.69
N GLU A 69 -10.56 -1.74 -7.37
CA GLU A 69 -10.07 -0.38 -7.59
C GLU A 69 -9.79 0.31 -6.25
N TRP A 70 -10.62 0.02 -5.27
CA TRP A 70 -10.48 0.60 -3.95
C TRP A 70 -9.21 0.07 -3.29
N GLN A 71 -8.99 -1.23 -3.43
CA GLN A 71 -7.80 -1.85 -2.86
C GLN A 71 -6.55 -1.28 -3.52
N GLN A 72 -6.55 -1.23 -4.85
CA GLN A 72 -5.45 -0.64 -5.61
C GLN A 72 -5.14 0.78 -5.13
N THR A 73 -6.19 1.59 -5.00
CA THR A 73 -6.03 2.96 -4.54
C THR A 73 -5.51 2.98 -3.10
N PHE A 74 -6.05 2.09 -2.28
CA PHE A 74 -5.64 1.96 -0.89
C PHE A 74 -4.14 1.66 -0.82
N SER A 75 -3.70 0.61 -1.52
CA SER A 75 -2.29 0.23 -1.54
C SER A 75 -1.39 1.36 -2.04
N GLN A 76 -1.77 2.00 -3.15
CA GLN A 76 -1.00 3.10 -3.72
C GLN A 76 -0.73 4.18 -2.68
N GLN A 77 -1.76 4.52 -1.92
CA GLN A 77 -1.66 5.52 -0.87
C GLN A 77 -0.57 5.16 0.14
N VAL A 78 -0.54 3.88 0.53
CA VAL A 78 0.41 3.42 1.54
C VAL A 78 1.80 3.27 0.95
N MET A 79 1.86 2.81 -0.29
CA MET A 79 3.13 2.67 -0.99
C MET A 79 3.77 4.03 -1.17
N LEU A 80 2.97 5.00 -1.58
CA LEU A 80 3.42 6.37 -1.75
C LEU A 80 4.04 6.90 -0.45
N PHE A 81 3.40 6.58 0.67
CA PHE A 81 3.88 7.02 1.98
C PHE A 81 5.31 6.57 2.25
N THR A 82 5.54 5.26 2.20
CA THR A 82 6.86 4.72 2.50
C THR A 82 7.93 5.19 1.50
N ARG A 83 7.49 5.55 0.30
CA ARG A 83 8.40 6.08 -0.73
C ARG A 83 8.86 7.49 -0.33
N GLN A 84 7.92 8.26 0.19
CA GLN A 84 8.19 9.63 0.61
C GLN A 84 8.84 9.68 1.99
N GLY A 85 8.55 8.69 2.81
CA GLY A 85 9.13 8.63 4.15
C GLY A 85 8.08 8.59 5.24
N GLN A 86 6.84 8.74 4.84
CA GLN A 86 5.72 8.72 5.77
C GLN A 86 5.37 7.27 6.11
N GLN A 87 4.68 7.05 7.22
CA GLN A 87 4.33 5.71 7.65
C GLN A 87 3.18 5.76 8.65
N SER A 88 2.53 6.91 8.71
CA SER A 88 1.38 7.13 9.56
C SER A 88 0.52 8.19 8.91
N ALA A 89 -0.78 7.95 8.85
CA ALA A 89 -1.66 8.86 8.14
C ALA A 89 -3.11 8.70 8.57
N GLN A 90 -3.92 9.67 8.19
CA GLN A 90 -5.35 9.64 8.45
C GLN A 90 -6.10 9.46 7.14
N LEU A 91 -6.81 8.37 7.01
CA LEU A 91 -7.53 8.07 5.78
C LEU A 91 -9.01 8.34 5.92
N ARG A 92 -9.52 9.18 5.03
CA ARG A 92 -10.94 9.46 4.95
C ARG A 92 -11.65 8.31 4.24
N LEU A 93 -12.89 8.04 4.63
CA LEU A 93 -13.67 6.97 4.06
C LEU A 93 -15.13 7.38 3.95
N HIS A 94 -15.79 6.93 2.90
CA HIS A 94 -17.21 7.20 2.73
C HIS A 94 -18.01 5.90 2.88
N PRO A 95 -19.09 5.93 3.68
CA PRO A 95 -19.57 7.13 4.38
C PRO A 95 -18.62 7.55 5.50
N GLU A 96 -18.54 8.86 5.74
CA GLU A 96 -17.62 9.41 6.73
C GLU A 96 -18.10 9.22 8.17
N GLU A 97 -18.93 8.20 8.40
CA GLU A 97 -19.37 7.88 9.75
C GLU A 97 -18.16 7.70 10.68
N LEU A 98 -17.21 6.87 10.26
CA LEU A 98 -15.96 6.66 11.01
C LEU A 98 -15.19 7.98 11.15
N GLY A 99 -15.31 8.84 10.15
CA GLY A 99 -14.64 10.14 10.17
C GLY A 99 -13.14 10.08 9.91
N GLN A 100 -12.45 9.15 10.54
CA GLN A 100 -11.02 9.05 10.37
C GLN A 100 -10.53 7.63 10.57
N VAL A 101 -9.39 7.35 9.99
CA VAL A 101 -8.70 6.08 10.12
C VAL A 101 -7.22 6.36 10.26
N HIS A 102 -6.59 5.78 11.26
CA HIS A 102 -5.19 6.04 11.50
C HIS A 102 -4.35 4.85 11.10
N ILE A 103 -3.63 4.99 10.00
CA ILE A 103 -2.77 3.93 9.52
C ILE A 103 -1.40 4.04 10.15
N SER A 104 -1.00 3.00 10.85
CA SER A 104 0.29 2.93 11.47
C SER A 104 1.16 1.92 10.72
N LEU A 105 2.46 1.94 10.94
CA LEU A 105 3.36 1.06 10.22
C LEU A 105 4.60 0.76 11.04
N LYS A 106 4.91 -0.50 11.19
CA LYS A 106 6.11 -0.92 11.89
C LYS A 106 7.07 -1.55 10.90
N LEU A 107 8.31 -1.14 10.95
CA LEU A 107 9.32 -1.65 10.05
C LEU A 107 10.56 -2.01 10.83
N ASP A 108 10.91 -3.28 10.85
CA ASP A 108 12.07 -3.75 11.58
C ASP A 108 12.68 -4.96 10.88
N ASP A 109 14.01 -5.01 10.90
CA ASP A 109 14.79 -6.07 10.21
C ASP A 109 14.43 -6.14 8.71
N ASN A 110 13.55 -7.04 8.33
CA ASN A 110 13.12 -7.16 6.93
C ASN A 110 11.64 -7.48 6.85
N GLN A 111 10.90 -7.05 7.85
CA GLN A 111 9.50 -7.34 7.94
C GLN A 111 8.75 -6.13 8.47
N ALA A 112 7.52 -5.99 8.04
CA ALA A 112 6.71 -4.86 8.46
C ALA A 112 5.36 -5.32 8.98
N GLN A 113 4.90 -4.64 10.01
CA GLN A 113 3.61 -4.93 10.59
C GLN A 113 2.66 -3.75 10.40
N LEU A 114 1.48 -4.04 9.91
CA LEU A 114 0.48 -3.01 9.69
C LEU A 114 -0.56 -2.99 10.80
N GLN A 115 -0.94 -1.79 11.20
CA GLN A 115 -1.95 -1.57 12.20
C GLN A 115 -2.74 -0.36 11.82
N MET A 116 -4.04 -0.47 11.79
CA MET A 116 -4.89 0.61 11.37
C MET A 116 -5.97 0.81 12.40
N VAL A 117 -6.17 2.03 12.83
CA VAL A 117 -7.16 2.30 13.84
C VAL A 117 -8.45 2.78 13.21
N SER A 118 -9.49 2.03 13.47
CA SER A 118 -10.82 2.29 12.94
C SER A 118 -11.82 1.49 13.74
N PRO A 119 -13.06 2.00 13.91
CA PRO A 119 -14.13 1.27 14.62
C PRO A 119 -14.33 -0.14 14.05
N HIS A 120 -14.91 -1.03 14.83
CA HIS A 120 -15.09 -2.40 14.38
C HIS A 120 -16.39 -2.53 13.61
N SER A 121 -16.28 -3.15 12.44
CA SER A 121 -17.41 -3.34 11.57
C SER A 121 -16.99 -4.24 10.41
N HIS A 122 -17.91 -4.47 9.47
CA HIS A 122 -17.64 -5.32 8.31
C HIS A 122 -16.52 -4.74 7.45
N VAL A 123 -16.21 -3.46 7.67
CA VAL A 123 -15.16 -2.76 6.92
C VAL A 123 -13.83 -3.47 7.03
N ARG A 124 -13.64 -4.21 8.12
CA ARG A 124 -12.41 -4.97 8.33
C ARG A 124 -12.16 -5.91 7.17
N ALA A 125 -13.22 -6.53 6.67
CA ALA A 125 -13.13 -7.48 5.57
C ALA A 125 -12.48 -6.84 4.34
N ALA A 126 -12.84 -5.60 4.08
CA ALA A 126 -12.30 -4.87 2.94
C ALA A 126 -10.83 -4.49 3.17
N LEU A 127 -10.53 -3.93 4.34
CA LEU A 127 -9.17 -3.51 4.65
C LEU A 127 -8.24 -4.71 4.78
N GLU A 128 -8.71 -5.75 5.45
CA GLU A 128 -7.93 -6.96 5.64
C GLU A 128 -7.66 -7.63 4.31
N ALA A 129 -8.67 -7.68 3.45
CA ALA A 129 -8.54 -8.25 2.11
C ALA A 129 -7.44 -7.56 1.29
N ALA A 130 -7.22 -6.28 1.53
CA ALA A 130 -6.22 -5.54 0.79
C ALA A 130 -4.81 -5.80 1.29
N LEU A 131 -4.69 -6.45 2.45
CA LEU A 131 -3.37 -6.70 3.05
C LEU A 131 -2.54 -7.70 2.23
N PRO A 132 -3.10 -8.89 1.86
CA PRO A 132 -2.36 -9.88 1.04
C PRO A 132 -1.90 -9.30 -0.29
N MET A 133 -2.65 -8.32 -0.79
CA MET A 133 -2.32 -7.70 -2.06
C MET A 133 -1.19 -6.69 -1.85
N LEU A 134 -1.26 -6.00 -0.72
CA LEU A 134 -0.31 -4.94 -0.40
C LEU A 134 1.05 -5.52 -0.07
N ARG A 135 1.07 -6.66 0.62
CA ARG A 135 2.32 -7.32 0.95
C ARG A 135 3.04 -7.77 -0.31
N THR A 136 2.27 -7.98 -1.37
CA THR A 136 2.82 -8.37 -2.64
C THR A 136 3.34 -7.13 -3.39
N GLN A 137 2.63 -6.02 -3.21
CA GLN A 137 3.01 -4.74 -3.82
C GLN A 137 4.28 -4.19 -3.18
N LEU A 138 4.33 -4.28 -1.85
CA LEU A 138 5.49 -3.79 -1.11
C LEU A 138 6.69 -4.70 -1.32
N ALA A 139 6.42 -5.97 -1.59
CA ALA A 139 7.49 -6.94 -1.84
C ALA A 139 8.29 -6.55 -3.07
N GLU A 140 7.60 -5.91 -4.00
CA GLU A 140 8.21 -5.43 -5.23
C GLU A 140 9.18 -4.28 -4.92
N SER A 141 9.05 -3.71 -3.74
CA SER A 141 9.90 -2.62 -3.30
C SER A 141 10.90 -3.08 -2.23
N GLY A 142 10.90 -4.39 -1.93
CA GLY A 142 11.85 -4.91 -0.96
C GLY A 142 11.24 -5.16 0.42
N ILE A 143 10.12 -4.52 0.70
CA ILE A 143 9.45 -4.66 1.99
C ILE A 143 8.50 -5.87 2.00
N GLN A 144 8.31 -6.46 3.17
CA GLN A 144 7.46 -7.62 3.32
C GLN A 144 6.55 -7.49 4.53
N LEU A 145 5.29 -7.74 4.34
CA LEU A 145 4.32 -7.68 5.41
C LEU A 145 4.07 -9.08 5.95
N GLY A 146 4.16 -9.23 7.24
CA GLY A 146 3.92 -10.53 7.84
C GLY A 146 2.80 -10.47 8.84
N GLN A 147 2.91 -9.53 9.75
CA GLN A 147 1.92 -9.33 10.79
C GLN A 147 1.07 -8.12 10.42
N SER A 148 -0.24 -8.22 10.55
CA SER A 148 -1.14 -7.14 10.17
C SER A 148 -2.50 -7.31 10.84
N SER A 149 -2.90 -6.34 11.64
CA SER A 149 -4.21 -6.37 12.29
C SER A 149 -4.80 -4.97 12.45
N ILE A 150 -6.07 -4.83 12.09
CA ILE A 150 -6.78 -3.58 12.30
C ILE A 150 -7.19 -3.45 13.76
N SER A 151 -6.99 -2.28 14.32
CA SER A 151 -7.33 -2.02 15.70
C SER A 151 -8.58 -1.17 15.77
N SER A 152 -9.49 -1.53 16.67
CA SER A 152 -10.73 -0.78 16.82
C SER A 152 -10.49 0.44 17.70
N GLU A 153 -9.57 0.31 18.65
CA GLU A 153 -9.24 1.41 19.55
C GLU A 153 -7.94 1.12 20.30
N SER A 154 -7.74 -0.14 20.67
CA SER A 154 -6.57 -0.57 21.39
C SER A 154 -6.25 -2.02 21.03
N PHE A 155 -5.41 -2.68 21.83
CA PHE A 155 -5.07 -4.06 21.56
C PHE A 155 -6.21 -4.95 22.03
N ALA A 156 -6.42 -6.04 21.31
CA ALA A 156 -7.49 -6.97 21.64
C ALA A 156 -7.21 -8.34 21.07
N GLY A 157 -7.50 -9.36 21.85
CA GLY A 157 -7.28 -10.71 21.42
C GLY A 157 -7.20 -11.66 22.59
N GLN A 158 -7.30 -12.94 22.32
CA GLN A 158 -7.23 -13.94 23.38
C GLN A 158 -6.93 -15.31 22.80
N GLN A 159 -6.22 -16.11 23.57
CA GLN A 159 -5.87 -17.47 23.18
C GLN A 159 -5.41 -18.23 24.40
N GLN A 160 -5.87 -19.46 24.54
CA GLN A 160 -5.51 -20.27 25.68
C GLN A 160 -5.53 -21.74 25.33
N SER A 161 -4.76 -22.52 26.05
CA SER A 161 -4.68 -23.96 25.84
C SER A 161 -4.31 -24.65 27.16
N SER A 162 -4.06 -25.95 27.11
CA SER A 162 -3.71 -26.70 28.30
C SER A 162 -3.21 -28.10 27.92
N SER A 163 -3.12 -28.97 28.91
CA SER A 163 -2.66 -30.32 28.71
C SER A 163 -3.75 -31.21 28.12
N GLN A 164 -3.40 -32.47 27.88
CA GLN A 164 -4.32 -33.45 27.31
C GLN A 164 -4.01 -34.83 27.87
N GLN A 165 -5.03 -35.65 28.03
CA GLN A 165 -4.85 -36.98 28.59
C GLN A 165 -4.27 -37.93 27.54
N GLN A 166 -3.34 -38.76 27.97
CA GLN A 166 -2.74 -39.76 27.12
C GLN A 166 -3.16 -41.14 27.62
N SER A 167 -2.77 -42.20 26.92
CA SER A 167 -3.16 -43.54 27.32
C SER A 167 -2.34 -44.60 26.59
N SER A 168 -2.23 -45.77 27.19
CA SER A 168 -1.50 -46.89 26.63
C SER A 168 -1.99 -48.18 27.25
N ARG A 169 -1.56 -49.30 26.71
CA ARG A 169 -1.97 -50.59 27.26
C ARG A 169 -1.04 -50.99 28.39
N HIS A 1 -56.64 -94.54 45.63
CA HIS A 1 -55.19 -94.24 45.75
C HIS A 1 -54.85 -92.95 45.06
N MET A 2 -53.86 -92.24 45.59
CA MET A 2 -53.40 -91.01 44.99
C MET A 2 -52.57 -91.30 43.76
N ALA A 3 -53.07 -90.89 42.60
CA ALA A 3 -52.37 -91.09 41.35
C ALA A 3 -51.08 -90.27 41.33
N SER A 4 -49.97 -90.96 41.14
CA SER A 4 -48.67 -90.31 41.10
C SER A 4 -47.66 -91.21 40.39
N ASP A 5 -47.76 -91.23 39.07
CA ASP A 5 -46.89 -92.06 38.24
C ASP A 5 -45.57 -91.34 37.98
N ASP A 6 -45.55 -90.04 38.25
CA ASP A 6 -44.35 -89.20 38.06
C ASP A 6 -44.00 -89.11 36.56
N ARG A 7 -44.96 -89.45 35.74
CA ARG A 7 -44.79 -89.44 34.31
C ARG A 7 -45.36 -88.14 33.75
N ALA A 8 -44.75 -87.61 32.70
CA ALA A 8 -45.19 -86.35 32.12
C ALA A 8 -44.68 -86.18 30.71
N THR A 9 -45.18 -85.17 30.03
CA THR A 9 -44.78 -84.88 28.67
C THR A 9 -44.82 -83.37 28.43
N GLY A 10 -43.99 -82.92 27.51
CA GLY A 10 -43.94 -81.50 27.21
C GLY A 10 -42.93 -80.75 28.07
N PRO A 11 -41.63 -81.07 27.96
CA PRO A 11 -40.59 -80.40 28.71
C PRO A 11 -40.00 -79.21 27.97
N ALA A 12 -39.26 -78.40 28.69
CA ALA A 12 -38.63 -77.22 28.11
C ALA A 12 -37.46 -77.62 27.21
N LEU A 13 -37.00 -76.67 26.41
CA LEU A 13 -35.88 -76.90 25.50
C LEU A 13 -35.25 -75.58 25.10
N THR A 14 -34.00 -75.62 24.71
CA THR A 14 -33.28 -74.43 24.29
C THR A 14 -33.58 -74.12 22.82
N PRO A 15 -33.50 -72.83 22.42
CA PRO A 15 -33.76 -72.41 21.04
C PRO A 15 -32.76 -73.03 20.07
N LEU A 16 -33.26 -73.70 19.06
CA LEU A 16 -32.42 -74.35 18.08
C LEU A 16 -31.81 -73.31 17.13
N VAL A 17 -30.52 -73.11 17.25
CA VAL A 17 -29.83 -72.13 16.43
C VAL A 17 -29.49 -72.71 15.06
N VAL A 18 -30.12 -72.17 14.04
CA VAL A 18 -29.91 -72.60 12.68
C VAL A 18 -30.19 -71.46 11.71
N ALA A 19 -29.24 -71.18 10.84
CA ALA A 19 -29.37 -70.10 9.87
C ALA A 19 -28.26 -70.19 8.83
N ALA A 20 -28.60 -70.74 7.67
CA ALA A 20 -27.64 -70.88 6.59
C ALA A 20 -27.29 -69.52 6.02
N ALA A 21 -26.01 -69.32 5.71
CA ALA A 21 -25.54 -68.05 5.20
C ALA A 21 -24.12 -68.19 4.66
N ALA A 22 -23.82 -67.39 3.65
CA ALA A 22 -22.51 -67.37 3.02
C ALA A 22 -22.37 -66.14 2.14
N THR A 23 -21.27 -65.44 2.27
CA THR A 23 -21.03 -64.25 1.48
C THR A 23 -19.54 -63.97 1.31
N SER A 24 -19.17 -63.53 0.11
CA SER A 24 -17.80 -63.22 -0.22
C SER A 24 -17.76 -62.54 -1.58
N ALA A 25 -16.92 -61.52 -1.71
CA ALA A 25 -16.80 -60.80 -2.97
C ALA A 25 -15.59 -59.87 -2.93
N LYS A 26 -14.77 -59.96 -3.97
CA LYS A 26 -13.60 -59.10 -4.10
C LYS A 26 -13.14 -59.08 -5.55
N VAL A 27 -13.07 -57.91 -6.13
CA VAL A 27 -12.66 -57.75 -7.51
C VAL A 27 -12.02 -56.38 -7.73
N GLU A 28 -11.06 -56.32 -8.63
CA GLU A 28 -10.39 -55.08 -8.96
C GLU A 28 -9.77 -55.18 -10.35
N VAL A 29 -10.38 -54.51 -11.31
CA VAL A 29 -9.92 -54.51 -12.68
C VAL A 29 -9.99 -53.12 -13.30
N ASP A 30 -8.83 -52.52 -13.53
CA ASP A 30 -8.74 -51.19 -14.12
C ASP A 30 -7.32 -50.97 -14.64
N SER A 31 -7.18 -50.03 -15.55
CA SER A 31 -5.88 -49.71 -16.12
C SER A 31 -5.90 -48.29 -16.69
N PRO A 32 -4.99 -47.42 -16.19
CA PRO A 32 -4.90 -46.02 -16.64
C PRO A 32 -4.47 -45.93 -18.12
N PRO A 33 -5.35 -45.41 -18.98
CA PRO A 33 -5.06 -45.26 -20.39
C PRO A 33 -4.36 -43.94 -20.70
N ALA A 34 -3.20 -44.03 -21.33
CA ALA A 34 -2.42 -42.85 -21.67
C ALA A 34 -3.07 -42.10 -22.84
N PRO A 35 -3.45 -40.83 -22.63
CA PRO A 35 -4.08 -40.01 -23.67
C PRO A 35 -3.11 -39.65 -24.78
N VAL A 36 -3.41 -40.09 -25.99
CA VAL A 36 -2.56 -39.82 -27.14
C VAL A 36 -2.95 -38.48 -27.78
N THR A 37 -4.14 -38.01 -27.48
CA THR A 37 -4.63 -36.77 -28.01
C THR A 37 -4.21 -35.61 -27.12
N HIS A 38 -3.42 -34.71 -27.67
CA HIS A 38 -2.95 -33.55 -26.93
C HIS A 38 -3.27 -32.27 -27.67
N GLY A 39 -4.19 -31.51 -27.13
CA GLY A 39 -4.57 -30.26 -27.74
C GLY A 39 -4.56 -29.13 -26.74
N ALA A 40 -3.38 -28.72 -26.33
CA ALA A 40 -3.22 -27.67 -25.35
C ALA A 40 -1.79 -27.15 -25.38
N ALA A 41 -1.45 -26.25 -24.46
CA ALA A 41 -0.12 -25.64 -24.38
C ALA A 41 0.29 -25.06 -25.73
N MET A 42 -0.38 -23.99 -26.13
CA MET A 42 -0.12 -23.37 -27.42
C MET A 42 -0.29 -21.86 -27.30
N PRO A 43 0.79 -21.10 -27.56
CA PRO A 43 0.77 -19.65 -27.46
C PRO A 43 0.13 -19.00 -28.68
N THR A 44 -0.38 -17.79 -28.50
CA THR A 44 -0.98 -17.04 -29.58
C THR A 44 -1.04 -15.55 -29.23
N LEU A 45 -0.90 -14.70 -30.24
CA LEU A 45 -0.97 -13.25 -30.09
C LEU A 45 0.16 -12.72 -29.17
N SER A 46 0.02 -11.47 -28.74
CA SER A 46 1.00 -10.84 -27.89
C SER A 46 0.41 -9.57 -27.29
N SER A 47 0.01 -9.64 -26.03
CA SER A 47 -0.58 -8.52 -25.36
C SER A 47 0.28 -8.06 -24.19
N ALA A 48 0.04 -6.85 -23.73
CA ALA A 48 0.78 -6.27 -22.61
C ALA A 48 0.00 -5.10 -22.03
N THR A 49 0.16 -4.87 -20.73
CA THR A 49 -0.53 -3.78 -20.05
C THR A 49 0.31 -3.22 -18.91
N ALA A 50 0.85 -2.03 -19.14
CA ALA A 50 1.66 -1.33 -18.15
C ALA A 50 1.83 0.12 -18.58
N GLN A 51 0.89 0.94 -18.15
CA GLN A 51 0.88 2.35 -18.52
C GLN A 51 1.74 3.19 -17.58
N PRO A 52 2.83 3.78 -18.09
CA PRO A 52 3.69 4.66 -17.30
C PRO A 52 2.99 5.99 -17.01
N LEU A 53 2.57 6.17 -15.76
CA LEU A 53 1.85 7.36 -15.37
C LEU A 53 2.76 8.34 -14.65
N PRO A 54 2.89 9.56 -15.18
CA PRO A 54 3.68 10.61 -14.55
C PRO A 54 2.90 11.33 -13.45
N VAL A 55 3.62 11.99 -12.54
CA VAL A 55 3.01 12.72 -11.41
C VAL A 55 2.44 11.76 -10.35
N ALA A 56 2.57 12.14 -9.08
CA ALA A 56 2.09 11.32 -7.99
C ALA A 56 1.98 12.15 -6.72
N SER A 57 0.90 11.93 -5.98
CA SER A 57 0.64 12.64 -4.75
C SER A 57 -0.40 11.86 -3.95
N ALA A 58 -0.31 11.90 -2.63
CA ALA A 58 -1.24 11.17 -1.79
C ALA A 58 -2.62 11.83 -1.80
N PRO A 59 -3.61 11.14 -2.37
CA PRO A 59 -4.96 11.62 -2.43
C PRO A 59 -5.85 10.96 -1.38
N VAL A 60 -7.08 11.38 -1.29
CA VAL A 60 -8.03 10.75 -0.40
C VAL A 60 -8.69 9.58 -1.12
N LEU A 61 -9.06 8.57 -0.38
CA LEU A 61 -9.64 7.40 -0.99
C LEU A 61 -11.16 7.51 -1.06
N SER A 62 -11.63 8.09 -2.14
CA SER A 62 -13.05 8.22 -2.36
C SER A 62 -13.48 7.29 -3.48
N ALA A 63 -13.55 6.02 -3.16
CA ALA A 63 -13.98 5.00 -4.10
C ALA A 63 -14.93 4.04 -3.41
N PRO A 64 -15.70 3.23 -4.17
CA PRO A 64 -16.58 2.21 -3.59
C PRO A 64 -15.80 1.26 -2.69
N LEU A 65 -16.12 1.24 -1.41
CA LEU A 65 -15.38 0.46 -0.44
C LEU A 65 -15.53 -1.03 -0.68
N GLY A 66 -14.42 -1.76 -0.57
CA GLY A 66 -14.44 -3.19 -0.75
C GLY A 66 -14.07 -3.59 -2.17
N SER A 67 -14.43 -2.75 -3.12
CA SER A 67 -14.14 -3.00 -4.52
C SER A 67 -12.63 -3.07 -4.79
N HIS A 68 -12.25 -3.83 -5.82
CA HIS A 68 -10.83 -4.00 -6.17
C HIS A 68 -10.19 -2.67 -6.53
N GLU A 69 -10.95 -1.83 -7.23
CA GLU A 69 -10.50 -0.49 -7.60
C GLU A 69 -10.12 0.32 -6.34
N TRP A 70 -10.91 0.14 -5.29
CA TRP A 70 -10.70 0.80 -4.01
C TRP A 70 -9.48 0.20 -3.32
N GLN A 71 -9.36 -1.11 -3.37
CA GLN A 71 -8.25 -1.81 -2.75
C GLN A 71 -6.93 -1.42 -3.43
N GLN A 72 -6.89 -1.47 -4.75
CA GLN A 72 -5.71 -1.05 -5.52
C GLN A 72 -5.28 0.36 -5.16
N THR A 73 -6.24 1.27 -5.10
CA THR A 73 -5.95 2.65 -4.75
C THR A 73 -5.42 2.73 -3.31
N PHE A 74 -6.01 1.90 -2.43
CA PHE A 74 -5.56 1.81 -1.06
C PHE A 74 -4.08 1.39 -1.01
N SER A 75 -3.73 0.35 -1.74
CA SER A 75 -2.36 -0.11 -1.79
C SER A 75 -1.40 0.99 -2.27
N GLN A 76 -1.78 1.66 -3.36
CA GLN A 76 -0.95 2.73 -3.92
C GLN A 76 -0.64 3.82 -2.89
N GLN A 77 -1.67 4.27 -2.17
CA GLN A 77 -1.49 5.32 -1.16
C GLN A 77 -0.57 4.85 -0.03
N VAL A 78 -0.62 3.55 0.29
CA VAL A 78 0.20 3.00 1.36
C VAL A 78 1.63 2.80 0.89
N MET A 79 1.79 2.46 -0.38
CA MET A 79 3.12 2.32 -0.95
C MET A 79 3.85 3.66 -0.88
N LEU A 80 3.15 4.72 -1.27
CA LEU A 80 3.69 6.07 -1.18
C LEU A 80 3.98 6.44 0.28
N PHE A 81 3.05 6.08 1.15
CA PHE A 81 3.18 6.31 2.59
C PHE A 81 4.48 5.73 3.14
N THR A 82 4.77 4.48 2.82
CA THR A 82 5.97 3.82 3.31
C THR A 82 7.23 4.37 2.63
N ARG A 83 7.06 4.99 1.46
CA ARG A 83 8.19 5.59 0.73
C ARG A 83 8.66 6.84 1.44
N GLN A 84 7.72 7.52 2.11
CA GLN A 84 8.02 8.74 2.83
C GLN A 84 8.79 8.43 4.11
N GLY A 85 8.61 7.22 4.61
CA GLY A 85 9.29 6.82 5.82
C GLY A 85 8.56 7.31 7.05
N GLN A 86 7.26 7.48 6.93
CA GLN A 86 6.43 7.94 8.03
C GLN A 86 6.11 6.79 8.99
N GLN A 87 5.10 6.98 9.82
CA GLN A 87 4.71 5.96 10.75
C GLN A 87 3.25 6.10 11.20
N SER A 88 2.61 7.19 10.80
CA SER A 88 1.20 7.39 11.08
C SER A 88 0.55 8.22 9.97
N ALA A 89 -0.66 7.86 9.57
CA ALA A 89 -1.36 8.55 8.50
C ALA A 89 -2.86 8.43 8.66
N GLN A 90 -3.55 9.52 8.33
CA GLN A 90 -5.00 9.54 8.41
C GLN A 90 -5.58 9.37 7.01
N LEU A 91 -6.37 8.33 6.83
CA LEU A 91 -6.98 8.07 5.54
C LEU A 91 -8.45 8.45 5.56
N ARG A 92 -8.82 9.36 4.68
CA ARG A 92 -10.21 9.80 4.53
C ARG A 92 -11.00 8.69 3.82
N LEU A 93 -12.16 8.36 4.39
CA LEU A 93 -13.01 7.30 3.84
C LEU A 93 -14.48 7.61 4.02
N HIS A 94 -15.28 7.08 3.10
CA HIS A 94 -16.72 7.22 3.15
C HIS A 94 -17.38 5.82 3.20
N PRO A 95 -18.58 5.71 3.82
CA PRO A 95 -19.28 6.84 4.42
C PRO A 95 -18.54 7.36 5.65
N GLU A 96 -18.56 8.68 5.85
CA GLU A 96 -17.84 9.34 6.94
C GLU A 96 -18.28 8.93 8.36
N GLU A 97 -19.02 7.86 8.50
CA GLU A 97 -19.37 7.35 9.82
C GLU A 97 -18.06 7.02 10.56
N LEU A 98 -17.28 6.10 9.99
CA LEU A 98 -15.95 5.80 10.50
C LEU A 98 -15.07 7.04 10.38
N GLY A 99 -15.34 7.80 9.32
CA GLY A 99 -14.64 9.05 9.07
C GLY A 99 -13.21 8.92 8.57
N GLN A 100 -12.44 8.05 9.19
CA GLN A 100 -11.04 7.92 8.83
C GLN A 100 -10.47 6.59 9.28
N VAL A 101 -9.22 6.38 8.95
CA VAL A 101 -8.47 5.20 9.34
C VAL A 101 -7.10 5.63 9.81
N HIS A 102 -6.66 5.09 10.93
CA HIS A 102 -5.35 5.42 11.46
C HIS A 102 -4.34 4.37 11.07
N ILE A 103 -3.54 4.65 10.06
CA ILE A 103 -2.55 3.71 9.62
C ILE A 103 -1.21 3.99 10.28
N SER A 104 -0.79 3.07 11.12
CA SER A 104 0.51 3.15 11.74
C SER A 104 1.48 2.28 10.96
N LEU A 105 2.77 2.39 11.23
CA LEU A 105 3.75 1.68 10.43
C LEU A 105 4.99 1.39 11.23
N LYS A 106 5.59 0.26 10.94
CA LYS A 106 6.86 -0.12 11.52
C LYS A 106 7.74 -0.60 10.40
N LEU A 107 8.93 -0.07 10.31
CA LEU A 107 9.82 -0.44 9.23
C LEU A 107 11.20 -0.73 9.77
N ASP A 108 11.51 -2.01 9.87
CA ASP A 108 12.80 -2.47 10.39
C ASP A 108 13.27 -3.65 9.58
N ASP A 109 14.59 -3.75 9.39
CA ASP A 109 15.19 -4.81 8.56
C ASP A 109 14.64 -4.74 7.14
N ASN A 110 13.60 -5.51 6.86
CA ASN A 110 12.94 -5.48 5.57
C ASN A 110 11.47 -5.83 5.74
N GLN A 111 10.93 -5.50 6.91
CA GLN A 111 9.56 -5.85 7.21
C GLN A 111 8.80 -4.63 7.67
N ALA A 112 7.57 -4.51 7.21
CA ALA A 112 6.70 -3.43 7.62
C ALA A 112 5.49 -3.97 8.35
N GLN A 113 5.26 -3.45 9.53
CA GLN A 113 4.12 -3.86 10.34
C GLN A 113 2.95 -2.91 10.11
N LEU A 114 1.87 -3.43 9.56
CA LEU A 114 0.70 -2.63 9.26
C LEU A 114 -0.32 -2.70 10.37
N GLN A 115 -0.42 -1.63 11.13
CA GLN A 115 -1.39 -1.52 12.18
C GLN A 115 -2.43 -0.50 11.76
N MET A 116 -3.69 -0.81 11.95
CA MET A 116 -4.75 0.08 11.53
C MET A 116 -5.87 0.15 12.55
N VAL A 117 -6.07 1.33 13.09
CA VAL A 117 -7.12 1.54 14.04
C VAL A 117 -8.36 2.04 13.33
N SER A 118 -9.43 1.29 13.47
CA SER A 118 -10.69 1.58 12.81
C SER A 118 -11.82 0.83 13.51
N PRO A 119 -13.03 1.41 13.55
CA PRO A 119 -14.20 0.76 14.15
C PRO A 119 -14.59 -0.50 13.37
N HIS A 120 -15.51 -1.27 13.92
CA HIS A 120 -15.91 -2.51 13.27
C HIS A 120 -17.04 -2.27 12.28
N SER A 121 -16.79 -2.70 11.04
CA SER A 121 -17.73 -2.51 9.96
C SER A 121 -17.24 -3.28 8.73
N HIS A 122 -17.95 -3.16 7.60
CA HIS A 122 -17.57 -3.86 6.39
C HIS A 122 -16.22 -3.36 5.87
N VAL A 123 -15.94 -2.06 6.08
CA VAL A 123 -14.66 -1.48 5.66
C VAL A 123 -13.50 -2.17 6.38
N ARG A 124 -13.73 -2.58 7.61
CA ARG A 124 -12.72 -3.27 8.41
C ARG A 124 -12.34 -4.58 7.72
N ALA A 125 -13.34 -5.28 7.21
CA ALA A 125 -13.12 -6.53 6.50
C ALA A 125 -12.42 -6.27 5.17
N ALA A 126 -12.80 -5.18 4.53
CA ALA A 126 -12.18 -4.78 3.27
C ALA A 126 -10.71 -4.39 3.48
N LEU A 127 -10.42 -3.75 4.61
CA LEU A 127 -9.05 -3.39 4.95
C LEU A 127 -8.21 -4.64 5.15
N GLU A 128 -8.80 -5.63 5.83
CA GLU A 128 -8.14 -6.89 6.06
C GLU A 128 -7.90 -7.61 4.75
N ALA A 129 -8.94 -7.68 3.92
CA ALA A 129 -8.86 -8.29 2.59
C ALA A 129 -7.86 -7.58 1.69
N ALA A 130 -7.55 -6.33 2.00
CA ALA A 130 -6.59 -5.57 1.21
C ALA A 130 -5.16 -5.96 1.55
N LEU A 131 -4.96 -6.65 2.67
CA LEU A 131 -3.62 -7.02 3.12
C LEU A 131 -2.96 -8.07 2.20
N PRO A 132 -3.68 -9.18 1.82
CA PRO A 132 -3.13 -10.21 0.93
C PRO A 132 -2.63 -9.62 -0.38
N MET A 133 -3.31 -8.58 -0.85
CA MET A 133 -2.94 -7.93 -2.10
C MET A 133 -1.79 -6.95 -1.85
N LEU A 134 -1.83 -6.30 -0.69
CA LEU A 134 -0.86 -5.30 -0.32
C LEU A 134 0.53 -5.91 -0.18
N ARG A 135 0.60 -7.06 0.51
CA ARG A 135 1.87 -7.76 0.71
C ARG A 135 2.45 -8.25 -0.62
N THR A 136 1.65 -8.26 -1.66
CA THR A 136 2.13 -8.64 -2.98
C THR A 136 2.78 -7.45 -3.65
N GLN A 137 2.11 -6.29 -3.56
CA GLN A 137 2.60 -5.06 -4.16
C GLN A 137 3.89 -4.61 -3.50
N LEU A 138 3.92 -4.71 -2.18
CA LEU A 138 5.10 -4.31 -1.42
C LEU A 138 6.25 -5.28 -1.63
N ALA A 139 5.94 -6.56 -1.86
CA ALA A 139 6.97 -7.56 -2.09
C ALA A 139 7.73 -7.26 -3.38
N GLU A 140 7.00 -6.75 -4.36
CA GLU A 140 7.58 -6.40 -5.66
C GLU A 140 8.39 -5.10 -5.54
N SER A 141 8.28 -4.45 -4.40
CA SER A 141 9.00 -3.22 -4.15
C SER A 141 10.16 -3.48 -3.19
N GLY A 142 10.19 -4.68 -2.61
CA GLY A 142 11.25 -5.03 -1.68
C GLY A 142 10.87 -4.78 -0.24
N ILE A 143 9.62 -5.06 0.10
CA ILE A 143 9.12 -4.87 1.45
C ILE A 143 8.28 -6.09 1.86
N GLN A 144 8.49 -6.56 3.08
CA GLN A 144 7.73 -7.71 3.57
C GLN A 144 6.83 -7.29 4.71
N LEU A 145 5.54 -7.32 4.49
CA LEU A 145 4.60 -6.96 5.54
C LEU A 145 4.62 -8.03 6.63
N GLY A 146 5.20 -7.69 7.76
CA GLY A 146 5.30 -8.63 8.86
C GLY A 146 3.99 -8.78 9.61
N GLN A 147 3.99 -8.37 10.86
CA GLN A 147 2.78 -8.47 11.67
C GLN A 147 1.75 -7.46 11.18
N SER A 148 0.51 -7.70 11.52
CA SER A 148 -0.57 -6.82 11.11
C SER A 148 -1.65 -6.80 12.18
N SER A 149 -2.31 -5.67 12.31
CA SER A 149 -3.38 -5.53 13.28
C SER A 149 -4.42 -4.55 12.79
N ILE A 150 -5.68 -4.88 13.01
CA ILE A 150 -6.79 -4.03 12.62
C ILE A 150 -7.85 -4.08 13.71
N SER A 151 -7.84 -3.12 14.59
CA SER A 151 -8.79 -3.14 15.70
C SER A 151 -9.32 -1.75 16.02
N SER A 152 -10.45 -1.72 16.70
CA SER A 152 -11.08 -0.49 17.09
C SER A 152 -10.52 0.01 18.42
N GLU A 153 -9.70 1.06 18.34
CA GLU A 153 -9.06 1.68 19.51
C GLU A 153 -8.05 0.74 20.16
N SER A 154 -8.54 -0.17 20.98
CA SER A 154 -7.68 -1.13 21.66
C SER A 154 -7.66 -2.43 20.86
N PHE A 155 -6.71 -3.29 21.15
CA PHE A 155 -6.58 -4.56 20.44
C PHE A 155 -7.61 -5.55 20.98
N ALA A 156 -8.42 -6.09 20.09
CA ALA A 156 -9.44 -7.05 20.48
C ALA A 156 -8.84 -8.43 20.64
N GLY A 157 -9.00 -9.00 21.83
CA GLY A 157 -8.48 -10.32 22.11
C GLY A 157 -9.57 -11.36 22.18
N GLN A 158 -9.22 -12.54 22.65
CA GLN A 158 -10.16 -13.64 22.77
C GLN A 158 -9.66 -14.66 23.77
N GLN A 159 -10.49 -15.64 24.07
CA GLN A 159 -10.14 -16.69 25.01
C GLN A 159 -11.02 -17.92 24.77
N GLN A 160 -10.51 -19.09 25.12
CA GLN A 160 -11.24 -20.31 24.88
C GLN A 160 -10.91 -21.36 25.93
N SER A 161 -11.67 -22.43 25.94
CA SER A 161 -11.49 -23.51 26.90
C SER A 161 -12.10 -24.81 26.39
N SER A 162 -11.77 -25.92 27.05
CA SER A 162 -12.29 -27.23 26.67
C SER A 162 -11.91 -28.26 27.73
N SER A 163 -12.83 -29.14 28.05
CA SER A 163 -12.59 -30.18 29.04
C SER A 163 -13.16 -31.51 28.59
N GLN A 164 -12.94 -32.55 29.39
CA GLN A 164 -13.42 -33.89 29.11
C GLN A 164 -13.68 -34.61 30.42
N GLN A 165 -14.29 -35.78 30.33
CA GLN A 165 -14.60 -36.55 31.52
C GLN A 165 -14.83 -38.00 31.14
N GLN A 166 -13.81 -38.80 31.29
CA GLN A 166 -13.90 -40.21 30.99
C GLN A 166 -14.08 -41.00 32.29
N SER A 167 -14.53 -42.24 32.19
CA SER A 167 -14.76 -43.09 33.34
C SER A 167 -14.79 -44.55 32.92
N SER A 168 -14.67 -45.45 33.89
CA SER A 168 -14.64 -46.88 33.61
C SER A 168 -14.94 -47.66 34.90
N ARG A 169 -14.74 -48.97 34.85
CA ARG A 169 -14.97 -49.81 36.00
C ARG A 169 -13.74 -49.84 36.90
N HIS A 1 -79.73 37.62 -60.65
CA HIS A 1 -79.19 38.84 -60.03
C HIS A 1 -77.82 39.14 -60.58
N MET A 2 -77.56 40.41 -60.86
CA MET A 2 -76.27 40.82 -61.39
C MET A 2 -76.00 42.30 -61.13
N ALA A 3 -74.73 42.66 -61.13
CA ALA A 3 -74.28 44.01 -60.91
C ALA A 3 -72.78 44.10 -61.15
N SER A 4 -72.41 44.32 -62.39
CA SER A 4 -71.02 44.38 -62.78
C SER A 4 -70.38 45.74 -62.44
N ASP A 5 -69.81 45.83 -61.26
CA ASP A 5 -69.13 47.05 -60.84
C ASP A 5 -67.72 47.07 -61.38
N ASP A 6 -67.00 45.97 -61.12
CA ASP A 6 -65.62 45.76 -61.59
C ASP A 6 -64.64 46.79 -61.05
N ARG A 7 -64.52 47.89 -61.75
CA ARG A 7 -63.56 48.93 -61.40
C ARG A 7 -64.08 50.28 -61.88
N ALA A 8 -63.53 51.35 -61.33
CA ALA A 8 -63.92 52.69 -61.73
C ALA A 8 -63.38 53.00 -63.13
N THR A 9 -64.04 53.90 -63.82
CA THR A 9 -63.64 54.27 -65.16
C THR A 9 -62.68 55.48 -65.12
N GLY A 10 -61.88 55.62 -66.16
CA GLY A 10 -60.94 56.71 -66.24
C GLY A 10 -59.98 56.53 -67.39
N PRO A 11 -59.01 57.42 -67.57
CA PRO A 11 -58.00 57.31 -68.62
C PRO A 11 -57.05 56.17 -68.35
N ALA A 12 -56.57 55.54 -69.39
CA ALA A 12 -55.65 54.44 -69.25
C ALA A 12 -54.28 54.94 -68.81
N LEU A 13 -53.82 54.45 -67.67
CA LEU A 13 -52.53 54.86 -67.14
C LEU A 13 -51.41 54.13 -67.84
N THR A 14 -50.49 54.89 -68.39
CA THR A 14 -49.38 54.32 -69.11
C THR A 14 -48.28 53.87 -68.14
N PRO A 15 -47.90 52.59 -68.20
CA PRO A 15 -46.86 52.03 -67.32
C PRO A 15 -45.47 52.54 -67.69
N LEU A 16 -44.48 52.13 -66.91
CA LEU A 16 -43.11 52.56 -67.15
C LEU A 16 -42.15 51.59 -66.47
N VAL A 17 -40.88 51.74 -66.79
CA VAL A 17 -39.85 50.91 -66.22
C VAL A 17 -38.54 51.71 -66.15
N VAL A 18 -37.73 51.44 -65.15
CA VAL A 18 -36.49 52.15 -64.97
C VAL A 18 -35.39 51.25 -64.43
N ALA A 19 -34.39 51.02 -65.27
CA ALA A 19 -33.24 50.21 -64.90
C ALA A 19 -32.33 50.96 -63.93
N ALA A 20 -31.23 50.33 -63.53
CA ALA A 20 -30.30 50.93 -62.59
C ALA A 20 -28.96 50.21 -62.61
N ALA A 21 -27.91 50.94 -63.00
CA ALA A 21 -26.57 50.38 -63.03
C ALA A 21 -26.03 50.17 -61.62
N ALA A 22 -24.98 49.36 -61.51
CA ALA A 22 -24.38 49.07 -60.21
C ALA A 22 -23.01 48.43 -60.39
N THR A 23 -22.30 48.23 -59.29
CA THR A 23 -20.99 47.63 -59.34
C THR A 23 -20.68 46.93 -58.01
N SER A 24 -19.65 46.10 -58.00
CA SER A 24 -19.27 45.35 -56.81
C SER A 24 -18.59 46.27 -55.79
N ALA A 25 -18.45 45.76 -54.56
CA ALA A 25 -17.81 46.50 -53.48
C ALA A 25 -17.53 45.57 -52.32
N LYS A 26 -16.36 45.72 -51.71
CA LYS A 26 -15.99 44.89 -50.58
C LYS A 26 -14.87 45.52 -49.79
N VAL A 27 -14.48 44.85 -48.73
CA VAL A 27 -13.38 45.26 -47.91
C VAL A 27 -12.70 44.01 -47.37
N GLU A 28 -11.39 43.98 -47.46
CA GLU A 28 -10.64 42.80 -47.06
C GLU A 28 -9.24 43.18 -46.59
N VAL A 29 -9.12 44.40 -46.09
CA VAL A 29 -7.84 44.90 -45.60
C VAL A 29 -8.00 45.51 -44.22
N ASP A 30 -6.87 45.66 -43.53
CA ASP A 30 -6.84 46.22 -42.19
C ASP A 30 -5.45 46.76 -41.90
N SER A 31 -5.21 47.13 -40.65
CA SER A 31 -3.91 47.68 -40.28
C SER A 31 -2.89 46.57 -40.09
N PRO A 32 -1.61 46.83 -40.43
CA PRO A 32 -0.52 45.87 -40.26
C PRO A 32 -0.30 45.52 -38.78
N PRO A 33 0.45 44.44 -38.48
CA PRO A 33 0.73 44.01 -37.11
C PRO A 33 1.22 45.16 -36.23
N ALA A 34 0.42 45.54 -35.25
CA ALA A 34 0.78 46.61 -34.35
C ALA A 34 1.88 46.18 -33.40
N PRO A 35 2.99 46.92 -33.37
CA PRO A 35 4.11 46.62 -32.48
C PRO A 35 3.69 46.68 -31.01
N VAL A 36 3.63 45.51 -30.38
CA VAL A 36 3.25 45.42 -28.98
C VAL A 36 4.47 45.62 -28.09
N THR A 37 4.25 46.18 -26.91
CA THR A 37 5.32 46.43 -25.98
C THR A 37 5.56 45.21 -25.09
N HIS A 38 4.48 44.56 -24.68
CA HIS A 38 4.59 43.39 -23.82
C HIS A 38 3.86 42.20 -24.42
N GLY A 39 4.35 41.01 -24.13
CA GLY A 39 3.73 39.82 -24.63
C GLY A 39 3.40 38.86 -23.50
N ALA A 40 4.42 38.16 -23.02
CA ALA A 40 4.23 37.20 -21.94
C ALA A 40 5.58 36.78 -21.34
N ALA A 41 6.61 37.58 -21.59
CA ALA A 41 7.94 37.29 -21.08
C ALA A 41 8.02 37.57 -19.58
N MET A 42 7.16 38.45 -19.11
CA MET A 42 7.13 38.83 -17.71
C MET A 42 5.72 39.31 -17.35
N PRO A 43 5.37 39.34 -16.04
CA PRO A 43 4.04 39.78 -15.59
C PRO A 43 3.59 41.08 -16.26
N THR A 44 4.40 42.13 -16.11
CA THR A 44 4.12 43.44 -16.70
C THR A 44 2.82 44.04 -16.09
N LEU A 45 2.47 45.25 -16.52
CA LEU A 45 1.24 45.87 -16.04
C LEU A 45 0.04 45.25 -16.75
N SER A 46 -1.11 45.24 -16.07
CA SER A 46 -2.34 44.66 -16.58
C SER A 46 -2.23 43.13 -16.58
N SER A 47 -3.15 42.45 -17.25
CA SER A 47 -3.18 40.99 -17.35
C SER A 47 -3.51 40.36 -15.98
N ALA A 48 -4.66 39.72 -15.90
CA ALA A 48 -5.11 39.13 -14.65
C ALA A 48 -6.17 38.06 -14.91
N THR A 49 -6.93 37.72 -13.86
CA THR A 49 -7.98 36.70 -13.93
C THR A 49 -7.39 35.29 -13.99
N ALA A 50 -6.56 35.02 -14.98
CA ALA A 50 -5.90 33.75 -15.10
C ALA A 50 -4.73 33.67 -14.12
N GLN A 51 -5.05 33.50 -12.84
CA GLN A 51 -4.05 33.40 -11.80
C GLN A 51 -3.63 31.96 -11.59
N PRO A 52 -2.33 31.70 -11.35
CA PRO A 52 -1.86 30.36 -11.03
C PRO A 52 -2.43 29.90 -9.69
N LEU A 53 -3.39 29.02 -9.73
CA LEU A 53 -4.06 28.57 -8.53
C LEU A 53 -3.39 27.35 -7.93
N PRO A 54 -3.32 27.29 -6.60
CA PRO A 54 -2.73 26.15 -5.89
C PRO A 54 -3.66 24.95 -5.88
N VAL A 55 -3.17 23.83 -5.39
CA VAL A 55 -3.97 22.62 -5.34
C VAL A 55 -4.88 22.61 -4.13
N ALA A 56 -5.92 21.80 -4.17
CA ALA A 56 -6.84 21.65 -3.07
C ALA A 56 -6.21 20.82 -1.96
N SER A 57 -7.03 20.35 -1.02
CA SER A 57 -6.54 19.52 0.05
C SER A 57 -6.20 18.12 -0.49
N ALA A 58 -5.55 17.30 0.31
CA ALA A 58 -5.10 15.98 -0.13
C ALA A 58 -6.31 15.11 -0.51
N PRO A 59 -6.26 14.50 -1.71
CA PRO A 59 -7.35 13.66 -2.22
C PRO A 59 -7.75 12.57 -1.23
N VAL A 60 -9.04 12.54 -0.91
CA VAL A 60 -9.56 11.57 0.02
C VAL A 60 -9.95 10.29 -0.70
N LEU A 61 -10.12 9.22 0.05
CA LEU A 61 -10.47 7.95 -0.53
C LEU A 61 -11.99 7.77 -0.60
N SER A 62 -12.53 7.93 -1.77
CA SER A 62 -13.96 7.78 -1.96
C SER A 62 -14.23 6.71 -3.00
N ALA A 63 -14.04 5.48 -2.60
CA ALA A 63 -14.26 4.35 -3.45
C ALA A 63 -15.00 3.27 -2.69
N PRO A 64 -15.74 2.39 -3.39
CA PRO A 64 -16.47 1.31 -2.74
C PRO A 64 -15.51 0.36 -2.02
N LEU A 65 -15.63 0.30 -0.70
CA LEU A 65 -14.76 -0.52 0.11
C LEU A 65 -15.10 -1.98 -0.06
N GLY A 66 -14.26 -2.68 -0.80
CA GLY A 66 -14.49 -4.08 -1.06
C GLY A 66 -14.08 -4.42 -2.46
N SER A 67 -14.42 -3.54 -3.40
CA SER A 67 -14.05 -3.71 -4.79
C SER A 67 -12.53 -3.74 -4.93
N HIS A 68 -12.03 -4.51 -5.89
CA HIS A 68 -10.59 -4.63 -6.09
C HIS A 68 -9.98 -3.26 -6.44
N GLU A 69 -10.79 -2.42 -7.07
CA GLU A 69 -10.40 -1.05 -7.42
C GLU A 69 -10.01 -0.27 -6.16
N TRP A 70 -10.69 -0.54 -5.07
CA TRP A 70 -10.39 0.11 -3.80
C TRP A 70 -9.05 -0.36 -3.30
N GLN A 71 -8.80 -1.66 -3.40
CA GLN A 71 -7.51 -2.24 -3.00
C GLN A 71 -6.39 -1.59 -3.81
N GLN A 72 -6.60 -1.48 -5.12
CA GLN A 72 -5.65 -0.82 -6.01
C GLN A 72 -5.30 0.57 -5.51
N THR A 73 -6.32 1.35 -5.18
CA THR A 73 -6.14 2.70 -4.70
C THR A 73 -5.48 2.70 -3.32
N PHE A 74 -5.97 1.82 -2.44
CA PHE A 74 -5.43 1.68 -1.09
C PHE A 74 -3.94 1.39 -1.12
N SER A 75 -3.52 0.50 -2.01
CA SER A 75 -2.12 0.18 -2.15
C SER A 75 -1.30 1.43 -2.48
N GLN A 76 -1.80 2.22 -3.44
CA GLN A 76 -1.11 3.45 -3.86
C GLN A 76 -0.81 4.37 -2.68
N GLN A 77 -1.83 4.67 -1.88
CA GLN A 77 -1.67 5.57 -0.74
C GLN A 77 -0.66 5.02 0.27
N VAL A 78 -0.60 3.70 0.41
CA VAL A 78 0.30 3.08 1.38
C VAL A 78 1.73 3.04 0.83
N MET A 79 1.86 2.71 -0.45
CA MET A 79 3.17 2.69 -1.09
C MET A 79 3.74 4.10 -1.11
N LEU A 80 2.88 5.07 -1.28
CA LEU A 80 3.27 6.47 -1.27
C LEU A 80 3.96 6.82 0.07
N PHE A 81 3.40 6.34 1.18
CA PHE A 81 3.96 6.60 2.51
C PHE A 81 5.43 6.16 2.59
N THR A 82 5.69 4.89 2.29
CA THR A 82 7.05 4.35 2.36
C THR A 82 7.99 5.04 1.37
N ARG A 83 7.45 5.51 0.24
CA ARG A 83 8.26 6.22 -0.75
C ARG A 83 8.66 7.60 -0.25
N GLN A 84 7.75 8.27 0.44
CA GLN A 84 8.01 9.60 0.97
C GLN A 84 8.95 9.54 2.17
N GLY A 85 8.85 8.47 2.93
CA GLY A 85 9.70 8.31 4.08
C GLY A 85 8.93 8.28 5.37
N GLN A 86 7.64 8.60 5.27
CA GLN A 86 6.77 8.59 6.43
C GLN A 86 6.30 7.16 6.71
N GLN A 87 5.32 7.01 7.58
CA GLN A 87 4.83 5.69 7.94
C GLN A 87 3.46 5.79 8.60
N SER A 88 3.23 6.83 9.38
CA SER A 88 1.96 7.06 10.01
C SER A 88 1.19 8.10 9.20
N ALA A 89 -0.11 7.88 9.01
CA ALA A 89 -0.92 8.81 8.23
C ALA A 89 -2.40 8.61 8.50
N GLN A 90 -3.10 9.70 8.70
CA GLN A 90 -4.53 9.65 8.87
C GLN A 90 -5.20 10.27 7.66
N LEU A 91 -5.93 9.48 6.93
CA LEU A 91 -6.62 9.97 5.75
C LEU A 91 -8.12 9.89 5.94
N ARG A 92 -8.84 10.67 5.16
CA ARG A 92 -10.29 10.69 5.26
C ARG A 92 -10.91 9.58 4.43
N LEU A 93 -12.12 9.21 4.79
CA LEU A 93 -12.82 8.11 4.14
C LEU A 93 -14.29 8.43 3.97
N HIS A 94 -14.88 7.91 2.91
CA HIS A 94 -16.31 8.06 2.66
C HIS A 94 -17.02 6.72 2.78
N PRO A 95 -18.14 6.66 3.52
CA PRO A 95 -18.72 7.82 4.22
C PRO A 95 -17.91 8.20 5.45
N GLU A 96 -17.91 9.48 5.81
CA GLU A 96 -17.15 10.01 6.95
C GLU A 96 -17.66 9.53 8.32
N GLU A 97 -18.40 8.43 8.37
CA GLU A 97 -18.84 7.89 9.65
C GLU A 97 -17.64 7.62 10.56
N LEU A 98 -16.68 6.85 10.06
CA LEU A 98 -15.42 6.60 10.77
C LEU A 98 -14.62 7.90 10.89
N GLY A 99 -14.87 8.79 9.95
CA GLY A 99 -14.20 10.08 9.89
C GLY A 99 -12.80 10.00 9.32
N GLN A 100 -12.03 9.03 9.75
CA GLN A 100 -10.68 8.86 9.28
C GLN A 100 -10.18 7.45 9.54
N VAL A 101 -8.97 7.18 9.10
CA VAL A 101 -8.32 5.89 9.29
C VAL A 101 -6.90 6.11 9.76
N HIS A 102 -6.48 5.36 10.76
CA HIS A 102 -5.13 5.49 11.29
C HIS A 102 -4.27 4.35 10.82
N ILE A 103 -3.44 4.61 9.83
CA ILE A 103 -2.53 3.61 9.34
C ILE A 103 -1.15 3.83 9.95
N SER A 104 -0.70 2.88 10.73
CA SER A 104 0.60 2.97 11.35
C SER A 104 1.46 1.78 10.92
N LEU A 105 2.11 1.91 9.78
CA LEU A 105 3.00 0.89 9.29
C LEU A 105 4.40 1.11 9.82
N LYS A 106 4.86 0.18 10.63
CA LYS A 106 6.19 0.24 11.22
C LYS A 106 7.13 -0.65 10.44
N LEU A 107 8.42 -0.37 10.51
CA LEU A 107 9.38 -1.09 9.70
C LEU A 107 10.57 -1.53 10.53
N ASP A 108 10.98 -2.77 10.33
CA ASP A 108 12.14 -3.33 11.01
C ASP A 108 12.82 -4.33 10.10
N ASP A 109 14.15 -4.23 10.01
CA ASP A 109 14.95 -5.06 9.10
C ASP A 109 14.40 -5.06 7.66
N ASN A 110 13.53 -6.02 7.36
CA ASN A 110 12.92 -6.10 6.03
C ASN A 110 11.47 -6.51 6.16
N GLN A 111 10.91 -6.30 7.35
CA GLN A 111 9.56 -6.72 7.64
C GLN A 111 8.81 -5.56 8.29
N ALA A 112 7.59 -5.36 7.88
CA ALA A 112 6.82 -4.26 8.37
C ALA A 112 5.61 -4.71 9.17
N GLN A 113 5.33 -3.97 10.24
CA GLN A 113 4.17 -4.20 11.06
C GLN A 113 3.04 -3.27 10.62
N LEU A 114 1.98 -3.83 10.10
CA LEU A 114 0.87 -3.06 9.63
C LEU A 114 -0.21 -2.97 10.71
N GLN A 115 -0.31 -1.80 11.31
CA GLN A 115 -1.32 -1.56 12.33
C GLN A 115 -2.46 -0.72 11.77
N MET A 116 -3.67 -1.20 11.94
CA MET A 116 -4.85 -0.48 11.48
C MET A 116 -5.95 -0.54 12.52
N VAL A 117 -6.68 0.54 12.63
CA VAL A 117 -7.77 0.61 13.56
C VAL A 117 -9.08 0.92 12.84
N SER A 118 -10.03 0.03 12.99
CA SER A 118 -11.33 0.18 12.37
C SER A 118 -12.35 -0.68 13.12
N PRO A 119 -13.60 -0.22 13.21
CA PRO A 119 -14.68 -0.95 13.91
C PRO A 119 -15.03 -2.25 13.17
N HIS A 120 -15.88 -3.07 13.77
CA HIS A 120 -16.24 -4.33 13.12
C HIS A 120 -17.46 -4.11 12.25
N SER A 121 -17.25 -4.23 10.95
CA SER A 121 -18.27 -4.02 9.97
C SER A 121 -17.73 -4.43 8.60
N HIS A 122 -18.45 -4.09 7.55
CA HIS A 122 -18.04 -4.44 6.20
C HIS A 122 -16.74 -3.76 5.83
N VAL A 123 -16.47 -2.61 6.44
CA VAL A 123 -15.22 -1.91 6.22
C VAL A 123 -14.04 -2.75 6.69
N ARG A 124 -14.17 -3.31 7.88
CA ARG A 124 -13.10 -4.11 8.46
C ARG A 124 -12.84 -5.33 7.61
N ALA A 125 -13.90 -5.92 7.08
CA ALA A 125 -13.81 -7.07 6.20
C ALA A 125 -12.92 -6.73 5.00
N ALA A 126 -13.24 -5.62 4.36
CA ALA A 126 -12.49 -5.16 3.20
C ALA A 126 -11.05 -4.78 3.58
N LEU A 127 -10.88 -4.13 4.71
CA LEU A 127 -9.54 -3.74 5.16
C LEU A 127 -8.67 -4.96 5.43
N GLU A 128 -9.26 -5.99 6.03
CA GLU A 128 -8.54 -7.20 6.33
C GLU A 128 -8.24 -7.96 5.04
N ALA A 129 -9.24 -8.06 4.17
CA ALA A 129 -9.08 -8.69 2.87
C ALA A 129 -8.05 -7.96 2.00
N ALA A 130 -7.85 -6.69 2.27
CA ALA A 130 -6.92 -5.89 1.50
C ALA A 130 -5.46 -6.19 1.83
N LEU A 131 -5.22 -6.91 2.93
CA LEU A 131 -3.85 -7.21 3.37
C LEU A 131 -3.08 -8.08 2.36
N PRO A 132 -3.61 -9.26 1.93
CA PRO A 132 -2.93 -10.13 0.96
C PRO A 132 -2.68 -9.42 -0.38
N MET A 133 -3.50 -8.41 -0.68
CA MET A 133 -3.34 -7.66 -1.91
C MET A 133 -2.24 -6.62 -1.73
N LEU A 134 -2.22 -6.02 -0.55
CA LEU A 134 -1.26 -4.96 -0.21
C LEU A 134 0.16 -5.51 -0.12
N ARG A 135 0.30 -6.65 0.55
CA ARG A 135 1.60 -7.30 0.77
C ARG A 135 2.37 -7.51 -0.54
N THR A 136 1.65 -7.85 -1.62
CA THR A 136 2.33 -8.11 -2.89
C THR A 136 2.81 -6.81 -3.53
N GLN A 137 2.08 -5.71 -3.30
CA GLN A 137 2.46 -4.42 -3.84
C GLN A 137 3.71 -3.91 -3.13
N LEU A 138 3.69 -3.98 -1.81
CA LEU A 138 4.81 -3.53 -0.99
C LEU A 138 6.03 -4.42 -1.18
N ALA A 139 5.78 -5.67 -1.55
CA ALA A 139 6.86 -6.63 -1.77
C ALA A 139 7.78 -6.16 -2.89
N GLU A 140 7.21 -5.48 -3.88
CA GLU A 140 7.99 -4.96 -5.01
C GLU A 140 8.95 -3.86 -4.56
N SER A 141 8.65 -3.23 -3.44
CA SER A 141 9.46 -2.16 -2.92
C SER A 141 10.41 -2.65 -1.83
N GLY A 142 10.39 -3.94 -1.56
CA GLY A 142 11.26 -4.50 -0.55
C GLY A 142 10.66 -4.39 0.83
N ILE A 143 9.40 -4.73 0.95
CA ILE A 143 8.69 -4.70 2.21
C ILE A 143 7.88 -5.99 2.38
N GLN A 144 7.96 -6.59 3.55
CA GLN A 144 7.24 -7.81 3.82
C GLN A 144 6.45 -7.67 5.11
N LEU A 145 5.15 -7.75 5.00
CA LEU A 145 4.28 -7.63 6.16
C LEU A 145 4.41 -8.86 7.05
N GLY A 146 5.08 -8.68 8.17
CA GLY A 146 5.24 -9.75 9.11
C GLY A 146 4.18 -9.72 10.17
N GLN A 147 4.09 -8.60 10.85
CA GLN A 147 3.10 -8.40 11.87
C GLN A 147 1.98 -7.51 11.36
N SER A 148 0.76 -7.84 11.70
CA SER A 148 -0.39 -7.05 11.30
C SER A 148 -1.42 -7.07 12.40
N SER A 149 -2.09 -5.96 12.60
CA SER A 149 -3.11 -5.87 13.64
C SER A 149 -4.26 -4.98 13.17
N ILE A 150 -5.48 -5.43 13.44
CA ILE A 150 -6.67 -4.69 13.08
C ILE A 150 -7.64 -4.69 14.25
N SER A 151 -7.66 -3.60 14.98
CA SER A 151 -8.52 -3.49 16.15
C SER A 151 -9.50 -2.34 16.00
N SER A 152 -10.61 -2.45 16.71
CA SER A 152 -11.63 -1.42 16.71
C SER A 152 -11.31 -0.38 17.78
N GLU A 153 -10.14 0.25 17.64
CA GLU A 153 -9.62 1.22 18.60
C GLU A 153 -9.21 0.50 19.87
N SER A 154 -10.18 0.26 20.73
CA SER A 154 -9.97 -0.47 21.96
C SER A 154 -11.30 -1.07 22.41
N PHE A 155 -12.18 -1.28 21.44
CA PHE A 155 -13.52 -1.80 21.70
C PHE A 155 -13.50 -3.31 21.93
N ALA A 156 -13.76 -3.72 23.16
CA ALA A 156 -13.86 -5.11 23.49
C ALA A 156 -15.30 -5.60 23.32
N GLY A 157 -15.58 -6.21 22.19
CA GLY A 157 -16.90 -6.71 21.93
C GLY A 157 -17.04 -8.18 22.23
N GLN A 158 -18.10 -8.55 22.93
CA GLN A 158 -18.34 -9.94 23.32
C GLN A 158 -19.83 -10.19 23.49
N GLN A 159 -20.43 -10.87 22.54
CA GLN A 159 -21.83 -11.23 22.65
C GLN A 159 -21.98 -12.40 23.61
N GLN A 160 -22.96 -12.31 24.50
CA GLN A 160 -23.14 -13.33 25.52
C GLN A 160 -24.61 -13.60 25.76
N SER A 161 -24.92 -14.80 26.21
CA SER A 161 -26.29 -15.19 26.49
C SER A 161 -26.35 -16.11 27.70
N SER A 162 -25.53 -17.17 27.69
CA SER A 162 -25.48 -18.15 28.78
C SER A 162 -26.79 -18.93 28.87
N SER A 163 -27.43 -19.11 27.72
CA SER A 163 -28.68 -19.82 27.64
C SER A 163 -28.45 -21.32 27.52
N GLN A 164 -29.35 -22.10 28.11
CA GLN A 164 -29.26 -23.56 28.10
C GLN A 164 -30.66 -24.15 28.07
N GLN A 165 -30.77 -25.45 28.26
CA GLN A 165 -32.05 -26.12 28.24
C GLN A 165 -31.98 -27.47 28.94
N GLN A 166 -32.72 -27.58 30.02
CA GLN A 166 -32.80 -28.83 30.76
C GLN A 166 -34.09 -29.54 30.34
N SER A 167 -34.21 -30.81 30.67
CA SER A 167 -35.39 -31.57 30.31
C SER A 167 -35.55 -32.78 31.22
N SER A 168 -36.61 -32.76 32.00
CA SER A 168 -36.93 -33.84 32.91
C SER A 168 -38.39 -33.76 33.32
N ARG A 169 -39.09 -34.87 33.21
CA ARG A 169 -40.48 -34.92 33.59
C ARG A 169 -40.62 -35.29 35.07
N HIS A 1 26.26 79.31 10.23
CA HIS A 1 27.20 78.68 11.18
C HIS A 1 28.20 77.80 10.44
N MET A 2 27.69 76.91 9.61
CA MET A 2 28.52 76.03 8.82
C MET A 2 28.87 76.68 7.48
N ALA A 3 29.32 75.88 6.53
CA ALA A 3 29.69 76.37 5.21
C ALA A 3 29.88 75.21 4.25
N SER A 4 29.02 75.13 3.25
CA SER A 4 29.07 74.07 2.26
C SER A 4 28.36 74.50 0.99
N ASP A 5 29.06 74.40 -0.13
CA ASP A 5 28.51 74.77 -1.42
C ASP A 5 27.67 73.62 -1.98
N ASP A 6 28.27 72.42 -2.01
CA ASP A 6 27.59 71.18 -2.44
C ASP A 6 27.17 71.19 -3.92
N ARG A 7 27.85 71.97 -4.74
CA ARG A 7 27.54 72.01 -6.16
C ARG A 7 27.93 70.70 -6.84
N ALA A 8 27.29 70.39 -7.94
CA ALA A 8 27.55 69.18 -8.69
C ALA A 8 26.98 69.29 -10.10
N THR A 9 27.25 70.42 -10.73
CA THR A 9 26.75 70.67 -12.07
C THR A 9 27.70 70.08 -13.12
N GLY A 10 27.47 68.83 -13.46
CA GLY A 10 28.29 68.19 -14.45
C GLY A 10 27.50 67.76 -15.66
N PRO A 11 28.01 66.81 -16.44
CA PRO A 11 27.33 66.31 -17.63
C PRO A 11 26.30 65.25 -17.29
N ALA A 12 25.52 64.83 -18.28
CA ALA A 12 24.50 63.82 -18.07
C ALA A 12 23.99 63.29 -19.40
N LEU A 13 23.91 61.98 -19.52
CA LEU A 13 23.39 61.35 -20.73
C LEU A 13 21.88 61.33 -20.70
N THR A 14 21.26 61.57 -21.82
CA THR A 14 19.82 61.59 -21.91
C THR A 14 19.26 60.19 -22.16
N PRO A 15 18.44 59.68 -21.24
CA PRO A 15 17.83 58.37 -21.38
C PRO A 15 16.63 58.43 -22.34
N LEU A 16 16.46 57.38 -23.11
CA LEU A 16 15.37 57.33 -24.08
C LEU A 16 15.08 55.91 -24.47
N VAL A 17 13.86 55.66 -24.89
CA VAL A 17 13.43 54.34 -25.30
C VAL A 17 12.41 54.46 -26.42
N VAL A 18 12.50 53.56 -27.39
CA VAL A 18 11.60 53.56 -28.51
C VAL A 18 10.31 52.83 -28.14
N ALA A 19 9.21 53.55 -28.12
CA ALA A 19 7.92 53.00 -27.76
C ALA A 19 6.80 53.97 -28.13
N ALA A 20 6.19 53.73 -29.27
CA ALA A 20 5.09 54.56 -29.74
C ALA A 20 3.83 54.29 -28.94
N ALA A 21 3.45 53.03 -28.87
CA ALA A 21 2.24 52.62 -28.15
C ALA A 21 2.22 51.10 -28.01
N ALA A 22 1.73 50.63 -26.87
CA ALA A 22 1.66 49.19 -26.58
C ALA A 22 0.76 48.92 -25.40
N THR A 23 -0.33 48.23 -25.64
CA THR A 23 -1.27 47.87 -24.59
C THR A 23 -1.99 46.59 -24.97
N SER A 24 -1.26 45.69 -25.62
CA SER A 24 -1.79 44.42 -26.04
C SER A 24 -2.01 43.50 -24.85
N ALA A 25 -3.22 43.51 -24.32
CA ALA A 25 -3.59 42.69 -23.18
C ALA A 25 -5.10 42.68 -23.01
N LYS A 26 -5.76 41.91 -23.86
CA LYS A 26 -7.20 41.81 -23.84
C LYS A 26 -7.62 40.54 -24.59
N VAL A 27 -8.17 39.59 -23.87
CA VAL A 27 -8.60 38.34 -24.48
C VAL A 27 -10.00 38.48 -25.08
N GLU A 28 -10.22 37.80 -26.20
CA GLU A 28 -11.51 37.87 -26.89
C GLU A 28 -11.81 36.56 -27.61
N VAL A 29 -12.47 35.65 -26.92
CA VAL A 29 -12.88 34.38 -27.52
C VAL A 29 -14.39 34.33 -27.63
N ASP A 30 -15.05 35.38 -27.13
CA ASP A 30 -16.50 35.50 -27.11
C ASP A 30 -17.13 34.54 -26.11
N SER A 31 -18.32 34.89 -25.63
CA SER A 31 -19.06 34.11 -24.64
C SER A 31 -18.40 34.20 -23.26
N PRO A 32 -19.20 34.42 -22.20
CA PRO A 32 -18.71 34.50 -20.83
C PRO A 32 -18.33 33.12 -20.27
N PRO A 33 -17.48 33.08 -19.23
CA PRO A 33 -17.06 31.82 -18.60
C PRO A 33 -18.25 31.01 -18.09
N ALA A 34 -18.32 29.76 -18.51
CA ALA A 34 -19.39 28.87 -18.10
C ALA A 34 -19.26 28.50 -16.62
N PRO A 35 -20.34 28.65 -15.85
CA PRO A 35 -20.35 28.32 -14.42
C PRO A 35 -20.07 26.84 -14.17
N VAL A 36 -19.29 26.56 -13.14
CA VAL A 36 -18.95 25.20 -12.75
C VAL A 36 -18.95 25.10 -11.23
N THR A 37 -19.58 24.06 -10.72
CA THR A 37 -19.70 23.87 -9.28
C THR A 37 -18.50 23.08 -8.74
N HIS A 38 -17.94 23.54 -7.63
CA HIS A 38 -16.81 22.87 -6.98
C HIS A 38 -17.24 21.49 -6.46
N GLY A 39 -16.28 20.61 -6.31
CA GLY A 39 -16.57 19.29 -5.84
C GLY A 39 -16.20 18.24 -6.86
N ALA A 40 -17.19 17.48 -7.29
CA ALA A 40 -16.99 16.44 -8.29
C ALA A 40 -18.32 15.95 -8.81
N ALA A 41 -19.08 15.26 -7.94
CA ALA A 41 -20.39 14.69 -8.28
C ALA A 41 -20.33 13.94 -9.61
N MET A 42 -19.63 12.82 -9.61
CA MET A 42 -19.44 12.02 -10.82
C MET A 42 -19.26 10.56 -10.47
N PRO A 43 -20.32 9.74 -10.60
CA PRO A 43 -20.23 8.30 -10.38
C PRO A 43 -19.30 7.67 -11.40
N THR A 44 -18.06 7.47 -11.00
CA THR A 44 -17.04 6.98 -11.90
C THR A 44 -16.99 5.45 -11.90
N LEU A 45 -17.12 4.89 -13.08
CA LEU A 45 -17.00 3.46 -13.26
C LEU A 45 -15.52 3.09 -13.37
N SER A 46 -15.12 1.99 -12.76
CA SER A 46 -13.75 1.55 -12.81
C SER A 46 -13.39 1.06 -14.21
N SER A 47 -13.04 1.99 -15.06
CA SER A 47 -12.68 1.69 -16.42
C SER A 47 -11.77 2.79 -16.94
N ALA A 48 -10.54 2.44 -17.20
CA ALA A 48 -9.56 3.37 -17.70
C ALA A 48 -8.41 2.63 -18.33
N THR A 49 -7.77 3.27 -19.27
CA THR A 49 -6.67 2.67 -19.96
C THR A 49 -5.66 3.75 -20.38
N ALA A 50 -4.66 3.92 -19.55
CA ALA A 50 -3.62 4.89 -19.76
C ALA A 50 -2.45 4.58 -18.86
N GLN A 51 -1.38 5.32 -18.98
CA GLN A 51 -0.22 5.08 -18.15
C GLN A 51 -0.40 5.71 -16.79
N PRO A 52 -0.42 4.88 -15.71
CA PRO A 52 -0.59 5.35 -14.33
C PRO A 52 0.32 6.53 -14.01
N LEU A 53 -0.29 7.59 -13.50
CA LEU A 53 0.44 8.79 -13.17
C LEU A 53 0.80 8.81 -11.70
N PRO A 54 2.10 8.75 -11.37
CA PRO A 54 2.56 8.81 -9.99
C PRO A 54 2.23 10.17 -9.37
N VAL A 55 1.97 10.18 -8.08
CA VAL A 55 1.61 11.41 -7.40
C VAL A 55 2.21 11.45 -6.00
N ALA A 56 2.82 12.58 -5.67
CA ALA A 56 3.40 12.77 -4.35
C ALA A 56 2.29 12.96 -3.32
N SER A 57 1.32 13.79 -3.66
CA SER A 57 0.23 14.06 -2.77
C SER A 57 -0.81 12.94 -2.84
N ALA A 58 -0.82 12.10 -1.81
CA ALA A 58 -1.76 11.00 -1.74
C ALA A 58 -3.18 11.51 -1.49
N PRO A 59 -4.12 11.14 -2.34
CA PRO A 59 -5.52 11.55 -2.20
C PRO A 59 -6.23 10.71 -1.15
N VAL A 60 -7.49 11.04 -0.90
CA VAL A 60 -8.28 10.30 0.06
C VAL A 60 -8.93 9.10 -0.61
N LEU A 61 -9.32 8.13 0.18
CA LEU A 61 -9.91 6.94 -0.38
C LEU A 61 -11.42 7.06 -0.47
N SER A 62 -11.88 7.60 -1.58
CA SER A 62 -13.29 7.76 -1.82
C SER A 62 -13.75 6.76 -2.87
N ALA A 63 -13.85 5.52 -2.46
CA ALA A 63 -14.29 4.45 -3.33
C ALA A 63 -15.26 3.55 -2.59
N PRO A 64 -16.14 2.83 -3.31
CA PRO A 64 -17.08 1.89 -2.69
C PRO A 64 -16.34 0.81 -1.90
N LEU A 65 -16.76 0.58 -0.67
CA LEU A 65 -16.11 -0.41 0.18
C LEU A 65 -16.34 -1.81 -0.36
N GLY A 66 -15.29 -2.60 -0.36
CA GLY A 66 -15.37 -3.96 -0.87
C GLY A 66 -14.79 -4.07 -2.26
N SER A 67 -14.89 -3.00 -3.02
CA SER A 67 -14.37 -2.93 -4.38
C SER A 67 -12.86 -3.17 -4.39
N HIS A 68 -12.37 -3.81 -5.44
CA HIS A 68 -10.96 -4.07 -5.59
C HIS A 68 -10.23 -2.75 -5.85
N GLU A 69 -10.95 -1.82 -6.49
CA GLU A 69 -10.44 -0.47 -6.76
C GLU A 69 -10.14 0.23 -5.43
N TRP A 70 -11.02 0.03 -4.48
CA TRP A 70 -10.88 0.60 -3.14
C TRP A 70 -9.64 0.02 -2.47
N GLN A 71 -9.46 -1.28 -2.64
CA GLN A 71 -8.30 -1.96 -2.09
C GLN A 71 -7.02 -1.48 -2.78
N GLN A 72 -7.06 -1.43 -4.11
CA GLN A 72 -5.93 -0.94 -4.91
C GLN A 72 -5.53 0.49 -4.53
N THR A 73 -6.52 1.36 -4.41
CA THR A 73 -6.25 2.74 -4.04
C THR A 73 -5.66 2.81 -2.63
N PHE A 74 -6.17 1.96 -1.74
CA PHE A 74 -5.63 1.84 -0.40
C PHE A 74 -4.14 1.50 -0.47
N SER A 75 -3.79 0.55 -1.33
CA SER A 75 -2.39 0.17 -1.51
C SER A 75 -1.57 1.35 -2.04
N GLN A 76 -2.18 2.14 -2.91
CA GLN A 76 -1.54 3.33 -3.48
C GLN A 76 -0.99 4.26 -2.41
N GLN A 77 -1.79 4.55 -1.37
CA GLN A 77 -1.35 5.45 -0.29
C GLN A 77 -0.12 4.89 0.44
N VAL A 78 0.04 3.57 0.40
CA VAL A 78 1.14 2.91 1.08
C VAL A 78 2.42 3.07 0.27
N MET A 79 2.26 3.33 -1.02
CA MET A 79 3.40 3.59 -1.89
C MET A 79 4.03 4.92 -1.53
N LEU A 80 3.24 5.77 -0.89
CA LEU A 80 3.73 7.06 -0.44
C LEU A 80 4.37 6.91 0.93
N PHE A 81 3.79 6.06 1.77
CA PHE A 81 4.34 5.76 3.10
C PHE A 81 5.81 5.40 3.01
N THR A 82 6.14 4.41 2.18
CA THR A 82 7.53 3.97 2.01
C THR A 82 8.42 5.08 1.42
N ARG A 83 7.80 6.02 0.72
CA ARG A 83 8.53 7.13 0.12
C ARG A 83 8.98 8.15 1.17
N GLN A 84 8.01 8.84 1.75
CA GLN A 84 8.31 9.91 2.70
C GLN A 84 8.58 9.38 4.11
N GLY A 85 8.47 8.07 4.29
CA GLY A 85 8.69 7.50 5.59
C GLY A 85 7.57 7.85 6.55
N GLN A 86 6.36 7.88 6.03
CA GLN A 86 5.20 8.24 6.80
C GLN A 86 4.71 7.04 7.62
N GLN A 87 5.29 6.89 8.80
CA GLN A 87 4.95 5.78 9.69
C GLN A 87 3.57 5.94 10.35
N SER A 88 2.92 7.07 10.15
CA SER A 88 1.60 7.30 10.69
C SER A 88 0.81 8.18 9.76
N ALA A 89 -0.46 7.83 9.56
CA ALA A 89 -1.28 8.57 8.62
C ALA A 89 -2.75 8.43 8.96
N GLN A 90 -3.51 9.44 8.60
CA GLN A 90 -4.95 9.42 8.77
C GLN A 90 -5.62 9.36 7.40
N LEU A 91 -6.35 8.29 7.15
CA LEU A 91 -7.01 8.12 5.87
C LEU A 91 -8.50 8.40 5.96
N ARG A 92 -8.98 9.28 5.10
CA ARG A 92 -10.39 9.59 5.03
C ARG A 92 -11.09 8.51 4.19
N LEU A 93 -12.38 8.35 4.43
CA LEU A 93 -13.14 7.29 3.76
C LEU A 93 -14.53 7.76 3.37
N HIS A 94 -15.08 7.15 2.35
CA HIS A 94 -16.45 7.38 1.93
C HIS A 94 -17.23 6.08 2.01
N PRO A 95 -18.37 6.07 2.72
CA PRO A 95 -18.91 7.27 3.39
C PRO A 95 -18.08 7.65 4.61
N GLU A 96 -18.00 8.94 4.88
CA GLU A 96 -17.20 9.47 5.98
C GLU A 96 -17.79 9.18 7.37
N GLU A 97 -18.65 8.18 7.47
CA GLU A 97 -19.17 7.77 8.76
C GLU A 97 -17.99 7.38 9.68
N LEU A 98 -17.14 6.47 9.20
CA LEU A 98 -15.90 6.11 9.90
C LEU A 98 -15.02 7.35 10.03
N GLY A 99 -15.11 8.22 9.02
CA GLY A 99 -14.38 9.49 8.99
C GLY A 99 -12.87 9.39 8.85
N GLN A 100 -12.24 8.50 9.59
CA GLN A 100 -10.80 8.43 9.58
C GLN A 100 -10.28 7.04 9.95
N VAL A 101 -9.07 6.77 9.51
CA VAL A 101 -8.37 5.53 9.80
C VAL A 101 -6.95 5.87 10.21
N HIS A 102 -6.50 5.32 11.31
CA HIS A 102 -5.15 5.60 11.79
C HIS A 102 -4.24 4.43 11.46
N ILE A 103 -3.42 4.60 10.45
CA ILE A 103 -2.50 3.55 10.05
C ILE A 103 -1.14 3.73 10.71
N SER A 104 -0.77 2.76 11.53
CA SER A 104 0.53 2.76 12.16
C SER A 104 1.49 1.95 11.29
N LEU A 105 2.77 2.08 11.54
CA LEU A 105 3.76 1.43 10.70
C LEU A 105 5.03 1.10 11.47
N LYS A 106 5.23 -0.16 11.75
CA LYS A 106 6.44 -0.60 12.41
C LYS A 106 7.38 -1.15 11.36
N LEU A 107 8.62 -0.69 11.37
CA LEU A 107 9.57 -1.07 10.35
C LEU A 107 10.90 -1.49 10.96
N ASP A 108 11.40 -2.61 10.50
CA ASP A 108 12.69 -3.13 10.92
C ASP A 108 13.41 -3.69 9.71
N ASP A 109 14.59 -3.14 9.41
CA ASP A 109 15.38 -3.48 8.18
C ASP A 109 14.53 -3.45 6.89
N ASN A 110 13.75 -4.52 6.67
CA ASN A 110 12.91 -4.65 5.48
C ASN A 110 11.63 -5.41 5.79
N GLN A 111 11.26 -5.41 7.06
CA GLN A 111 10.05 -6.06 7.50
C GLN A 111 9.18 -5.04 8.21
N ALA A 112 7.95 -4.94 7.80
CA ALA A 112 7.06 -3.94 8.34
C ALA A 112 5.72 -4.52 8.73
N GLN A 113 5.19 -4.03 9.83
CA GLN A 113 3.86 -4.39 10.26
C GLN A 113 2.90 -3.26 9.92
N LEU A 114 1.92 -3.55 9.11
CA LEU A 114 0.93 -2.56 8.71
C LEU A 114 -0.27 -2.66 9.63
N GLN A 115 -0.45 -1.64 10.44
CA GLN A 115 -1.55 -1.61 11.38
C GLN A 115 -2.68 -0.76 10.86
N MET A 116 -3.89 -1.16 11.13
CA MET A 116 -5.06 -0.44 10.67
C MET A 116 -6.01 -0.18 11.84
N VAL A 117 -6.13 1.06 12.22
CA VAL A 117 -7.03 1.44 13.28
C VAL A 117 -8.28 2.09 12.71
N SER A 118 -9.41 1.43 12.89
CA SER A 118 -10.68 1.88 12.34
C SER A 118 -11.83 1.17 13.04
N PRO A 119 -13.01 1.82 13.16
CA PRO A 119 -14.19 1.20 13.78
C PRO A 119 -14.56 -0.11 13.10
N HIS A 120 -15.32 -0.96 13.79
CA HIS A 120 -15.66 -2.24 13.23
C HIS A 120 -16.90 -2.13 12.36
N SER A 121 -16.76 -2.57 11.13
CA SER A 121 -17.82 -2.51 10.16
C SER A 121 -17.44 -3.40 8.99
N HIS A 122 -18.23 -3.39 7.93
CA HIS A 122 -17.92 -4.20 6.76
C HIS A 122 -16.68 -3.68 6.05
N VAL A 123 -16.32 -2.43 6.33
CA VAL A 123 -15.09 -1.87 5.80
C VAL A 123 -13.89 -2.61 6.37
N ARG A 124 -14.01 -3.01 7.64
CA ARG A 124 -12.94 -3.74 8.33
C ARG A 124 -12.66 -5.06 7.62
N ALA A 125 -13.71 -5.67 7.08
CA ALA A 125 -13.57 -6.91 6.34
C ALA A 125 -12.77 -6.66 5.07
N ALA A 126 -13.02 -5.52 4.45
CA ALA A 126 -12.31 -5.11 3.24
C ALA A 126 -10.84 -4.82 3.55
N LEU A 127 -10.56 -4.30 4.74
CA LEU A 127 -9.17 -4.06 5.14
C LEU A 127 -8.43 -5.37 5.27
N GLU A 128 -9.03 -6.32 5.97
CA GLU A 128 -8.43 -7.63 6.15
C GLU A 128 -8.24 -8.32 4.80
N ALA A 129 -9.29 -8.31 3.99
CA ALA A 129 -9.24 -8.87 2.64
C ALA A 129 -8.18 -8.20 1.79
N ALA A 130 -7.85 -6.96 2.09
CA ALA A 130 -6.86 -6.22 1.33
C ALA A 130 -5.43 -6.61 1.69
N LEU A 131 -5.26 -7.30 2.83
CA LEU A 131 -3.93 -7.67 3.33
C LEU A 131 -3.10 -8.48 2.31
N PRO A 132 -3.65 -9.61 1.73
CA PRO A 132 -2.93 -10.42 0.75
C PRO A 132 -2.37 -9.58 -0.40
N MET A 133 -3.26 -8.98 -1.17
CA MET A 133 -2.86 -8.11 -2.29
C MET A 133 -1.88 -7.03 -1.84
N LEU A 134 -2.17 -6.39 -0.70
CA LEU A 134 -1.31 -5.31 -0.18
C LEU A 134 0.13 -5.80 0.00
N ARG A 135 0.30 -6.82 0.85
CA ARG A 135 1.63 -7.37 1.11
C ARG A 135 2.29 -7.88 -0.18
N THR A 136 1.49 -8.30 -1.15
CA THR A 136 2.03 -8.76 -2.41
C THR A 136 2.58 -7.59 -3.23
N GLN A 137 1.86 -6.46 -3.20
CA GLN A 137 2.27 -5.25 -3.92
C GLN A 137 3.57 -4.71 -3.32
N LEU A 138 3.64 -4.69 -2.00
CA LEU A 138 4.82 -4.20 -1.31
C LEU A 138 5.98 -5.17 -1.46
N ALA A 139 5.66 -6.44 -1.60
CA ALA A 139 6.68 -7.48 -1.77
C ALA A 139 7.42 -7.26 -3.09
N GLU A 140 6.69 -6.79 -4.09
CA GLU A 140 7.26 -6.51 -5.40
C GLU A 140 8.05 -5.21 -5.38
N SER A 141 7.86 -4.43 -4.32
CA SER A 141 8.55 -3.15 -4.17
C SER A 141 9.77 -3.31 -3.27
N GLY A 142 9.83 -4.42 -2.54
CA GLY A 142 10.96 -4.68 -1.68
C GLY A 142 10.66 -4.44 -0.21
N ILE A 143 9.43 -4.71 0.18
CA ILE A 143 9.00 -4.53 1.57
C ILE A 143 8.23 -5.77 2.02
N GLN A 144 8.62 -6.33 3.15
CA GLN A 144 8.01 -7.55 3.64
C GLN A 144 7.08 -7.28 4.81
N LEU A 145 5.77 -7.42 4.57
CA LEU A 145 4.79 -7.27 5.62
C LEU A 145 4.55 -8.63 6.27
N GLY A 146 5.19 -8.86 7.40
CA GLY A 146 5.05 -10.13 8.07
C GLY A 146 3.85 -10.16 8.97
N GLN A 147 3.80 -9.23 9.88
CA GLN A 147 2.71 -9.12 10.81
C GLN A 147 1.77 -7.99 10.41
N SER A 148 0.52 -8.11 10.80
CA SER A 148 -0.48 -7.10 10.51
C SER A 148 -1.41 -6.97 11.71
N SER A 149 -1.96 -5.79 11.92
CA SER A 149 -2.83 -5.59 13.05
C SER A 149 -4.02 -4.71 12.65
N ILE A 150 -5.20 -5.12 13.04
CA ILE A 150 -6.42 -4.39 12.73
C ILE A 150 -7.23 -4.21 14.00
N SER A 151 -7.47 -2.98 14.37
CA SER A 151 -8.20 -2.69 15.60
C SER A 151 -9.05 -1.44 15.46
N SER A 152 -10.08 -1.34 16.27
CA SER A 152 -10.92 -0.15 16.29
C SER A 152 -10.26 0.88 17.20
N GLU A 153 -9.73 0.39 18.29
CA GLU A 153 -8.99 1.16 19.25
C GLU A 153 -7.84 0.31 19.78
N SER A 154 -8.18 -0.91 20.14
CA SER A 154 -7.23 -1.90 20.61
C SER A 154 -7.86 -3.28 20.46
N PHE A 155 -7.10 -4.22 19.95
CA PHE A 155 -7.61 -5.56 19.74
C PHE A 155 -7.35 -6.41 20.97
N ALA A 156 -8.39 -6.63 21.75
CA ALA A 156 -8.30 -7.42 22.96
C ALA A 156 -9.66 -7.95 23.35
N GLY A 157 -9.82 -9.25 23.28
CA GLY A 157 -11.08 -9.86 23.65
C GLY A 157 -11.16 -11.29 23.19
N GLN A 158 -11.43 -12.20 24.11
CA GLN A 158 -11.49 -13.61 23.81
C GLN A 158 -12.80 -13.97 23.14
N GLN A 159 -12.98 -15.25 22.86
CA GLN A 159 -14.18 -15.74 22.24
C GLN A 159 -14.35 -17.22 22.57
N GLN A 160 -15.25 -17.49 23.51
CA GLN A 160 -15.50 -18.85 23.94
C GLN A 160 -16.53 -19.50 23.05
N SER A 161 -16.25 -20.72 22.64
CA SER A 161 -17.15 -21.46 21.79
C SER A 161 -17.70 -22.67 22.54
N SER A 162 -18.71 -23.29 21.98
CA SER A 162 -19.33 -24.46 22.59
C SER A 162 -20.17 -25.20 21.56
N SER A 163 -19.79 -26.42 21.29
CA SER A 163 -20.48 -27.23 20.32
C SER A 163 -20.77 -28.60 20.91
N GLN A 164 -21.39 -29.46 20.13
CA GLN A 164 -21.72 -30.79 20.58
C GLN A 164 -21.83 -31.70 19.37
N GLN A 165 -21.55 -32.99 19.57
CA GLN A 165 -21.56 -33.96 18.48
C GLN A 165 -21.94 -35.33 19.02
N GLN A 166 -22.93 -35.94 18.40
CA GLN A 166 -23.37 -37.27 18.81
C GLN A 166 -22.65 -38.34 17.98
N SER A 167 -22.89 -39.59 18.31
CA SER A 167 -22.26 -40.70 17.61
C SER A 167 -22.93 -42.01 17.99
N SER A 168 -23.08 -42.89 17.01
CA SER A 168 -23.73 -44.19 17.22
C SER A 168 -23.28 -45.20 16.18
N ARG A 169 -22.75 -44.72 15.07
CA ARG A 169 -22.26 -45.59 14.03
C ARG A 169 -21.14 -44.91 13.25
N HIS A 1 90.63 13.67 11.66
CA HIS A 1 89.45 13.69 10.78
C HIS A 1 88.19 13.42 11.57
N MET A 2 87.39 14.44 11.77
CA MET A 2 86.13 14.30 12.46
C MET A 2 85.11 13.66 11.54
N ALA A 3 84.00 13.23 12.10
CA ALA A 3 82.96 12.56 11.33
C ALA A 3 81.69 12.45 12.17
N SER A 4 80.80 11.57 11.76
CA SER A 4 79.54 11.36 12.46
C SER A 4 78.99 9.97 12.19
N ASP A 5 79.88 9.07 11.80
CA ASP A 5 79.51 7.70 11.50
C ASP A 5 79.32 6.92 12.79
N ASP A 6 80.24 7.15 13.73
CA ASP A 6 80.20 6.54 15.06
C ASP A 6 80.23 5.01 15.01
N ARG A 7 81.40 4.45 15.24
CA ARG A 7 81.56 3.02 15.25
C ARG A 7 81.59 2.53 16.69
N ALA A 8 80.48 1.95 17.11
CA ALA A 8 80.34 1.44 18.46
C ALA A 8 79.20 0.45 18.53
N THR A 9 79.47 -0.72 19.05
CA THR A 9 78.48 -1.76 19.16
C THR A 9 77.75 -1.69 20.50
N GLY A 10 76.45 -1.52 20.44
CA GLY A 10 75.66 -1.44 21.64
C GLY A 10 74.19 -1.62 21.37
N PRO A 11 73.75 -2.86 21.11
CA PRO A 11 72.37 -3.16 20.80
C PRO A 11 71.49 -3.30 22.04
N ALA A 12 70.29 -2.78 21.97
CA ALA A 12 69.34 -2.89 23.05
C ALA A 12 68.78 -4.30 23.07
N LEU A 13 68.32 -4.74 24.22
CA LEU A 13 67.78 -6.08 24.35
C LEU A 13 66.67 -6.09 25.39
N THR A 14 65.45 -6.01 24.90
CA THR A 14 64.29 -6.05 25.76
C THR A 14 63.90 -7.51 26.03
N PRO A 15 63.69 -7.87 27.31
CA PRO A 15 63.31 -9.24 27.70
C PRO A 15 62.06 -9.72 26.98
N LEU A 16 62.18 -10.81 26.26
CA LEU A 16 61.07 -11.36 25.51
C LEU A 16 60.11 -12.10 26.44
N VAL A 17 58.85 -11.80 26.30
CA VAL A 17 57.81 -12.43 27.08
C VAL A 17 56.54 -12.59 26.24
N VAL A 18 56.01 -13.79 26.21
CA VAL A 18 54.82 -14.06 25.42
C VAL A 18 53.96 -15.13 26.08
N ALA A 19 52.70 -14.80 26.30
CA ALA A 19 51.75 -15.71 26.91
C ALA A 19 51.35 -16.83 25.96
N ALA A 20 50.52 -17.74 26.44
CA ALA A 20 50.07 -18.86 25.64
C ALA A 20 48.82 -19.48 26.26
N ALA A 21 47.69 -19.28 25.60
CA ALA A 21 46.43 -19.78 26.08
C ALA A 21 45.37 -19.66 25.00
N ALA A 22 44.15 -20.06 25.32
CA ALA A 22 43.04 -20.01 24.39
C ALA A 22 41.73 -20.12 25.15
N THR A 23 40.79 -19.27 24.81
CA THR A 23 39.52 -19.24 25.48
C THR A 23 38.59 -20.32 24.92
N SER A 24 38.46 -21.41 25.66
CA SER A 24 37.58 -22.48 25.27
C SER A 24 36.13 -22.09 25.52
N ALA A 25 35.20 -22.88 25.00
CA ALA A 25 33.79 -22.62 25.16
C ALA A 25 32.97 -23.82 24.74
N LYS A 26 32.44 -24.56 25.71
CA LYS A 26 31.61 -25.71 25.41
C LYS A 26 30.20 -25.25 25.06
N VAL A 27 30.06 -24.68 23.88
CA VAL A 27 28.80 -24.21 23.38
C VAL A 27 28.84 -24.16 21.85
N GLU A 28 28.44 -25.26 21.24
CA GLU A 28 28.44 -25.36 19.80
C GLU A 28 27.51 -26.47 19.36
N VAL A 29 26.29 -26.11 19.05
CA VAL A 29 25.31 -27.09 18.63
C VAL A 29 25.25 -27.20 17.12
N ASP A 30 25.07 -28.41 16.64
CA ASP A 30 24.96 -28.66 15.22
C ASP A 30 23.59 -28.27 14.73
N SER A 31 23.54 -27.36 13.78
CA SER A 31 22.28 -26.89 13.25
C SER A 31 22.44 -26.43 11.80
N PRO A 32 22.02 -27.27 10.85
CA PRO A 32 22.08 -26.95 9.43
C PRO A 32 20.85 -26.16 8.98
N PRO A 33 20.98 -25.37 7.92
CA PRO A 33 19.87 -24.58 7.39
C PRO A 33 18.87 -25.47 6.66
N ALA A 34 17.59 -25.16 6.83
CA ALA A 34 16.54 -25.89 6.15
C ALA A 34 16.50 -25.50 4.68
N PRO A 35 16.55 -26.49 3.76
CA PRO A 35 16.48 -26.23 2.32
C PRO A 35 15.24 -25.42 1.97
N VAL A 36 15.47 -24.27 1.35
CA VAL A 36 14.40 -23.33 1.02
C VAL A 36 13.74 -22.83 2.31
N THR A 37 14.38 -21.86 2.96
CA THR A 37 13.87 -21.32 4.19
C THR A 37 12.82 -20.24 3.91
N HIS A 38 12.84 -19.72 2.70
CA HIS A 38 11.84 -18.76 2.27
C HIS A 38 11.19 -19.25 0.98
N GLY A 39 9.94 -19.61 1.08
CA GLY A 39 9.24 -20.12 -0.07
C GLY A 39 8.02 -19.29 -0.38
N ALA A 40 8.13 -18.45 -1.38
CA ALA A 40 7.04 -17.58 -1.78
C ALA A 40 7.33 -16.96 -3.13
N ALA A 41 6.28 -16.52 -3.79
CA ALA A 41 6.37 -15.88 -5.09
C ALA A 41 5.08 -15.16 -5.37
N MET A 42 5.09 -14.27 -6.33
CA MET A 42 3.90 -13.52 -6.66
C MET A 42 3.94 -13.03 -8.09
N PRO A 43 2.83 -13.19 -8.84
CA PRO A 43 2.73 -12.71 -10.21
C PRO A 43 2.83 -11.20 -10.24
N THR A 44 3.96 -10.71 -10.73
CA THR A 44 4.19 -9.29 -10.79
C THR A 44 3.50 -8.67 -11.99
N LEU A 45 2.20 -8.46 -11.85
CA LEU A 45 1.40 -7.86 -12.89
C LEU A 45 1.46 -6.35 -12.75
N SER A 46 2.16 -5.70 -13.66
CA SER A 46 2.29 -4.26 -13.61
C SER A 46 0.95 -3.62 -14.01
N SER A 47 0.24 -3.11 -13.02
CA SER A 47 -1.05 -2.50 -13.25
C SER A 47 -0.91 -1.12 -13.89
N ALA A 48 -0.78 -1.10 -15.20
CA ALA A 48 -0.64 0.13 -15.95
C ALA A 48 -0.86 -0.14 -17.43
N THR A 49 -1.54 0.75 -18.10
CA THR A 49 -1.80 0.62 -19.53
C THR A 49 -1.83 2.01 -20.16
N ALA A 50 -1.12 2.93 -19.54
CA ALA A 50 -1.04 4.31 -19.97
C ALA A 50 0.17 4.96 -19.30
N GLN A 51 0.20 6.27 -19.25
CA GLN A 51 1.31 6.96 -18.62
C GLN A 51 1.20 6.86 -17.09
N PRO A 52 2.35 6.84 -16.40
CA PRO A 52 2.41 6.73 -14.94
C PRO A 52 1.55 7.77 -14.23
N LEU A 53 0.85 7.33 -13.21
CA LEU A 53 -0.02 8.21 -12.44
C LEU A 53 0.82 9.23 -11.66
N PRO A 54 0.31 10.46 -11.52
CA PRO A 54 0.99 11.52 -10.78
C PRO A 54 1.30 11.13 -9.34
N VAL A 55 2.57 11.20 -8.98
CA VAL A 55 3.04 10.85 -7.64
C VAL A 55 2.87 12.00 -6.66
N ALA A 56 1.89 12.86 -6.92
CA ALA A 56 1.63 14.02 -6.10
C ALA A 56 0.24 14.54 -6.39
N SER A 57 -0.35 15.21 -5.40
CA SER A 57 -1.71 15.74 -5.51
C SER A 57 -2.71 14.62 -5.71
N ALA A 58 -2.42 13.48 -5.10
CA ALA A 58 -3.27 12.32 -5.19
C ALA A 58 -4.57 12.55 -4.43
N PRO A 59 -5.69 12.07 -4.97
CA PRO A 59 -7.00 12.23 -4.34
C PRO A 59 -7.14 11.36 -3.10
N VAL A 60 -8.25 11.52 -2.41
CA VAL A 60 -8.52 10.75 -1.20
C VAL A 60 -9.12 9.40 -1.56
N LEU A 61 -9.49 8.63 -0.56
CA LEU A 61 -10.04 7.31 -0.78
C LEU A 61 -11.54 7.38 -0.99
N SER A 62 -11.95 7.41 -2.24
CA SER A 62 -13.36 7.46 -2.58
C SER A 62 -13.67 6.45 -3.66
N ALA A 63 -13.75 5.21 -3.26
CA ALA A 63 -14.03 4.12 -4.16
C ALA A 63 -15.06 3.20 -3.53
N PRO A 64 -15.78 2.40 -4.33
CA PRO A 64 -16.75 1.42 -3.82
C PRO A 64 -16.12 0.53 -2.77
N LEU A 65 -16.61 0.64 -1.53
CA LEU A 65 -16.03 -0.10 -0.42
C LEU A 65 -16.26 -1.60 -0.56
N GLY A 66 -15.21 -2.36 -0.32
CA GLY A 66 -15.27 -3.80 -0.45
C GLY A 66 -14.74 -4.26 -1.80
N SER A 67 -14.99 -3.43 -2.82
CA SER A 67 -14.52 -3.70 -4.16
C SER A 67 -12.99 -3.77 -4.22
N HIS A 68 -12.48 -4.47 -5.22
CA HIS A 68 -11.04 -4.58 -5.41
C HIS A 68 -10.46 -3.21 -5.76
N GLU A 69 -11.29 -2.37 -6.38
CA GLU A 69 -10.91 -1.00 -6.73
C GLU A 69 -10.54 -0.23 -5.47
N TRP A 70 -11.32 -0.42 -4.42
CA TRP A 70 -11.10 0.24 -3.15
C TRP A 70 -9.85 -0.31 -2.49
N GLN A 71 -9.67 -1.62 -2.57
CA GLN A 71 -8.49 -2.27 -2.03
C GLN A 71 -7.22 -1.74 -2.70
N GLN A 72 -7.22 -1.73 -4.03
CA GLN A 72 -6.08 -1.23 -4.80
C GLN A 72 -5.80 0.24 -4.52
N THR A 73 -6.85 1.04 -4.37
CA THR A 73 -6.68 2.45 -4.10
C THR A 73 -6.05 2.64 -2.73
N PHE A 74 -6.52 1.88 -1.75
CA PHE A 74 -5.95 1.91 -0.42
C PHE A 74 -4.47 1.55 -0.48
N SER A 75 -4.12 0.58 -1.30
CA SER A 75 -2.73 0.18 -1.47
C SER A 75 -1.87 1.36 -1.93
N GLN A 76 -2.39 2.13 -2.90
CA GLN A 76 -1.69 3.30 -3.43
C GLN A 76 -1.34 4.29 -2.32
N GLN A 77 -2.34 4.66 -1.52
CA GLN A 77 -2.13 5.62 -0.44
C GLN A 77 -1.18 5.08 0.65
N VAL A 78 -1.03 3.75 0.71
CA VAL A 78 -0.12 3.16 1.68
C VAL A 78 1.30 3.19 1.14
N MET A 79 1.44 3.09 -0.17
CA MET A 79 2.75 3.18 -0.80
C MET A 79 3.28 4.60 -0.67
N LEU A 80 2.37 5.54 -0.48
CA LEU A 80 2.74 6.93 -0.24
C LEU A 80 3.63 7.02 1.00
N PHE A 81 3.28 6.25 2.03
CA PHE A 81 4.05 6.16 3.26
C PHE A 81 5.52 5.85 3.00
N THR A 82 5.79 4.76 2.28
CA THR A 82 7.17 4.35 2.02
C THR A 82 7.88 5.34 1.08
N ARG A 83 7.10 6.11 0.32
CA ARG A 83 7.67 7.10 -0.58
C ARG A 83 8.22 8.28 0.21
N GLN A 84 7.40 8.84 1.09
CA GLN A 84 7.80 9.98 1.89
C GLN A 84 8.62 9.58 3.11
N GLY A 85 8.42 8.34 3.55
CA GLY A 85 9.11 7.87 4.73
C GLY A 85 8.28 8.12 5.98
N GLN A 86 6.98 7.91 5.85
CA GLN A 86 6.04 8.17 6.94
C GLN A 86 5.98 7.01 7.92
N GLN A 87 5.07 7.11 8.86
CA GLN A 87 4.85 6.07 9.85
C GLN A 87 3.43 6.14 10.41
N SER A 88 2.83 7.33 10.32
CA SER A 88 1.47 7.52 10.75
C SER A 88 0.83 8.62 9.93
N ALA A 89 -0.43 8.45 9.56
CA ALA A 89 -1.11 9.45 8.76
C ALA A 89 -2.61 9.27 8.84
N GLN A 90 -3.32 10.35 8.58
CA GLN A 90 -4.78 10.35 8.57
C GLN A 90 -5.25 11.09 7.33
N LEU A 91 -6.13 10.45 6.58
CA LEU A 91 -6.64 11.02 5.35
C LEU A 91 -8.17 10.91 5.34
N ARG A 92 -8.82 11.60 4.41
CA ARG A 92 -10.27 11.53 4.30
C ARG A 92 -10.66 10.24 3.60
N LEU A 93 -10.98 9.26 4.40
CA LEU A 93 -11.31 7.94 3.91
C LEU A 93 -12.82 7.69 3.91
N HIS A 94 -13.21 6.59 3.33
CA HIS A 94 -14.60 6.18 3.28
C HIS A 94 -14.72 4.78 3.87
N PRO A 95 -15.93 4.37 4.31
CA PRO A 95 -17.18 5.17 4.23
C PRO A 95 -17.12 6.49 5.00
N GLU A 96 -18.11 7.35 4.72
CA GLU A 96 -18.21 8.66 5.35
C GLU A 96 -18.34 8.51 6.86
N GLU A 97 -19.10 7.49 7.26
CA GLU A 97 -19.25 7.10 8.67
C GLU A 97 -17.93 7.19 9.45
N LEU A 98 -16.87 6.59 8.89
CA LEU A 98 -15.56 6.59 9.52
C LEU A 98 -15.02 8.00 9.74
N GLY A 99 -15.23 8.88 8.76
CA GLY A 99 -14.72 10.25 8.83
C GLY A 99 -13.19 10.38 8.79
N GLN A 100 -12.51 9.57 9.56
CA GLN A 100 -11.06 9.62 9.64
C GLN A 100 -10.51 8.25 10.00
N VAL A 101 -9.27 8.01 9.63
CA VAL A 101 -8.60 6.75 9.91
C VAL A 101 -7.13 7.00 10.20
N HIS A 102 -6.59 6.29 11.17
CA HIS A 102 -5.19 6.45 11.52
C HIS A 102 -4.42 5.21 11.12
N ILE A 103 -3.59 5.34 10.11
CA ILE A 103 -2.80 4.22 9.65
C ILE A 103 -1.39 4.27 10.25
N SER A 104 -1.01 3.17 10.88
CA SER A 104 0.30 3.04 11.46
C SER A 104 1.20 2.23 10.53
N LEU A 105 2.49 2.24 10.77
CA LEU A 105 3.43 1.57 9.89
C LEU A 105 4.67 1.14 10.68
N LYS A 106 4.87 -0.15 10.81
CA LYS A 106 6.05 -0.66 11.49
C LYS A 106 6.90 -1.44 10.50
N LEU A 107 8.20 -1.28 10.60
CA LEU A 107 9.11 -1.97 9.71
C LEU A 107 10.26 -2.56 10.50
N ASP A 108 10.26 -3.87 10.66
CA ASP A 108 11.30 -4.55 11.40
C ASP A 108 12.11 -5.37 10.44
N ASP A 109 13.43 -5.25 10.52
CA ASP A 109 14.37 -5.93 9.62
C ASP A 109 14.02 -5.74 8.14
N ASN A 110 13.12 -6.56 7.62
CA ASN A 110 12.68 -6.46 6.24
C ASN A 110 11.22 -6.92 6.11
N GLN A 111 10.45 -6.69 7.17
CA GLN A 111 9.05 -7.06 7.19
C GLN A 111 8.25 -5.91 7.77
N ALA A 112 7.12 -5.62 7.15
CA ALA A 112 6.30 -4.50 7.59
C ALA A 112 5.02 -4.96 8.24
N GLN A 113 4.69 -4.34 9.36
CA GLN A 113 3.46 -4.61 10.06
C GLN A 113 2.52 -3.44 9.91
N LEU A 114 1.41 -3.66 9.23
CA LEU A 114 0.43 -2.63 9.04
C LEU A 114 -0.65 -2.69 10.10
N GLN A 115 -1.07 -1.53 10.58
CA GLN A 115 -2.07 -1.43 11.62
C GLN A 115 -2.95 -0.21 11.36
N MET A 116 -4.25 -0.35 11.60
CA MET A 116 -5.18 0.74 11.36
C MET A 116 -6.16 0.83 12.52
N VAL A 117 -6.65 2.03 12.78
CA VAL A 117 -7.62 2.23 13.83
C VAL A 117 -9.00 2.50 13.24
N SER A 118 -9.90 1.52 13.38
CA SER A 118 -11.25 1.65 12.86
C SER A 118 -12.17 0.63 13.54
N PRO A 119 -13.44 1.01 13.81
CA PRO A 119 -14.45 0.13 14.44
C PRO A 119 -14.65 -1.18 13.67
N HIS A 120 -15.45 -2.08 14.21
CA HIS A 120 -15.69 -3.37 13.58
C HIS A 120 -16.81 -3.26 12.57
N SER A 121 -16.48 -3.50 11.32
CA SER A 121 -17.43 -3.37 10.24
C SER A 121 -17.01 -4.21 9.03
N HIS A 122 -17.89 -4.32 8.04
CA HIS A 122 -17.62 -5.11 6.86
C HIS A 122 -16.48 -4.51 6.03
N VAL A 123 -16.35 -3.18 6.10
CA VAL A 123 -15.29 -2.49 5.37
C VAL A 123 -13.93 -2.80 5.98
N ARG A 124 -13.91 -3.03 7.27
CA ARG A 124 -12.68 -3.37 7.97
C ARG A 124 -12.24 -4.78 7.62
N ALA A 125 -13.22 -5.64 7.37
CA ALA A 125 -12.96 -7.00 6.95
C ALA A 125 -12.28 -7.02 5.59
N ALA A 126 -12.81 -6.22 4.67
CA ALA A 126 -12.24 -6.12 3.33
C ALA A 126 -10.91 -5.38 3.37
N LEU A 127 -10.76 -4.50 4.35
CA LEU A 127 -9.52 -3.77 4.56
C LEU A 127 -8.42 -4.74 4.98
N GLU A 128 -8.78 -5.62 5.89
CA GLU A 128 -7.89 -6.65 6.38
C GLU A 128 -7.50 -7.58 5.24
N ALA A 129 -8.48 -7.93 4.42
CA ALA A 129 -8.27 -8.76 3.23
C ALA A 129 -7.34 -8.09 2.23
N ALA A 130 -7.32 -6.77 2.25
CA ALA A 130 -6.48 -6.01 1.34
C ALA A 130 -5.01 -6.04 1.74
N LEU A 131 -4.73 -6.49 2.96
CA LEU A 131 -3.35 -6.53 3.46
C LEU A 131 -2.51 -7.62 2.76
N PRO A 132 -2.99 -8.91 2.71
CA PRO A 132 -2.27 -9.98 2.00
C PRO A 132 -2.10 -9.65 0.52
N MET A 133 -2.98 -8.79 0.02
CA MET A 133 -2.90 -8.34 -1.35
C MET A 133 -1.79 -7.32 -1.53
N LEU A 134 -1.75 -6.34 -0.62
CA LEU A 134 -0.79 -5.24 -0.68
C LEU A 134 0.66 -5.70 -0.71
N ARG A 135 0.95 -6.78 0.03
CA ARG A 135 2.32 -7.30 0.11
C ARG A 135 2.95 -7.55 -1.27
N THR A 136 2.15 -7.86 -2.30
CA THR A 136 2.68 -8.09 -3.63
C THR A 136 3.32 -6.82 -4.21
N GLN A 137 2.69 -5.67 -3.97
CA GLN A 137 3.19 -4.39 -4.46
C GLN A 137 4.43 -3.98 -3.69
N LEU A 138 4.40 -4.19 -2.38
CA LEU A 138 5.52 -3.84 -1.52
C LEU A 138 6.72 -4.74 -1.77
N ALA A 139 6.45 -5.98 -2.20
CA ALA A 139 7.51 -6.95 -2.48
C ALA A 139 8.43 -6.46 -3.59
N GLU A 140 7.87 -5.67 -4.50
CA GLU A 140 8.64 -5.07 -5.58
C GLU A 140 9.68 -4.11 -5.03
N SER A 141 9.45 -3.65 -3.80
CA SER A 141 10.34 -2.73 -3.16
C SER A 141 11.20 -3.44 -2.12
N GLY A 142 11.13 -4.77 -2.09
CA GLY A 142 11.93 -5.54 -1.15
C GLY A 142 11.22 -5.80 0.16
N ILE A 143 10.19 -5.03 0.45
CA ILE A 143 9.45 -5.17 1.69
C ILE A 143 8.37 -6.24 1.57
N GLN A 144 8.05 -6.88 2.69
CA GLN A 144 7.05 -7.93 2.73
C GLN A 144 6.24 -7.82 4.01
N LEU A 145 4.94 -7.97 3.90
CA LEU A 145 4.07 -7.88 5.06
C LEU A 145 4.12 -9.17 5.86
N GLY A 146 4.71 -9.08 7.03
CA GLY A 146 4.81 -10.23 7.90
C GLY A 146 3.68 -10.26 8.89
N GLN A 147 3.59 -9.22 9.69
CA GLN A 147 2.54 -9.10 10.68
C GLN A 147 1.47 -8.13 10.22
N SER A 148 0.25 -8.41 10.57
CA SER A 148 -0.86 -7.55 10.25
C SER A 148 -1.83 -7.52 11.42
N SER A 149 -2.22 -6.32 11.83
CA SER A 149 -3.13 -6.18 12.94
C SER A 149 -3.98 -4.93 12.79
N ILE A 150 -5.24 -5.02 13.16
CA ILE A 150 -6.15 -3.90 13.06
C ILE A 150 -6.99 -3.85 14.33
N SER A 151 -7.26 -2.66 14.81
CA SER A 151 -8.04 -2.51 16.02
C SER A 151 -9.02 -1.36 15.90
N SER A 152 -9.94 -1.27 16.83
CA SER A 152 -10.94 -0.23 16.81
C SER A 152 -10.38 1.04 17.48
N GLU A 153 -9.44 0.86 18.40
CA GLU A 153 -8.80 1.98 19.09
C GLU A 153 -7.62 1.51 19.93
N SER A 154 -7.80 0.40 20.60
CA SER A 154 -6.76 -0.17 21.43
C SER A 154 -6.71 -1.68 21.23
N PHE A 155 -5.56 -2.19 20.86
CA PHE A 155 -5.41 -3.62 20.63
C PHE A 155 -5.28 -4.35 21.94
N ALA A 156 -6.16 -5.32 22.16
CA ALA A 156 -6.14 -6.10 23.37
C ALA A 156 -6.82 -7.44 23.12
N GLY A 157 -6.61 -8.37 24.03
CA GLY A 157 -7.20 -9.68 23.87
C GLY A 157 -6.37 -10.76 24.52
N GLN A 158 -6.59 -10.97 25.81
CA GLN A 158 -5.87 -11.99 26.53
C GLN A 158 -6.44 -13.36 26.22
N GLN A 159 -5.59 -14.29 25.85
CA GLN A 159 -6.01 -15.63 25.51
C GLN A 159 -6.28 -16.45 26.78
N GLN A 160 -6.81 -17.65 26.60
CA GLN A 160 -7.11 -18.53 27.73
C GLN A 160 -7.03 -19.98 27.30
N SER A 161 -6.50 -20.82 28.17
CA SER A 161 -6.38 -22.24 27.89
C SER A 161 -6.98 -23.06 29.02
N SER A 162 -8.13 -23.66 28.74
CA SER A 162 -8.85 -24.46 29.73
C SER A 162 -9.85 -25.37 29.03
N SER A 163 -9.47 -26.62 28.85
CA SER A 163 -10.32 -27.59 28.18
C SER A 163 -11.04 -28.45 29.21
N GLN A 164 -12.36 -28.34 29.22
CA GLN A 164 -13.17 -29.09 30.16
C GLN A 164 -13.38 -30.53 29.67
N GLN A 165 -12.40 -31.37 29.95
CA GLN A 165 -12.49 -32.78 29.60
C GLN A 165 -13.32 -33.53 30.63
N GLN A 166 -14.36 -34.18 30.16
CA GLN A 166 -15.26 -34.92 31.03
C GLN A 166 -15.70 -36.21 30.34
N SER A 167 -15.94 -37.25 31.13
CA SER A 167 -16.36 -38.54 30.60
C SER A 167 -16.81 -39.46 31.74
N SER A 168 -17.38 -40.60 31.38
CA SER A 168 -17.83 -41.59 32.36
C SER A 168 -17.97 -42.95 31.71
N ARG A 169 -17.50 -43.97 32.40
CA ARG A 169 -17.57 -45.34 31.90
C ARG A 169 -18.92 -45.96 32.26
N HIS A 1 41.67 8.38 29.48
CA HIS A 1 42.18 7.68 30.67
C HIS A 1 41.20 6.60 31.09
N MET A 2 41.58 5.33 30.86
CA MET A 2 40.73 4.16 31.14
C MET A 2 39.57 4.05 30.16
N ALA A 3 39.40 2.87 29.59
CA ALA A 3 38.34 2.62 28.63
C ALA A 3 38.22 1.13 28.35
N SER A 4 37.10 0.56 28.73
CA SER A 4 36.86 -0.85 28.51
C SER A 4 36.48 -1.12 27.06
N ASP A 5 37.48 -1.31 26.22
CA ASP A 5 37.25 -1.57 24.80
C ASP A 5 36.90 -3.03 24.56
N ASP A 6 37.86 -3.91 24.88
CA ASP A 6 37.71 -5.36 24.67
C ASP A 6 37.60 -5.66 23.18
N ARG A 7 36.39 -5.59 22.67
CA ARG A 7 36.10 -5.77 21.25
C ARG A 7 34.64 -5.46 20.99
N ALA A 8 34.31 -5.14 19.76
CA ALA A 8 32.94 -4.81 19.41
C ALA A 8 32.73 -4.90 17.92
N THR A 9 32.52 -6.10 17.44
CA THR A 9 32.27 -6.34 16.05
C THR A 9 31.46 -7.62 15.89
N GLY A 10 30.16 -7.47 15.76
CA GLY A 10 29.29 -8.62 15.59
C GLY A 10 28.66 -8.65 14.22
N PRO A 11 29.28 -9.35 13.25
CA PRO A 11 28.78 -9.42 11.88
C PRO A 11 27.47 -10.18 11.79
N ALA A 12 26.69 -9.87 10.77
CA ALA A 12 25.42 -10.51 10.55
C ALA A 12 24.94 -10.27 9.13
N LEU A 13 24.78 -11.34 8.38
CA LEU A 13 24.35 -11.26 7.00
C LEU A 13 23.71 -12.57 6.56
N THR A 14 23.21 -12.59 5.34
CA THR A 14 22.53 -13.75 4.81
C THR A 14 23.53 -14.75 4.20
N PRO A 15 23.21 -16.06 4.28
CA PRO A 15 24.06 -17.11 3.73
C PRO A 15 24.10 -17.05 2.20
N LEU A 16 25.21 -17.46 1.61
CA LEU A 16 25.37 -17.42 0.17
C LEU A 16 24.59 -18.54 -0.50
N VAL A 17 23.39 -18.22 -0.93
CA VAL A 17 22.56 -19.17 -1.63
C VAL A 17 22.75 -19.03 -3.12
N VAL A 18 22.40 -20.05 -3.86
CA VAL A 18 22.51 -20.03 -5.30
C VAL A 18 21.51 -21.00 -5.93
N ALA A 19 21.11 -20.71 -7.15
CA ALA A 19 20.19 -21.56 -7.89
C ALA A 19 20.21 -21.20 -9.35
N ALA A 20 19.99 -22.19 -10.20
CA ALA A 20 20.00 -22.00 -11.63
C ALA A 20 19.46 -23.23 -12.32
N ALA A 21 19.06 -23.07 -13.57
CA ALA A 21 18.52 -24.17 -14.34
C ALA A 21 18.52 -23.82 -15.81
N ALA A 22 18.67 -24.83 -16.64
CA ALA A 22 18.69 -24.66 -18.08
C ALA A 22 18.44 -26.00 -18.75
N THR A 23 17.37 -26.08 -19.50
CA THR A 23 17.01 -27.29 -20.17
C THR A 23 16.16 -26.98 -21.40
N SER A 24 15.73 -28.00 -22.11
CA SER A 24 14.93 -27.84 -23.30
C SER A 24 14.25 -29.14 -23.68
N ALA A 25 13.36 -29.07 -24.64
CA ALA A 25 12.60 -30.22 -25.10
C ALA A 25 11.99 -29.91 -26.44
N LYS A 26 11.42 -28.73 -26.56
CA LYS A 26 10.85 -28.28 -27.81
C LYS A 26 11.97 -27.79 -28.71
N VAL A 27 12.07 -28.37 -29.88
CA VAL A 27 13.11 -28.00 -30.80
C VAL A 27 12.70 -26.80 -31.65
N GLU A 28 13.57 -25.81 -31.66
CA GLU A 28 13.36 -24.59 -32.42
C GLU A 28 14.69 -23.91 -32.62
N VAL A 29 15.46 -23.86 -31.55
CA VAL A 29 16.80 -23.34 -31.60
C VAL A 29 17.80 -24.50 -31.50
N ASP A 30 18.19 -25.02 -32.66
CA ASP A 30 19.09 -26.18 -32.72
C ASP A 30 20.52 -25.77 -32.42
N SER A 31 21.01 -24.80 -33.17
CA SER A 31 22.36 -24.33 -33.00
C SER A 31 22.44 -23.32 -31.85
N PRO A 32 23.44 -23.46 -30.97
CA PRO A 32 23.63 -22.55 -29.84
C PRO A 32 23.88 -21.12 -30.31
N PRO A 33 23.02 -20.17 -29.90
CA PRO A 33 23.15 -18.75 -30.25
C PRO A 33 24.42 -18.13 -29.67
N ALA A 34 24.65 -16.86 -30.00
CA ALA A 34 25.82 -16.14 -29.52
C ALA A 34 25.76 -15.97 -28.00
N PRO A 35 26.92 -15.83 -27.33
CA PRO A 35 27.00 -15.71 -25.86
C PRO A 35 26.18 -14.54 -25.30
N VAL A 36 25.90 -13.56 -26.14
CA VAL A 36 25.11 -12.41 -25.72
C VAL A 36 23.63 -12.74 -25.76
N THR A 37 23.28 -13.73 -26.56
CA THR A 37 21.91 -14.19 -26.67
C THR A 37 21.66 -15.30 -25.66
N HIS A 38 20.48 -15.34 -25.10
CA HIS A 38 20.14 -16.35 -24.12
C HIS A 38 19.58 -17.59 -24.81
N GLY A 39 20.04 -18.75 -24.41
CA GLY A 39 19.59 -20.00 -25.00
C GLY A 39 18.12 -20.24 -24.73
N ALA A 40 17.66 -19.84 -23.56
CA ALA A 40 16.28 -20.01 -23.17
C ALA A 40 15.39 -19.05 -23.95
N ALA A 41 14.87 -19.54 -25.07
CA ALA A 41 13.97 -18.75 -25.89
C ALA A 41 12.62 -18.61 -25.20
N MET A 42 12.45 -17.50 -24.50
CA MET A 42 11.22 -17.24 -23.76
C MET A 42 10.92 -15.76 -23.80
N PRO A 43 10.13 -15.33 -24.79
CA PRO A 43 9.81 -13.93 -24.97
C PRO A 43 8.62 -13.46 -24.14
N THR A 44 8.92 -12.74 -23.07
CA THR A 44 7.88 -12.16 -22.25
C THR A 44 7.46 -10.81 -22.85
N LEU A 45 6.37 -10.82 -23.57
CA LEU A 45 5.89 -9.64 -24.24
C LEU A 45 4.41 -9.80 -24.54
N SER A 46 3.61 -8.88 -24.02
CA SER A 46 2.16 -8.93 -24.24
C SER A 46 1.54 -7.55 -24.02
N SER A 47 2.41 -6.53 -23.98
CA SER A 47 2.00 -5.15 -23.77
C SER A 47 1.36 -4.94 -22.39
N ALA A 48 0.98 -3.71 -22.10
CA ALA A 48 0.36 -3.37 -20.84
C ALA A 48 -0.32 -2.01 -20.96
N THR A 49 0.46 -1.03 -21.42
CA THR A 49 -0.03 0.34 -21.62
C THR A 49 -0.52 0.94 -20.30
N ALA A 50 0.38 1.59 -19.58
CA ALA A 50 0.04 2.18 -18.30
C ALA A 50 1.11 3.18 -17.87
N GLN A 51 0.81 4.44 -18.06
CA GLN A 51 1.72 5.51 -17.70
C GLN A 51 1.64 5.81 -16.20
N PRO A 52 2.76 6.17 -15.58
CA PRO A 52 2.81 6.49 -14.15
C PRO A 52 2.05 7.79 -13.84
N LEU A 53 0.98 7.66 -13.06
CA LEU A 53 0.17 8.82 -12.70
C LEU A 53 0.84 9.65 -11.61
N PRO A 54 0.97 10.96 -11.84
CA PRO A 54 1.56 11.87 -10.89
C PRO A 54 0.58 12.27 -9.78
N VAL A 55 0.89 11.90 -8.56
CA VAL A 55 0.05 12.24 -7.42
C VAL A 55 0.35 13.66 -6.96
N ALA A 56 -0.56 14.58 -7.29
CA ALA A 56 -0.41 15.97 -6.93
C ALA A 56 -0.59 16.17 -5.43
N SER A 57 -1.53 15.43 -4.87
CA SER A 57 -1.82 15.49 -3.43
C SER A 57 -2.55 14.24 -3.01
N ALA A 58 -2.48 13.91 -1.72
CA ALA A 58 -3.17 12.75 -1.19
C ALA A 58 -4.68 12.96 -1.24
N PRO A 59 -5.41 12.10 -1.96
CA PRO A 59 -6.85 12.20 -2.08
C PRO A 59 -7.57 11.44 -0.97
N VAL A 60 -8.88 11.66 -0.88
CA VAL A 60 -9.70 10.96 0.07
C VAL A 60 -10.20 9.66 -0.56
N LEU A 61 -10.46 8.66 0.25
CA LEU A 61 -10.91 7.39 -0.28
C LEU A 61 -12.43 7.36 -0.39
N SER A 62 -12.92 7.69 -1.57
CA SER A 62 -14.33 7.67 -1.85
C SER A 62 -14.59 6.77 -3.04
N ALA A 63 -14.53 5.50 -2.78
CA ALA A 63 -14.71 4.50 -3.81
C ALA A 63 -15.63 3.41 -3.29
N PRO A 64 -16.29 2.64 -4.19
CA PRO A 64 -17.18 1.55 -3.81
C PRO A 64 -16.50 0.57 -2.84
N LEU A 65 -17.13 0.36 -1.71
CA LEU A 65 -16.57 -0.50 -0.67
C LEU A 65 -16.50 -1.94 -1.12
N GLY A 66 -15.30 -2.45 -1.27
CA GLY A 66 -15.12 -3.82 -1.69
C GLY A 66 -14.55 -3.93 -3.10
N SER A 67 -14.65 -2.84 -3.84
CA SER A 67 -14.13 -2.79 -5.20
C SER A 67 -12.62 -3.02 -5.24
N HIS A 68 -12.14 -3.60 -6.33
CA HIS A 68 -10.72 -3.83 -6.51
C HIS A 68 -10.00 -2.48 -6.58
N GLU A 69 -10.64 -1.54 -7.29
CA GLU A 69 -10.13 -0.17 -7.40
C GLU A 69 -10.03 0.47 -6.02
N TRP A 70 -10.96 0.13 -5.14
CA TRP A 70 -10.97 0.65 -3.77
C TRP A 70 -9.76 0.10 -3.01
N GLN A 71 -9.53 -1.20 -3.13
CA GLN A 71 -8.40 -1.83 -2.48
C GLN A 71 -7.09 -1.30 -3.06
N GLN A 72 -7.02 -1.24 -4.39
CA GLN A 72 -5.86 -0.68 -5.10
C GLN A 72 -5.52 0.73 -4.58
N THR A 73 -6.56 1.52 -4.33
CA THR A 73 -6.39 2.87 -3.81
C THR A 73 -5.80 2.80 -2.40
N PHE A 74 -6.28 1.85 -1.61
CA PHE A 74 -5.77 1.65 -0.26
C PHE A 74 -4.28 1.30 -0.31
N SER A 75 -3.93 0.26 -1.08
CA SER A 75 -2.54 -0.13 -1.26
C SER A 75 -1.66 1.06 -1.65
N GLN A 76 -2.10 1.82 -2.65
CA GLN A 76 -1.38 3.01 -3.09
C GLN A 76 -1.14 3.96 -1.91
N GLN A 77 -2.17 4.15 -1.09
CA GLN A 77 -2.08 4.98 0.10
C GLN A 77 -1.00 4.47 1.06
N VAL A 78 -0.91 3.15 1.19
CA VAL A 78 0.04 2.55 2.12
C VAL A 78 1.47 2.59 1.57
N MET A 79 1.61 2.42 0.27
CA MET A 79 2.93 2.49 -0.34
C MET A 79 3.47 3.91 -0.29
N LEU A 80 2.55 4.87 -0.23
CA LEU A 80 2.91 6.27 -0.10
C LEU A 80 3.74 6.50 1.17
N PHE A 81 3.37 5.79 2.24
CA PHE A 81 4.09 5.84 3.51
C PHE A 81 5.57 5.58 3.34
N THR A 82 5.93 4.47 2.70
CA THR A 82 7.34 4.12 2.53
C THR A 82 8.05 5.08 1.56
N ARG A 83 7.26 5.78 0.74
CA ARG A 83 7.82 6.75 -0.19
C ARG A 83 8.32 7.97 0.57
N GLN A 84 7.42 8.59 1.33
CA GLN A 84 7.74 9.80 2.08
C GLN A 84 8.50 9.50 3.37
N GLY A 85 8.31 8.31 3.91
CA GLY A 85 8.97 7.94 5.14
C GLY A 85 8.12 8.21 6.36
N GLN A 86 6.84 8.52 6.15
CA GLN A 86 5.93 8.81 7.24
C GLN A 86 5.40 7.53 7.90
N GLN A 87 5.68 7.37 9.18
CA GLN A 87 5.22 6.21 9.92
C GLN A 87 3.75 6.34 10.34
N SER A 88 3.13 7.48 10.05
CA SER A 88 1.74 7.69 10.39
C SER A 88 1.09 8.67 9.41
N ALA A 89 -0.19 8.43 9.12
CA ALA A 89 -0.97 9.29 8.23
C ALA A 89 -2.45 9.07 8.45
N GLN A 90 -3.27 9.98 7.96
CA GLN A 90 -4.71 9.87 8.11
C GLN A 90 -5.38 9.69 6.75
N LEU A 91 -6.07 8.59 6.60
CA LEU A 91 -6.78 8.29 5.37
C LEU A 91 -8.26 8.53 5.58
N ARG A 92 -8.86 9.35 4.74
CA ARG A 92 -10.28 9.61 4.86
C ARG A 92 -11.07 8.47 4.23
N LEU A 93 -12.19 8.13 4.86
CA LEU A 93 -12.97 6.97 4.44
C LEU A 93 -14.46 7.26 4.56
N HIS A 94 -15.22 6.77 3.59
CA HIS A 94 -16.67 6.92 3.58
C HIS A 94 -17.33 5.55 3.64
N PRO A 95 -18.51 5.44 4.30
CA PRO A 95 -19.21 6.58 4.90
C PRO A 95 -18.47 7.15 6.09
N GLU A 96 -18.56 8.47 6.29
CA GLU A 96 -17.88 9.18 7.38
C GLU A 96 -18.34 8.76 8.80
N GLU A 97 -18.97 7.61 8.93
CA GLU A 97 -19.29 7.09 10.24
C GLU A 97 -17.99 6.80 10.97
N LEU A 98 -17.19 5.90 10.38
CA LEU A 98 -15.84 5.65 10.86
C LEU A 98 -15.02 6.93 10.72
N GLY A 99 -15.36 7.71 9.70
CA GLY A 99 -14.76 9.00 9.45
C GLY A 99 -13.38 8.95 8.83
N GLN A 100 -12.51 8.12 9.35
CA GLN A 100 -11.16 8.02 8.84
C GLN A 100 -10.52 6.70 9.19
N VAL A 101 -9.35 6.50 8.64
CA VAL A 101 -8.54 5.34 8.91
C VAL A 101 -7.14 5.82 9.27
N HIS A 102 -6.66 5.44 10.43
CA HIS A 102 -5.36 5.87 10.87
C HIS A 102 -4.35 4.77 10.62
N ILE A 103 -3.56 4.93 9.59
CA ILE A 103 -2.57 3.94 9.22
C ILE A 103 -1.22 4.26 9.82
N SER A 104 -0.69 3.31 10.57
CA SER A 104 0.66 3.41 11.09
C SER A 104 1.56 2.50 10.27
N LEU A 105 2.87 2.66 10.42
CA LEU A 105 3.80 1.87 9.63
C LEU A 105 5.11 1.69 10.37
N LYS A 106 5.41 0.48 10.74
CA LYS A 106 6.69 0.18 11.34
C LYS A 106 7.50 -0.62 10.35
N LEU A 107 8.73 -0.23 10.15
CA LEU A 107 9.55 -0.87 9.14
C LEU A 107 10.92 -1.14 9.72
N ASP A 108 11.28 -2.39 9.79
CA ASP A 108 12.57 -2.79 10.31
C ASP A 108 13.05 -4.05 9.65
N ASP A 109 14.36 -4.19 9.53
CA ASP A 109 14.99 -5.35 8.91
C ASP A 109 14.54 -5.51 7.45
N ASN A 110 13.62 -6.42 7.19
CA ASN A 110 13.07 -6.61 5.85
C ASN A 110 11.60 -6.91 5.93
N GLN A 111 10.97 -6.38 6.96
CA GLN A 111 9.58 -6.62 7.21
C GLN A 111 8.91 -5.37 7.75
N ALA A 112 7.63 -5.24 7.50
CA ALA A 112 6.88 -4.09 7.93
C ALA A 112 5.65 -4.51 8.71
N GLN A 113 5.39 -3.80 9.77
CA GLN A 113 4.24 -4.05 10.59
C GLN A 113 3.20 -2.99 10.32
N LEU A 114 2.10 -3.40 9.73
CA LEU A 114 1.05 -2.48 9.38
C LEU A 114 -0.05 -2.50 10.43
N GLN A 115 -0.49 -1.34 10.84
CA GLN A 115 -1.52 -1.22 11.85
C GLN A 115 -2.47 -0.11 11.47
N MET A 116 -3.75 -0.33 11.69
CA MET A 116 -4.77 0.62 11.31
C MET A 116 -5.80 0.77 12.39
N VAL A 117 -6.17 1.98 12.68
CA VAL A 117 -7.21 2.24 13.66
C VAL A 117 -8.52 2.48 12.93
N SER A 118 -9.43 1.54 13.09
CA SER A 118 -10.72 1.56 12.44
C SER A 118 -11.68 0.61 13.16
N PRO A 119 -12.88 1.10 13.49
CA PRO A 119 -13.92 0.27 14.14
C PRO A 119 -14.31 -0.96 13.31
N HIS A 120 -15.17 -1.79 13.86
CA HIS A 120 -15.60 -2.99 13.17
C HIS A 120 -16.76 -2.67 12.26
N SER A 121 -16.65 -3.09 11.03
CA SER A 121 -17.65 -2.82 10.02
C SER A 121 -17.33 -3.64 8.78
N HIS A 122 -18.20 -3.59 7.78
CA HIS A 122 -17.98 -4.33 6.55
C HIS A 122 -16.76 -3.77 5.81
N VAL A 123 -16.44 -2.51 6.08
CA VAL A 123 -15.27 -1.86 5.49
C VAL A 123 -14.00 -2.53 5.99
N ARG A 124 -14.01 -2.94 7.25
CA ARG A 124 -12.85 -3.57 7.89
C ARG A 124 -12.52 -4.90 7.19
N ALA A 125 -13.55 -5.57 6.70
CA ALA A 125 -13.37 -6.84 5.99
C ALA A 125 -12.57 -6.61 4.70
N ALA A 126 -13.01 -5.64 3.91
CA ALA A 126 -12.34 -5.32 2.66
C ALA A 126 -10.98 -4.67 2.92
N LEU A 127 -10.89 -3.96 4.04
CA LEU A 127 -9.63 -3.33 4.45
C LEU A 127 -8.56 -4.40 4.63
N GLU A 128 -8.90 -5.46 5.35
CA GLU A 128 -7.99 -6.56 5.58
C GLU A 128 -7.76 -7.34 4.30
N ALA A 129 -8.83 -7.58 3.54
CA ALA A 129 -8.74 -8.30 2.26
C ALA A 129 -7.81 -7.60 1.27
N ALA A 130 -7.55 -6.33 1.50
CA ALA A 130 -6.65 -5.57 0.65
C ALA A 130 -5.18 -5.88 0.94
N LEU A 131 -4.93 -6.49 2.09
CA LEU A 131 -3.58 -6.78 2.53
C LEU A 131 -2.92 -7.89 1.66
N PRO A 132 -3.62 -9.03 1.39
CA PRO A 132 -3.09 -10.09 0.52
C PRO A 132 -2.61 -9.56 -0.83
N MET A 133 -3.29 -8.54 -1.34
CA MET A 133 -2.92 -7.94 -2.61
C MET A 133 -1.72 -7.02 -2.42
N LEU A 134 -1.70 -6.36 -1.27
CA LEU A 134 -0.68 -5.39 -0.93
C LEU A 134 0.67 -6.07 -0.67
N ARG A 135 0.63 -7.24 -0.03
CA ARG A 135 1.86 -7.99 0.27
C ARG A 135 2.64 -8.29 -1.01
N THR A 136 1.92 -8.57 -2.09
CA THR A 136 2.54 -8.86 -3.36
C THR A 136 3.15 -7.59 -3.97
N GLN A 137 2.47 -6.46 -3.79
CA GLN A 137 2.97 -5.18 -4.29
C GLN A 137 4.22 -4.77 -3.52
N LEU A 138 4.18 -4.99 -2.21
CA LEU A 138 5.27 -4.66 -1.32
C LEU A 138 6.46 -5.61 -1.49
N ALA A 139 6.17 -6.88 -1.79
CA ALA A 139 7.22 -7.88 -1.96
C ALA A 139 8.19 -7.47 -3.06
N GLU A 140 7.66 -6.84 -4.08
CA GLU A 140 8.47 -6.39 -5.21
C GLU A 140 9.13 -5.03 -4.90
N SER A 141 9.06 -4.63 -3.64
CA SER A 141 9.67 -3.40 -3.19
C SER A 141 10.58 -3.71 -1.99
N GLY A 142 10.89 -4.98 -1.82
CA GLY A 142 11.70 -5.42 -0.69
C GLY A 142 11.02 -5.16 0.64
N ILE A 143 9.74 -5.46 0.71
CA ILE A 143 8.95 -5.26 1.91
C ILE A 143 8.06 -6.46 2.16
N GLN A 144 7.94 -6.88 3.40
CA GLN A 144 7.11 -8.01 3.75
C GLN A 144 6.31 -7.71 5.00
N LEU A 145 4.99 -7.86 4.91
CA LEU A 145 4.12 -7.59 6.04
C LEU A 145 4.20 -8.70 7.06
N GLY A 146 4.79 -8.41 8.20
CA GLY A 146 4.90 -9.38 9.25
C GLY A 146 3.64 -9.45 10.06
N GLN A 147 3.46 -8.49 10.94
CA GLN A 147 2.27 -8.40 11.74
C GLN A 147 1.35 -7.32 11.19
N SER A 148 0.05 -7.48 11.40
CA SER A 148 -0.93 -6.53 10.92
C SER A 148 -2.13 -6.57 11.85
N SER A 149 -2.46 -5.43 12.44
CA SER A 149 -3.57 -5.39 13.37
C SER A 149 -4.43 -4.14 13.26
N ILE A 150 -5.61 -4.29 12.66
CA ILE A 150 -6.60 -3.23 12.68
C ILE A 150 -7.30 -3.20 14.04
N SER A 151 -7.12 -2.11 14.75
CA SER A 151 -7.72 -1.93 16.06
C SER A 151 -8.82 -0.89 15.94
N SER A 152 -9.85 -1.00 16.76
CA SER A 152 -10.91 -0.02 16.73
C SER A 152 -10.49 1.20 17.52
N GLU A 153 -9.73 0.96 18.57
CA GLU A 153 -9.19 2.00 19.41
C GLU A 153 -7.98 1.50 20.18
N SER A 154 -8.04 0.25 20.60
CA SER A 154 -6.95 -0.34 21.34
C SER A 154 -6.62 -1.75 20.84
N PHE A 155 -7.48 -2.70 21.17
CA PHE A 155 -7.27 -4.09 20.77
C PHE A 155 -8.57 -4.73 20.33
N ALA A 156 -8.46 -5.83 19.60
CA ALA A 156 -9.63 -6.54 19.15
C ALA A 156 -10.15 -7.47 20.24
N GLY A 157 -11.21 -7.05 20.89
CA GLY A 157 -11.79 -7.87 21.93
C GLY A 157 -12.74 -8.90 21.36
N GLN A 158 -13.02 -9.93 22.14
CA GLN A 158 -13.91 -11.01 21.72
C GLN A 158 -14.58 -11.64 22.91
N GLN A 159 -15.37 -12.67 22.63
CA GLN A 159 -16.11 -13.36 23.67
C GLN A 159 -16.55 -14.71 23.16
N GLN A 160 -16.78 -15.62 24.07
CA GLN A 160 -17.23 -16.95 23.73
C GLN A 160 -18.12 -17.48 24.82
N SER A 161 -19.41 -17.28 24.65
CA SER A 161 -20.39 -17.75 25.59
C SER A 161 -20.51 -19.27 25.53
N SER A 162 -20.89 -19.89 26.64
CA SER A 162 -21.02 -21.33 26.71
C SER A 162 -21.71 -21.73 28.01
N SER A 163 -22.94 -22.20 27.90
CA SER A 163 -23.72 -22.60 29.06
C SER A 163 -24.70 -23.69 28.69
N GLN A 164 -24.78 -24.71 29.52
CA GLN A 164 -25.69 -25.82 29.32
C GLN A 164 -25.91 -26.57 30.60
N GLN A 165 -27.02 -27.25 30.70
CA GLN A 165 -27.36 -28.01 31.90
C GLN A 165 -28.45 -28.99 31.60
N GLN A 166 -28.78 -29.81 32.57
CA GLN A 166 -29.84 -30.77 32.42
C GLN A 166 -30.76 -30.70 33.62
N SER A 167 -32.03 -30.43 33.36
CA SER A 167 -33.02 -30.32 34.39
C SER A 167 -34.41 -30.29 33.75
N SER A 168 -35.44 -30.28 34.57
CA SER A 168 -36.81 -30.27 34.09
C SER A 168 -37.74 -29.74 35.16
N ARG A 169 -38.84 -29.17 34.74
CA ARG A 169 -39.84 -28.66 35.66
C ARG A 169 -40.80 -29.77 36.04
N HIS A 1 20.56 -15.30 79.98
CA HIS A 1 20.81 -16.70 79.58
C HIS A 1 19.54 -17.34 79.06
N MET A 2 19.48 -17.54 77.75
CA MET A 2 18.32 -18.11 77.11
C MET A 2 18.67 -19.44 76.46
N ALA A 3 17.72 -19.98 75.72
CA ALA A 3 17.89 -21.25 75.03
C ALA A 3 16.75 -21.45 74.04
N SER A 4 17.00 -21.09 72.80
CA SER A 4 16.00 -21.19 71.76
C SER A 4 15.80 -22.65 71.33
N ASP A 5 14.69 -23.23 71.76
CA ASP A 5 14.34 -24.58 71.36
C ASP A 5 13.56 -24.52 70.06
N ASP A 6 12.53 -23.68 70.05
CA ASP A 6 11.69 -23.44 68.87
C ASP A 6 11.00 -24.74 68.43
N ARG A 7 10.45 -24.73 67.22
CA ARG A 7 9.74 -25.89 66.71
C ARG A 7 9.79 -25.90 65.20
N ALA A 8 9.52 -27.05 64.61
CA ALA A 8 9.49 -27.22 63.18
C ALA A 8 8.85 -28.55 62.83
N THR A 9 8.24 -28.61 61.68
CA THR A 9 7.62 -29.83 61.21
C THR A 9 7.64 -29.89 59.69
N GLY A 10 8.65 -30.55 59.14
CA GLY A 10 8.77 -30.65 57.71
C GLY A 10 8.96 -32.08 57.25
N PRO A 11 7.87 -32.82 57.03
CA PRO A 11 7.93 -34.21 56.56
C PRO A 11 8.42 -34.29 55.13
N ALA A 12 9.31 -35.23 54.87
CA ALA A 12 9.85 -35.43 53.56
C ALA A 12 8.77 -36.00 52.64
N LEU A 13 8.63 -35.41 51.48
CA LEU A 13 7.60 -35.80 50.54
C LEU A 13 8.14 -35.75 49.12
N THR A 14 7.88 -36.78 48.37
CA THR A 14 8.33 -36.86 47.00
C THR A 14 7.37 -36.10 46.09
N PRO A 15 7.87 -35.11 45.35
CA PRO A 15 7.05 -34.33 44.42
C PRO A 15 6.39 -35.23 43.39
N LEU A 16 5.08 -35.08 43.24
CA LEU A 16 4.34 -35.91 42.31
C LEU A 16 4.60 -35.43 40.88
N VAL A 17 5.39 -36.20 40.16
CA VAL A 17 5.71 -35.90 38.78
C VAL A 17 4.63 -36.49 37.87
N VAL A 18 4.24 -35.75 36.85
CA VAL A 18 3.23 -36.21 35.92
C VAL A 18 3.87 -37.08 34.84
N ALA A 19 3.13 -38.08 34.37
CA ALA A 19 3.62 -38.99 33.35
C ALA A 19 2.47 -39.76 32.75
N ALA A 20 2.76 -40.52 31.72
CA ALA A 20 1.76 -41.31 31.03
C ALA A 20 2.43 -42.33 30.13
N ALA A 21 1.67 -42.91 29.22
CA ALA A 21 2.18 -43.92 28.31
C ALA A 21 1.24 -44.09 27.15
N ALA A 22 1.74 -44.67 26.08
CA ALA A 22 0.94 -44.86 24.88
C ALA A 22 1.58 -45.88 23.96
N THR A 23 0.79 -46.45 23.08
CA THR A 23 1.23 -47.42 22.13
C THR A 23 0.42 -47.28 20.86
N SER A 24 1.03 -47.52 19.72
CA SER A 24 0.35 -47.40 18.45
C SER A 24 1.15 -48.05 17.33
N ALA A 25 0.45 -48.79 16.48
CA ALA A 25 1.07 -49.47 15.35
C ALA A 25 -0.01 -49.96 14.41
N LYS A 26 -0.37 -49.10 13.47
CA LYS A 26 -1.41 -49.39 12.50
C LYS A 26 -1.27 -48.45 11.32
N VAL A 27 -1.43 -48.97 10.12
CA VAL A 27 -1.32 -48.16 8.94
C VAL A 27 -2.67 -47.72 8.39
N GLU A 28 -2.87 -46.42 8.29
CA GLU A 28 -4.08 -45.88 7.72
C GLU A 28 -3.94 -45.78 6.21
N VAL A 29 -4.66 -46.62 5.51
CA VAL A 29 -4.64 -46.60 4.07
C VAL A 29 -5.59 -45.53 3.54
N ASP A 30 -5.03 -44.52 2.91
CA ASP A 30 -5.82 -43.42 2.38
C ASP A 30 -5.04 -42.70 1.29
N SER A 31 -5.46 -42.89 0.06
CA SER A 31 -4.81 -42.27 -1.07
C SER A 31 -5.79 -42.11 -2.24
N PRO A 32 -6.55 -41.01 -2.24
CA PRO A 32 -7.53 -40.74 -3.28
C PRO A 32 -6.88 -40.19 -4.55
N PRO A 33 -7.12 -40.84 -5.71
CA PRO A 33 -6.56 -40.41 -7.00
C PRO A 33 -6.91 -38.96 -7.31
N ALA A 34 -5.91 -38.20 -7.72
CA ALA A 34 -6.09 -36.79 -8.03
C ALA A 34 -6.86 -36.62 -9.34
N PRO A 35 -7.83 -35.68 -9.36
CA PRO A 35 -8.60 -35.39 -10.55
C PRO A 35 -7.87 -34.40 -11.46
N VAL A 36 -8.60 -33.66 -12.29
CA VAL A 36 -8.00 -32.69 -13.18
C VAL A 36 -7.66 -31.39 -12.44
N THR A 37 -8.59 -30.97 -11.57
CA THR A 37 -8.44 -29.76 -10.77
C THR A 37 -8.05 -28.55 -11.62
N HIS A 38 -9.02 -27.93 -12.25
CA HIS A 38 -8.76 -26.77 -13.09
C HIS A 38 -9.52 -25.56 -12.59
N GLY A 39 -8.85 -24.44 -12.56
CA GLY A 39 -9.46 -23.22 -12.13
C GLY A 39 -8.66 -22.02 -12.56
N ALA A 40 -9.20 -21.26 -13.48
CA ALA A 40 -8.53 -20.08 -14.00
C ALA A 40 -9.50 -19.21 -14.78
N ALA A 41 -10.32 -19.87 -15.62
CA ALA A 41 -11.34 -19.19 -16.45
C ALA A 41 -10.71 -18.41 -17.62
N MET A 42 -9.55 -17.84 -17.37
CA MET A 42 -8.82 -17.08 -18.36
C MET A 42 -7.34 -17.08 -17.99
N PRO A 43 -6.45 -16.88 -18.99
CA PRO A 43 -5.00 -16.80 -18.72
C PRO A 43 -4.65 -15.54 -17.92
N THR A 44 -3.38 -15.40 -17.57
CA THR A 44 -2.94 -14.27 -16.79
C THR A 44 -2.75 -13.04 -17.68
N LEU A 45 -3.04 -11.87 -17.13
CA LEU A 45 -2.94 -10.62 -17.86
C LEU A 45 -2.86 -9.46 -16.89
N SER A 46 -2.72 -8.25 -17.40
CA SER A 46 -2.67 -7.07 -16.55
C SER A 46 -4.08 -6.70 -16.04
N SER A 47 -4.71 -5.71 -16.71
CA SER A 47 -6.05 -5.26 -16.35
C SER A 47 -6.14 -4.71 -14.92
N ALA A 48 -7.31 -4.14 -14.59
CA ALA A 48 -7.63 -3.62 -13.25
C ALA A 48 -6.75 -2.43 -12.84
N THR A 49 -5.90 -1.98 -13.73
CA THR A 49 -5.02 -0.86 -13.44
C THR A 49 -5.67 0.45 -13.85
N ALA A 50 -6.11 0.52 -15.12
CA ALA A 50 -6.75 1.70 -15.69
C ALA A 50 -5.83 2.91 -15.65
N GLN A 51 -6.38 4.07 -15.94
CA GLN A 51 -5.61 5.30 -15.89
C GLN A 51 -5.56 5.83 -14.46
N PRO A 52 -4.35 6.13 -13.97
CA PRO A 52 -4.16 6.65 -12.62
C PRO A 52 -4.60 8.10 -12.49
N LEU A 53 -4.73 8.55 -11.27
CA LEU A 53 -5.16 9.92 -11.00
C LEU A 53 -3.95 10.85 -10.95
N PRO A 54 -3.87 11.79 -11.92
CA PRO A 54 -2.74 12.72 -12.01
C PRO A 54 -2.85 13.88 -11.03
N VAL A 55 -1.80 14.70 -10.99
CA VAL A 55 -1.73 15.87 -10.11
C VAL A 55 -1.50 15.46 -8.65
N ALA A 56 -0.72 16.26 -7.93
CA ALA A 56 -0.43 16.00 -6.54
C ALA A 56 -1.68 16.14 -5.69
N SER A 57 -1.61 15.61 -4.47
CA SER A 57 -2.73 15.57 -3.56
C SER A 57 -3.82 14.66 -4.13
N ALA A 58 -3.65 13.38 -3.93
CA ALA A 58 -4.59 12.40 -4.42
C ALA A 58 -5.90 12.47 -3.64
N PRO A 59 -7.04 12.17 -4.29
CA PRO A 59 -8.34 12.14 -3.62
C PRO A 59 -8.40 11.05 -2.56
N VAL A 60 -9.52 10.96 -1.87
CA VAL A 60 -9.69 9.97 -0.83
C VAL A 60 -10.11 8.63 -1.41
N LEU A 61 -10.23 7.64 -0.56
CA LEU A 61 -10.59 6.31 -0.99
C LEU A 61 -12.10 6.16 -1.04
N SER A 62 -12.67 6.49 -2.17
CA SER A 62 -14.10 6.38 -2.35
C SER A 62 -14.42 5.55 -3.59
N ALA A 63 -14.30 4.25 -3.42
CA ALA A 63 -14.57 3.31 -4.48
C ALA A 63 -15.38 2.16 -3.91
N PRO A 64 -16.12 1.41 -4.76
CA PRO A 64 -16.90 0.24 -4.31
C PRO A 64 -16.08 -0.67 -3.39
N LEU A 65 -16.64 -0.96 -2.23
CA LEU A 65 -15.94 -1.72 -1.21
C LEU A 65 -15.71 -3.16 -1.65
N GLY A 66 -14.48 -3.46 -2.00
CA GLY A 66 -14.14 -4.80 -2.45
C GLY A 66 -13.65 -4.80 -3.88
N SER A 67 -13.95 -3.73 -4.60
CA SER A 67 -13.54 -3.57 -5.98
C SER A 67 -12.03 -3.57 -6.11
N HIS A 68 -11.54 -3.94 -7.28
CA HIS A 68 -10.12 -3.94 -7.53
C HIS A 68 -9.64 -2.50 -7.73
N GLU A 69 -10.55 -1.63 -8.15
CA GLU A 69 -10.24 -0.20 -8.32
C GLU A 69 -10.08 0.42 -6.92
N TRP A 70 -10.77 -0.20 -5.98
CA TRP A 70 -10.69 0.20 -4.59
C TRP A 70 -9.34 -0.22 -4.05
N GLN A 71 -8.93 -1.43 -4.41
CA GLN A 71 -7.63 -1.95 -4.03
C GLN A 71 -6.50 -1.16 -4.69
N GLN A 72 -6.76 -0.62 -5.88
CA GLN A 72 -5.76 0.16 -6.61
C GLN A 72 -5.58 1.53 -5.99
N THR A 73 -6.68 2.13 -5.57
CA THR A 73 -6.63 3.43 -4.93
C THR A 73 -6.00 3.32 -3.53
N PHE A 74 -6.15 2.14 -2.93
CA PHE A 74 -5.58 1.86 -1.62
C PHE A 74 -4.08 1.57 -1.73
N SER A 75 -3.72 0.65 -2.62
CA SER A 75 -2.32 0.27 -2.82
C SER A 75 -1.41 1.48 -3.11
N GLN A 76 -1.94 2.49 -3.79
CA GLN A 76 -1.14 3.65 -4.13
C GLN A 76 -0.92 4.56 -2.92
N GLN A 77 -1.96 4.74 -2.10
CA GLN A 77 -1.85 5.57 -0.89
C GLN A 77 -0.84 4.98 0.09
N VAL A 78 -0.59 3.68 -0.03
CA VAL A 78 0.35 2.99 0.83
C VAL A 78 1.79 3.23 0.35
N MET A 79 1.91 3.62 -0.90
CA MET A 79 3.23 3.90 -1.45
C MET A 79 3.78 5.18 -0.84
N LEU A 80 2.88 6.04 -0.38
CA LEU A 80 3.25 7.31 0.26
C LEU A 80 4.13 7.05 1.48
N PHE A 81 3.88 5.94 2.16
CA PHE A 81 4.64 5.54 3.35
C PHE A 81 6.13 5.48 3.04
N THR A 82 6.49 4.67 2.07
CA THR A 82 7.88 4.48 1.71
C THR A 82 8.45 5.70 0.96
N ARG A 83 7.58 6.46 0.28
CA ARG A 83 8.03 7.64 -0.45
C ARG A 83 8.40 8.77 0.49
N GLN A 84 7.41 9.25 1.24
CA GLN A 84 7.62 10.37 2.15
C GLN A 84 8.31 9.92 3.44
N GLY A 85 8.42 8.61 3.62
CA GLY A 85 9.04 8.08 4.82
C GLY A 85 8.09 8.10 5.99
N GLN A 86 6.84 8.40 5.71
CA GLN A 86 5.82 8.51 6.74
C GLN A 86 5.23 7.14 7.09
N GLN A 87 5.57 6.65 8.25
CA GLN A 87 5.03 5.38 8.74
C GLN A 87 3.61 5.57 9.32
N SER A 88 2.89 6.51 8.74
CA SER A 88 1.56 6.87 9.20
C SER A 88 0.76 7.46 8.05
N ALA A 89 -0.55 7.40 8.14
CA ALA A 89 -1.41 7.92 7.09
C ALA A 89 -2.83 8.15 7.56
N GLN A 90 -3.40 9.25 7.14
CA GLN A 90 -4.78 9.56 7.45
C GLN A 90 -5.66 9.19 6.27
N LEU A 91 -6.54 8.25 6.48
CA LEU A 91 -7.42 7.80 5.43
C LEU A 91 -8.84 8.24 5.67
N ARG A 92 -9.34 9.09 4.80
CA ARG A 92 -10.71 9.57 4.87
C ARG A 92 -11.64 8.54 4.23
N LEU A 93 -12.75 8.25 4.89
CA LEU A 93 -13.68 7.20 4.45
C LEU A 93 -15.11 7.54 4.84
N HIS A 94 -16.04 6.74 4.36
CA HIS A 94 -17.45 6.86 4.73
C HIS A 94 -17.90 5.58 5.44
N PRO A 95 -18.85 5.65 6.41
CA PRO A 95 -19.56 6.89 6.82
C PRO A 95 -18.62 8.05 7.16
N GLU A 96 -18.99 9.23 6.67
CA GLU A 96 -18.18 10.43 6.82
C GLU A 96 -18.26 10.98 8.25
N GLU A 97 -19.28 10.55 8.99
CA GLU A 97 -19.42 10.94 10.39
C GLU A 97 -18.15 10.56 11.16
N LEU A 98 -17.65 9.36 10.89
CA LEU A 98 -16.36 8.94 11.39
C LEU A 98 -15.32 9.67 10.56
N GLY A 99 -15.28 9.29 9.29
CA GLY A 99 -14.49 9.97 8.29
C GLY A 99 -12.99 9.75 8.36
N GLN A 100 -12.44 9.73 9.55
CA GLN A 100 -10.99 9.64 9.69
C GLN A 100 -10.54 8.28 10.19
N VAL A 101 -9.55 7.74 9.52
CA VAL A 101 -8.94 6.47 9.87
C VAL A 101 -7.43 6.63 9.89
N HIS A 102 -6.82 6.43 11.04
CA HIS A 102 -5.38 6.59 11.16
C HIS A 102 -4.66 5.27 10.98
N ILE A 103 -3.88 5.20 9.93
CA ILE A 103 -3.10 4.01 9.63
C ILE A 103 -1.76 4.05 10.37
N SER A 104 -1.15 2.89 10.47
CA SER A 104 0.05 2.72 11.25
C SER A 104 0.99 1.73 10.57
N LEU A 105 2.27 1.95 10.70
CA LEU A 105 3.25 1.08 10.10
C LEU A 105 4.43 0.89 11.04
N LYS A 106 5.11 -0.21 10.88
CA LYS A 106 6.28 -0.52 11.68
C LYS A 106 7.32 -1.16 10.80
N LEU A 107 8.56 -0.74 10.94
CA LEU A 107 9.62 -1.27 10.12
C LEU A 107 10.67 -1.92 11.00
N ASP A 108 10.64 -3.21 11.07
CA ASP A 108 11.56 -3.97 11.90
C ASP A 108 12.54 -4.70 11.02
N ASP A 109 13.81 -4.28 11.06
CA ASP A 109 14.89 -4.83 10.21
C ASP A 109 14.54 -4.85 8.71
N ASN A 110 13.78 -5.84 8.29
CA ASN A 110 13.41 -6.02 6.89
C ASN A 110 11.98 -6.56 6.78
N GLN A 111 11.17 -6.21 7.75
CA GLN A 111 9.79 -6.65 7.79
C GLN A 111 8.91 -5.50 8.25
N ALA A 112 7.85 -5.27 7.54
CA ALA A 112 6.95 -4.19 7.83
C ALA A 112 5.64 -4.71 8.37
N GLN A 113 5.33 -4.37 9.61
CA GLN A 113 4.07 -4.78 10.20
C GLN A 113 3.01 -3.73 9.93
N LEU A 114 1.89 -4.19 9.41
CA LEU A 114 0.80 -3.30 9.05
C LEU A 114 -0.21 -3.22 10.20
N GLN A 115 -0.24 -2.09 10.85
CA GLN A 115 -1.16 -1.85 11.94
C GLN A 115 -2.27 -0.92 11.46
N MET A 116 -3.45 -1.06 12.03
CA MET A 116 -4.57 -0.24 11.62
C MET A 116 -5.44 0.15 12.80
N VAL A 117 -5.88 1.40 12.79
CA VAL A 117 -6.79 1.90 13.79
C VAL A 117 -8.10 2.23 13.11
N SER A 118 -9.08 1.38 13.30
CA SER A 118 -10.34 1.50 12.61
C SER A 118 -11.44 0.78 13.39
N PRO A 119 -12.70 1.21 13.21
CA PRO A 119 -13.84 0.57 13.86
C PRO A 119 -14.02 -0.88 13.38
N HIS A 120 -14.94 -1.59 13.99
CA HIS A 120 -15.16 -2.98 13.64
C HIS A 120 -16.50 -3.14 12.96
N SER A 121 -16.47 -3.48 11.68
CA SER A 121 -17.66 -3.63 10.89
C SER A 121 -17.30 -4.31 9.56
N HIS A 122 -18.20 -4.23 8.58
CA HIS A 122 -17.98 -4.85 7.25
C HIS A 122 -16.75 -4.23 6.56
N VAL A 123 -16.35 -3.04 6.99
CA VAL A 123 -15.18 -2.37 6.43
C VAL A 123 -13.91 -3.15 6.77
N ARG A 124 -14.00 -3.97 7.80
CA ARG A 124 -12.86 -4.76 8.23
C ARG A 124 -12.65 -5.92 7.28
N ALA A 125 -13.77 -6.46 6.81
CA ALA A 125 -13.78 -7.58 5.88
C ALA A 125 -13.05 -7.23 4.59
N ALA A 126 -13.14 -5.98 4.18
CA ALA A 126 -12.51 -5.53 2.97
C ALA A 126 -11.00 -5.42 3.15
N LEU A 127 -10.57 -4.96 4.32
CA LEU A 127 -9.15 -4.85 4.61
C LEU A 127 -8.52 -6.23 4.72
N GLU A 128 -9.27 -7.17 5.29
CA GLU A 128 -8.81 -8.55 5.40
C GLU A 128 -8.63 -9.14 4.01
N ALA A 129 -9.58 -8.86 3.13
CA ALA A 129 -9.53 -9.32 1.75
C ALA A 129 -8.38 -8.67 0.99
N ALA A 130 -8.08 -7.44 1.35
CA ALA A 130 -7.03 -6.67 0.69
C ALA A 130 -5.62 -7.11 1.09
N LEU A 131 -5.51 -7.87 2.17
CA LEU A 131 -4.20 -8.32 2.67
C LEU A 131 -3.34 -9.01 1.57
N PRO A 132 -3.87 -10.04 0.84
CA PRO A 132 -3.11 -10.69 -0.24
C PRO A 132 -2.64 -9.69 -1.30
N MET A 133 -3.42 -8.65 -1.49
CA MET A 133 -3.10 -7.61 -2.45
C MET A 133 -1.99 -6.72 -1.88
N LEU A 134 -2.19 -6.28 -0.65
CA LEU A 134 -1.26 -5.39 0.04
C LEU A 134 0.10 -6.04 0.27
N ARG A 135 0.10 -7.34 0.56
CA ARG A 135 1.35 -8.06 0.82
C ARG A 135 2.18 -8.14 -0.46
N THR A 136 1.51 -7.97 -1.58
CA THR A 136 2.15 -7.98 -2.86
C THR A 136 2.79 -6.63 -3.15
N GLN A 137 2.08 -5.55 -2.80
CA GLN A 137 2.57 -4.20 -3.00
C GLN A 137 3.86 -3.95 -2.22
N LEU A 138 3.91 -4.41 -0.98
CA LEU A 138 5.10 -4.23 -0.15
C LEU A 138 6.21 -5.15 -0.62
N ALA A 139 5.83 -6.28 -1.18
CA ALA A 139 6.79 -7.26 -1.66
C ALA A 139 7.59 -6.72 -2.83
N GLU A 140 6.98 -5.83 -3.60
CA GLU A 140 7.65 -5.24 -4.76
C GLU A 140 8.54 -4.08 -4.34
N SER A 141 8.54 -3.79 -3.04
CA SER A 141 9.38 -2.75 -2.49
C SER A 141 10.63 -3.39 -1.88
N GLY A 142 10.73 -4.70 -2.04
CA GLY A 142 11.86 -5.45 -1.50
C GLY A 142 11.73 -5.69 0.00
N ILE A 143 10.65 -5.22 0.59
CA ILE A 143 10.43 -5.38 2.01
C ILE A 143 9.43 -6.51 2.27
N GLN A 144 9.68 -7.29 3.29
CA GLN A 144 8.77 -8.35 3.66
C GLN A 144 7.70 -7.81 4.60
N LEU A 145 6.59 -8.51 4.69
CA LEU A 145 5.50 -8.08 5.53
C LEU A 145 5.59 -8.81 6.85
N GLY A 146 5.62 -8.07 7.92
CA GLY A 146 5.78 -8.67 9.22
C GLY A 146 4.45 -9.06 9.82
N GLN A 147 4.18 -8.51 10.98
CA GLN A 147 2.97 -8.82 11.70
C GLN A 147 1.80 -8.03 11.12
N SER A 148 0.62 -8.29 11.63
CA SER A 148 -0.58 -7.61 11.20
C SER A 148 -1.44 -7.34 12.41
N SER A 149 -2.00 -6.15 12.48
CA SER A 149 -2.79 -5.76 13.61
C SER A 149 -3.97 -4.90 13.20
N ILE A 150 -5.10 -5.12 13.86
CA ILE A 150 -6.32 -4.37 13.62
C ILE A 150 -6.92 -3.99 14.96
N SER A 151 -7.12 -2.72 15.17
CA SER A 151 -7.62 -2.26 16.45
C SER A 151 -8.58 -1.09 16.29
N SER A 152 -9.62 -1.07 17.09
CA SER A 152 -10.59 0.02 17.06
C SER A 152 -10.11 1.14 17.97
N GLU A 153 -9.35 0.78 18.99
CA GLU A 153 -8.80 1.77 19.92
C GLU A 153 -7.33 1.46 20.20
N SER A 154 -7.08 0.29 20.77
CA SER A 154 -5.73 -0.12 21.09
C SER A 154 -5.60 -1.64 20.89
N PHE A 155 -4.48 -2.20 21.31
CA PHE A 155 -4.24 -3.63 21.15
C PHE A 155 -5.02 -4.42 22.19
N ALA A 156 -5.79 -5.38 21.72
CA ALA A 156 -6.61 -6.20 22.59
C ALA A 156 -6.91 -7.54 21.92
N GLY A 157 -7.49 -8.45 22.66
CA GLY A 157 -7.83 -9.73 22.11
C GLY A 157 -7.53 -10.86 23.06
N GLN A 158 -7.38 -12.05 22.51
CA GLN A 158 -7.12 -13.25 23.29
C GLN A 158 -6.33 -14.22 22.42
N GLN A 159 -5.62 -15.14 23.05
CA GLN A 159 -4.87 -16.14 22.31
C GLN A 159 -5.80 -17.23 21.85
N GLN A 160 -5.98 -17.33 20.55
CA GLN A 160 -6.87 -18.33 19.98
C GLN A 160 -6.14 -19.65 19.78
N SER A 161 -5.82 -20.29 20.89
CA SER A 161 -5.15 -21.58 20.87
C SER A 161 -6.18 -22.69 20.85
N SER A 162 -5.85 -23.80 20.23
CA SER A 162 -6.76 -24.93 20.14
C SER A 162 -6.03 -26.17 19.64
N SER A 163 -6.43 -27.31 20.14
CA SER A 163 -5.86 -28.58 19.75
C SER A 163 -6.94 -29.64 19.76
N GLN A 164 -6.79 -30.65 18.95
CA GLN A 164 -7.76 -31.72 18.88
C GLN A 164 -7.13 -32.96 18.29
N GLN A 165 -6.94 -33.97 19.12
CA GLN A 165 -6.37 -35.23 18.67
C GLN A 165 -7.42 -36.08 17.97
N GLN A 166 -7.32 -36.14 16.66
CA GLN A 166 -8.23 -36.94 15.86
C GLN A 166 -7.56 -38.28 15.52
N SER A 167 -7.71 -39.23 16.42
CA SER A 167 -7.12 -40.54 16.23
C SER A 167 -7.87 -41.34 15.17
N SER A 168 -7.39 -41.28 13.95
CA SER A 168 -7.95 -42.07 12.88
C SER A 168 -7.45 -43.50 12.99
N ARG A 169 -8.12 -44.42 12.35
CA ARG A 169 -7.69 -45.80 12.37
C ARG A 169 -6.60 -46.01 11.34
N HIS A 1 81.13 28.61 -62.83
CA HIS A 1 79.91 27.82 -62.54
C HIS A 1 79.65 27.76 -61.05
N MET A 2 78.75 28.59 -60.58
CA MET A 2 78.35 28.62 -59.19
C MET A 2 76.84 28.73 -59.12
N ALA A 3 76.27 28.41 -57.97
CA ALA A 3 74.83 28.45 -57.81
C ALA A 3 74.45 28.32 -56.36
N SER A 4 73.34 28.94 -56.00
CA SER A 4 72.84 28.90 -54.64
C SER A 4 72.25 27.53 -54.33
N ASP A 5 72.97 26.74 -53.56
CA ASP A 5 72.52 25.42 -53.19
C ASP A 5 71.54 25.51 -52.03
N ASP A 6 71.98 26.12 -50.93
CA ASP A 6 71.15 26.32 -49.73
C ASP A 6 70.66 25.01 -49.12
N ARG A 7 69.83 25.11 -48.09
CA ARG A 7 69.25 23.94 -47.45
C ARG A 7 68.03 24.35 -46.65
N ALA A 8 66.90 24.40 -47.32
CA ALA A 8 65.65 24.76 -46.69
C ALA A 8 65.13 23.62 -45.85
N THR A 9 64.57 23.94 -44.70
CA THR A 9 64.00 22.95 -43.82
C THR A 9 62.91 23.59 -42.96
N GLY A 10 61.79 22.90 -42.85
CA GLY A 10 60.69 23.41 -42.06
C GLY A 10 59.82 22.29 -41.53
N PRO A 11 60.29 21.54 -40.53
CA PRO A 11 59.54 20.44 -39.93
C PRO A 11 58.44 20.95 -39.01
N ALA A 12 57.80 20.03 -38.31
CA ALA A 12 56.71 20.37 -37.41
C ALA A 12 56.44 19.23 -36.46
N LEU A 13 55.76 19.54 -35.38
CA LEU A 13 55.40 18.55 -34.37
C LEU A 13 54.04 18.89 -33.80
N THR A 14 53.26 17.88 -33.55
CA THR A 14 51.93 18.07 -33.03
C THR A 14 51.91 18.22 -31.52
N PRO A 15 51.43 19.36 -31.01
CA PRO A 15 51.29 19.58 -29.57
C PRO A 15 50.31 18.55 -28.99
N LEU A 16 50.68 17.95 -27.87
CA LEU A 16 49.86 16.90 -27.29
C LEU A 16 49.97 16.91 -25.78
N VAL A 17 48.87 17.17 -25.12
CA VAL A 17 48.80 17.18 -23.68
C VAL A 17 47.36 16.89 -23.24
N VAL A 18 47.21 16.21 -22.12
CA VAL A 18 45.89 15.88 -21.61
C VAL A 18 45.93 15.76 -20.08
N ALA A 19 44.79 15.96 -19.45
CA ALA A 19 44.67 15.88 -18.00
C ALA A 19 43.20 15.79 -17.61
N ALA A 20 42.93 15.18 -16.46
CA ALA A 20 41.57 15.02 -15.98
C ALA A 20 41.59 14.55 -14.54
N ALA A 21 40.66 15.08 -13.75
CA ALA A 21 40.54 14.74 -12.34
C ALA A 21 39.25 15.30 -11.76
N ALA A 22 38.54 14.49 -10.98
CA ALA A 22 37.28 14.91 -10.38
C ALA A 22 36.84 13.90 -9.33
N THR A 23 35.76 14.23 -8.61
CA THR A 23 35.23 13.35 -7.56
C THR A 23 33.71 13.45 -7.49
N SER A 24 33.08 12.36 -7.08
CA SER A 24 31.63 12.28 -6.98
C SER A 24 31.23 11.11 -6.09
N ALA A 25 30.17 11.28 -5.29
CA ALA A 25 29.72 10.25 -4.39
C ALA A 25 28.35 10.62 -3.81
N LYS A 26 27.68 9.65 -3.19
CA LYS A 26 26.38 9.87 -2.59
C LYS A 26 26.08 8.80 -1.55
N VAL A 27 25.06 9.05 -0.73
CA VAL A 27 24.68 8.12 0.34
C VAL A 27 23.16 8.07 0.47
N GLU A 28 22.69 7.34 1.47
CA GLU A 28 21.25 7.20 1.71
C GLU A 28 20.97 7.09 3.20
N VAL A 29 19.83 7.63 3.61
CA VAL A 29 19.43 7.58 5.01
C VAL A 29 18.63 6.31 5.28
N ASP A 30 18.02 6.22 6.44
CA ASP A 30 17.24 5.04 6.81
C ASP A 30 16.16 5.40 7.79
N SER A 31 14.98 4.84 7.59
CA SER A 31 13.86 5.07 8.46
C SER A 31 13.89 4.10 9.64
N PRO A 32 14.16 4.60 10.86
CA PRO A 32 14.21 3.77 12.07
C PRO A 32 12.86 3.17 12.41
N PRO A 33 12.80 1.85 12.59
CA PRO A 33 11.56 1.15 12.91
C PRO A 33 11.01 1.54 14.28
N ALA A 34 9.71 1.81 14.33
CA ALA A 34 9.07 2.16 15.58
C ALA A 34 9.05 0.95 16.49
N PRO A 35 9.28 1.14 17.79
CA PRO A 35 9.32 0.04 18.78
C PRO A 35 7.93 -0.57 19.07
N VAL A 36 7.20 -0.90 18.02
CA VAL A 36 5.90 -1.50 18.16
C VAL A 36 6.03 -3.02 18.27
N THR A 37 5.97 -3.51 19.50
CA THR A 37 6.09 -4.93 19.75
C THR A 37 4.73 -5.61 19.77
N HIS A 38 3.68 -4.81 19.83
CA HIS A 38 2.32 -5.33 19.84
C HIS A 38 1.88 -5.65 18.43
N GLY A 39 1.08 -6.69 18.30
CA GLY A 39 0.61 -7.10 17.00
C GLY A 39 1.22 -8.41 16.58
N ALA A 40 0.41 -9.26 15.98
CA ALA A 40 0.87 -10.57 15.54
C ALA A 40 -0.13 -11.17 14.56
N ALA A 41 0.20 -11.07 13.28
CA ALA A 41 -0.64 -11.60 12.22
C ALA A 41 0.14 -11.61 10.92
N MET A 42 0.84 -12.70 10.69
CA MET A 42 1.65 -12.85 9.51
C MET A 42 0.82 -13.41 8.36
N PRO A 43 0.73 -12.67 7.25
CA PRO A 43 -0.01 -13.12 6.08
C PRO A 43 0.68 -14.32 5.43
N THR A 44 -0.11 -15.25 4.94
CA THR A 44 0.44 -16.46 4.36
C THR A 44 -0.50 -17.01 3.29
N LEU A 45 0.06 -17.80 2.38
CA LEU A 45 -0.68 -18.44 1.30
C LEU A 45 -1.35 -17.41 0.39
N SER A 46 -0.53 -16.60 -0.27
CA SER A 46 -1.03 -15.57 -1.16
C SER A 46 0.14 -14.96 -1.95
N SER A 47 -0.05 -14.78 -3.23
CA SER A 47 0.96 -14.19 -4.08
C SER A 47 0.35 -13.15 -5.01
N ALA A 48 -0.70 -13.56 -5.72
CA ALA A 48 -1.44 -12.68 -6.63
C ALA A 48 -0.57 -12.14 -7.78
N THR A 49 -1.17 -11.30 -8.60
CA THR A 49 -0.48 -10.68 -9.72
C THR A 49 -1.07 -9.30 -9.96
N ALA A 50 -0.21 -8.29 -9.98
CA ALA A 50 -0.65 -6.92 -10.18
C ALA A 50 0.53 -6.03 -10.52
N GLN A 51 0.27 -4.97 -11.23
CA GLN A 51 1.32 -4.03 -11.63
C GLN A 51 1.60 -3.07 -10.48
N PRO A 52 2.84 -2.55 -10.39
CA PRO A 52 3.23 -1.59 -9.34
C PRO A 52 2.30 -0.38 -9.30
N LEU A 53 1.72 -0.14 -8.15
CA LEU A 53 0.80 0.97 -7.97
C LEU A 53 1.54 2.30 -8.02
N PRO A 54 1.11 3.20 -8.94
CA PRO A 54 1.70 4.53 -9.04
C PRO A 54 1.38 5.37 -7.81
N VAL A 55 2.39 5.65 -7.02
CA VAL A 55 2.18 6.39 -5.78
C VAL A 55 1.99 7.87 -6.03
N ALA A 56 1.27 8.51 -5.13
CA ALA A 56 0.95 9.92 -5.23
C ALA A 56 0.37 10.39 -3.91
N SER A 57 -0.08 11.63 -3.88
CA SER A 57 -0.68 12.18 -2.68
C SER A 57 -2.06 11.56 -2.49
N ALA A 58 -2.25 10.93 -1.33
CA ALA A 58 -3.49 10.22 -1.04
C ALA A 58 -4.69 11.15 -0.89
N PRO A 59 -5.66 11.04 -1.80
CA PRO A 59 -6.89 11.83 -1.77
C PRO A 59 -7.95 11.16 -0.90
N VAL A 60 -9.12 11.78 -0.78
CA VAL A 60 -10.18 11.17 0.00
C VAL A 60 -10.87 10.10 -0.83
N LEU A 61 -11.03 8.94 -0.25
CA LEU A 61 -11.55 7.79 -0.96
C LEU A 61 -13.07 7.68 -0.85
N SER A 62 -13.72 7.52 -2.00
CA SER A 62 -15.16 7.33 -2.06
C SER A 62 -15.48 6.18 -3.02
N ALA A 63 -15.25 4.96 -2.56
CA ALA A 63 -15.50 3.78 -3.36
C ALA A 63 -16.20 2.71 -2.53
N PRO A 64 -16.95 1.80 -3.18
CA PRO A 64 -17.64 0.70 -2.51
C PRO A 64 -16.68 -0.14 -1.66
N LEU A 65 -17.08 -0.42 -0.44
CA LEU A 65 -16.24 -1.17 0.49
C LEU A 65 -16.14 -2.63 0.07
N GLY A 66 -14.95 -3.01 -0.35
CA GLY A 66 -14.72 -4.37 -0.79
C GLY A 66 -14.22 -4.42 -2.21
N SER A 67 -14.60 -3.42 -2.99
CA SER A 67 -14.20 -3.30 -4.37
C SER A 67 -12.68 -3.23 -4.49
N HIS A 68 -12.14 -3.74 -5.60
CA HIS A 68 -10.71 -3.69 -5.83
C HIS A 68 -10.26 -2.28 -6.07
N GLU A 69 -11.15 -1.45 -6.64
CA GLU A 69 -10.85 -0.04 -6.85
C GLU A 69 -10.57 0.63 -5.52
N TRP A 70 -11.36 0.27 -4.52
CA TRP A 70 -11.20 0.76 -3.17
C TRP A 70 -9.88 0.25 -2.60
N GLN A 71 -9.59 -1.02 -2.78
CA GLN A 71 -8.36 -1.62 -2.28
C GLN A 71 -7.13 -0.98 -2.94
N GLN A 72 -7.15 -0.90 -4.27
CA GLN A 72 -6.06 -0.27 -5.05
C GLN A 72 -5.74 1.13 -4.51
N THR A 73 -6.76 1.96 -4.40
CA THR A 73 -6.58 3.32 -3.94
C THR A 73 -6.14 3.37 -2.47
N PHE A 74 -6.74 2.50 -1.66
CA PHE A 74 -6.40 2.42 -0.24
C PHE A 74 -4.96 1.96 -0.02
N SER A 75 -4.63 0.77 -0.49
CA SER A 75 -3.34 0.14 -0.22
C SER A 75 -2.15 0.73 -0.99
N GLN A 76 -2.31 1.85 -1.69
CA GLN A 76 -1.19 2.37 -2.48
C GLN A 76 -0.35 3.31 -1.62
N GLN A 77 -0.93 3.72 -0.50
CA GLN A 77 -0.28 4.65 0.41
C GLN A 77 0.88 3.99 1.15
N VAL A 78 0.89 2.67 1.16
CA VAL A 78 1.92 1.92 1.88
C VAL A 78 3.23 1.94 1.09
N MET A 79 3.10 2.00 -0.23
CA MET A 79 4.27 2.10 -1.09
C MET A 79 4.83 3.52 -1.03
N LEU A 80 4.03 4.41 -0.45
CA LEU A 80 4.41 5.79 -0.27
C LEU A 80 5.10 5.97 1.08
N PHE A 81 4.56 5.30 2.11
CA PHE A 81 5.12 5.34 3.47
C PHE A 81 6.62 5.07 3.47
N THR A 82 7.02 3.97 2.85
CA THR A 82 8.42 3.58 2.81
C THR A 82 9.29 4.59 2.06
N ARG A 83 8.69 5.38 1.19
CA ARG A 83 9.42 6.37 0.43
C ARG A 83 9.77 7.57 1.30
N GLN A 84 8.76 8.18 1.91
CA GLN A 84 8.97 9.37 2.73
C GLN A 84 9.53 9.03 4.11
N GLY A 85 9.38 7.79 4.52
CA GLY A 85 9.90 7.38 5.80
C GLY A 85 8.97 7.71 6.94
N GLN A 86 7.69 7.89 6.62
CA GLN A 86 6.69 8.17 7.62
C GLN A 86 6.23 6.87 8.28
N GLN A 87 5.21 6.92 9.10
CA GLN A 87 4.75 5.72 9.79
C GLN A 87 3.32 5.85 10.29
N SER A 88 2.66 6.92 9.91
CA SER A 88 1.29 7.12 10.27
C SER A 88 0.57 7.88 9.19
N ALA A 89 -0.68 7.55 8.99
CA ALA A 89 -1.48 8.19 7.98
C ALA A 89 -2.95 8.15 8.35
N GLN A 90 -3.69 9.13 7.89
CA GLN A 90 -5.10 9.21 8.12
C GLN A 90 -5.81 9.34 6.79
N LEU A 91 -6.60 8.34 6.45
CA LEU A 91 -7.30 8.34 5.17
C LEU A 91 -8.80 8.48 5.39
N ARG A 92 -9.44 9.26 4.56
CA ARG A 92 -10.88 9.45 4.66
C ARG A 92 -11.62 8.35 3.90
N LEU A 93 -12.80 8.02 4.38
CA LEU A 93 -13.63 6.98 3.80
C LEU A 93 -15.08 7.41 3.81
N HIS A 94 -15.79 7.04 2.77
CA HIS A 94 -17.21 7.34 2.67
C HIS A 94 -18.02 6.06 2.73
N PRO A 95 -19.13 6.05 3.49
CA PRO A 95 -19.63 7.22 4.24
C PRO A 95 -18.69 7.61 5.37
N GLU A 96 -18.60 8.91 5.65
CA GLU A 96 -17.73 9.41 6.70
C GLU A 96 -18.29 9.15 8.10
N GLU A 97 -19.03 8.05 8.25
CA GLU A 97 -19.52 7.63 9.55
C GLU A 97 -18.33 7.43 10.48
N LEU A 98 -17.41 6.56 10.07
CA LEU A 98 -16.17 6.35 10.80
C LEU A 98 -15.32 7.62 10.74
N GLY A 99 -15.52 8.38 9.67
CA GLY A 99 -14.83 9.64 9.47
C GLY A 99 -13.44 9.49 8.90
N GLN A 100 -12.66 8.58 9.44
CA GLN A 100 -11.30 8.39 8.98
C GLN A 100 -10.78 7.01 9.35
N VAL A 101 -9.55 6.77 8.97
CA VAL A 101 -8.83 5.56 9.32
C VAL A 101 -7.44 5.97 9.78
N HIS A 102 -7.08 5.58 10.98
CA HIS A 102 -5.79 5.98 11.52
C HIS A 102 -4.81 4.82 11.39
N ILE A 103 -3.94 4.92 10.42
CA ILE A 103 -2.99 3.86 10.14
C ILE A 103 -1.65 4.09 10.84
N SER A 104 -1.24 3.13 11.63
CA SER A 104 0.08 3.13 12.24
C SER A 104 0.98 2.18 11.44
N LEU A 105 2.28 2.29 11.60
CA LEU A 105 3.20 1.51 10.77
C LEU A 105 4.52 1.24 11.48
N LYS A 106 5.12 0.11 11.18
CA LYS A 106 6.46 -0.19 11.64
C LYS A 106 7.25 -0.71 10.47
N LEU A 107 8.43 -0.17 10.26
CA LEU A 107 9.25 -0.56 9.13
C LEU A 107 10.65 -0.93 9.57
N ASP A 108 10.88 -2.21 9.73
CA ASP A 108 12.18 -2.71 10.13
C ASP A 108 12.90 -3.24 8.91
N ASP A 109 14.01 -2.60 8.55
CA ASP A 109 14.80 -2.94 7.33
C ASP A 109 13.95 -3.13 6.04
N ASN A 110 13.24 -4.27 5.95
CA ASN A 110 12.45 -4.59 4.78
C ASN A 110 11.11 -5.22 5.17
N GLN A 111 10.68 -5.03 6.41
CA GLN A 111 9.42 -5.60 6.87
C GLN A 111 8.53 -4.51 7.43
N ALA A 112 7.29 -4.47 6.97
CA ALA A 112 6.36 -3.46 7.40
C ALA A 112 5.16 -4.05 8.12
N GLN A 113 4.89 -3.54 9.30
CA GLN A 113 3.74 -3.94 10.06
C GLN A 113 2.63 -2.92 9.89
N LEU A 114 1.51 -3.36 9.39
CA LEU A 114 0.38 -2.48 9.17
C LEU A 114 -0.57 -2.52 10.35
N GLN A 115 -1.03 -1.36 10.74
CA GLN A 115 -1.95 -1.21 11.85
C GLN A 115 -3.02 -0.23 11.47
N MET A 116 -4.25 -0.54 11.78
CA MET A 116 -5.36 0.32 11.38
C MET A 116 -6.34 0.52 12.52
N VAL A 117 -6.61 1.76 12.82
CA VAL A 117 -7.61 2.09 13.80
C VAL A 117 -8.87 2.57 13.09
N SER A 118 -9.92 1.81 13.24
CA SER A 118 -11.18 2.06 12.60
C SER A 118 -12.27 1.24 13.29
N PRO A 119 -13.46 1.83 13.54
CA PRO A 119 -14.58 1.14 14.22
C PRO A 119 -14.90 -0.23 13.59
N HIS A 120 -15.74 -1.00 14.25
CA HIS A 120 -16.02 -2.36 13.80
C HIS A 120 -17.17 -2.40 12.81
N SER A 121 -16.85 -2.75 11.59
CA SER A 121 -17.82 -2.84 10.53
C SER A 121 -17.21 -3.65 9.37
N HIS A 122 -17.88 -3.63 8.22
CA HIS A 122 -17.43 -4.40 7.05
C HIS A 122 -16.15 -3.84 6.46
N VAL A 123 -15.74 -2.67 6.93
CA VAL A 123 -14.49 -2.08 6.48
C VAL A 123 -13.30 -2.98 6.83
N ARG A 124 -13.43 -3.74 7.92
CA ARG A 124 -12.36 -4.64 8.35
C ARG A 124 -12.27 -5.83 7.40
N ALA A 125 -13.41 -6.29 6.92
CA ALA A 125 -13.47 -7.40 5.98
C ALA A 125 -12.64 -7.08 4.74
N ALA A 126 -12.94 -5.93 4.14
CA ALA A 126 -12.22 -5.46 2.97
C ALA A 126 -10.80 -5.06 3.30
N LEU A 127 -10.57 -4.65 4.55
CA LEU A 127 -9.24 -4.28 5.01
C LEU A 127 -8.33 -5.50 5.01
N GLU A 128 -8.79 -6.55 5.68
CA GLU A 128 -8.04 -7.80 5.76
C GLU A 128 -7.81 -8.37 4.37
N ALA A 129 -8.86 -8.39 3.56
CA ALA A 129 -8.80 -8.89 2.20
C ALA A 129 -7.84 -8.08 1.32
N ALA A 130 -7.57 -6.84 1.69
CA ALA A 130 -6.69 -5.99 0.90
C ALA A 130 -5.21 -6.34 1.12
N LEU A 131 -4.91 -6.96 2.24
CA LEU A 131 -3.53 -7.30 2.61
C LEU A 131 -2.85 -8.25 1.59
N PRO A 132 -3.53 -9.37 1.16
CA PRO A 132 -2.96 -10.31 0.18
C PRO A 132 -2.58 -9.62 -1.14
N MET A 133 -3.28 -8.54 -1.46
CA MET A 133 -3.00 -7.79 -2.69
C MET A 133 -1.81 -6.84 -2.47
N LEU A 134 -1.76 -6.27 -1.27
CA LEU A 134 -0.71 -5.32 -0.90
C LEU A 134 0.67 -5.99 -0.89
N ARG A 135 0.74 -7.19 -0.31
CA ARG A 135 1.99 -7.94 -0.26
C ARG A 135 2.59 -8.12 -1.65
N THR A 136 1.73 -8.26 -2.65
CA THR A 136 2.15 -8.40 -4.03
C THR A 136 2.98 -7.19 -4.44
N GLN A 137 2.46 -6.00 -4.14
CA GLN A 137 3.11 -4.74 -4.47
C GLN A 137 4.42 -4.58 -3.70
N LEU A 138 4.36 -4.85 -2.41
CA LEU A 138 5.51 -4.65 -1.54
C LEU A 138 6.63 -5.65 -1.77
N ALA A 139 6.31 -6.95 -1.78
CA ALA A 139 7.33 -7.99 -1.89
C ALA A 139 8.18 -7.84 -3.14
N GLU A 140 7.54 -7.48 -4.24
CA GLU A 140 8.24 -7.31 -5.50
C GLU A 140 8.88 -5.92 -5.59
N SER A 141 8.96 -5.26 -4.45
CA SER A 141 9.61 -3.97 -4.35
C SER A 141 10.73 -4.03 -3.29
N GLY A 142 10.72 -5.09 -2.48
CA GLY A 142 11.74 -5.26 -1.47
C GLY A 142 11.17 -5.41 -0.08
N ILE A 143 10.09 -4.70 0.19
CA ILE A 143 9.44 -4.74 1.51
C ILE A 143 8.51 -5.95 1.63
N GLN A 144 8.31 -6.42 2.84
CA GLN A 144 7.48 -7.57 3.09
C GLN A 144 6.61 -7.34 4.32
N LEU A 145 5.33 -7.68 4.20
CA LEU A 145 4.41 -7.56 5.32
C LEU A 145 4.87 -8.38 6.52
N GLY A 146 5.03 -7.71 7.65
CA GLY A 146 5.42 -8.37 8.85
C GLY A 146 4.22 -8.76 9.68
N GLN A 147 3.83 -7.89 10.58
CA GLN A 147 2.67 -8.11 11.40
C GLN A 147 1.51 -7.26 10.90
N SER A 148 0.31 -7.55 11.38
CA SER A 148 -0.86 -6.78 11.01
C SER A 148 -1.81 -6.70 12.19
N SER A 149 -2.41 -5.53 12.38
CA SER A 149 -3.35 -5.34 13.47
C SER A 149 -4.42 -4.32 13.07
N ILE A 150 -5.65 -4.58 13.49
CA ILE A 150 -6.76 -3.71 13.18
C ILE A 150 -7.59 -3.50 14.45
N SER A 151 -7.57 -2.30 14.97
CA SER A 151 -8.26 -1.99 16.19
C SER A 151 -9.45 -1.09 15.93
N SER A 152 -10.59 -1.44 16.50
CA SER A 152 -11.78 -0.63 16.35
C SER A 152 -11.81 0.48 17.38
N GLU A 153 -10.81 1.37 17.30
CA GLU A 153 -10.61 2.48 18.25
C GLU A 153 -10.09 1.94 19.59
N SER A 154 -10.75 0.93 20.07
CA SER A 154 -10.39 0.25 21.28
C SER A 154 -11.07 -1.11 21.28
N PHE A 155 -11.00 -1.85 22.36
CA PHE A 155 -11.66 -3.14 22.42
C PHE A 155 -12.84 -3.10 23.37
N ALA A 156 -14.03 -2.99 22.80
CA ALA A 156 -15.27 -2.96 23.55
C ALA A 156 -16.45 -3.12 22.61
N GLY A 157 -16.89 -4.34 22.39
CA GLY A 157 -17.98 -4.57 21.47
C GLY A 157 -18.84 -5.73 21.88
N GLN A 158 -19.33 -5.70 23.10
CA GLN A 158 -20.18 -6.76 23.60
C GLN A 158 -21.62 -6.56 23.13
N GLN A 159 -22.28 -7.67 22.82
CA GLN A 159 -23.67 -7.64 22.35
C GLN A 159 -24.31 -9.00 22.54
N GLN A 160 -25.48 -9.01 23.15
CA GLN A 160 -26.19 -10.24 23.39
C GLN A 160 -27.09 -10.58 22.21
N SER A 161 -26.60 -11.43 21.34
CA SER A 161 -27.38 -11.86 20.19
C SER A 161 -28.41 -12.89 20.64
N SER A 162 -29.61 -12.78 20.12
CA SER A 162 -30.70 -13.67 20.50
C SER A 162 -31.87 -13.52 19.55
N SER A 163 -32.76 -14.49 19.57
CA SER A 163 -33.94 -14.50 18.73
C SER A 163 -34.89 -15.58 19.22
N GLN A 164 -36.09 -15.62 18.65
CA GLN A 164 -37.10 -16.61 19.02
C GLN A 164 -37.96 -16.93 17.80
N GLN A 165 -37.85 -18.15 17.32
CA GLN A 165 -38.59 -18.56 16.15
C GLN A 165 -40.04 -18.88 16.53
N GLN A 166 -40.93 -17.96 16.22
CA GLN A 166 -42.33 -18.14 16.52
C GLN A 166 -43.11 -18.37 15.24
N SER A 167 -43.75 -19.52 15.15
CA SER A 167 -44.54 -19.90 13.98
C SER A 167 -45.47 -21.07 14.33
N SER A 168 -46.68 -20.75 14.75
CA SER A 168 -47.66 -21.76 15.06
C SER A 168 -48.35 -22.25 13.79
N ARG A 169 -47.74 -23.21 13.13
CA ARG A 169 -48.29 -23.76 11.92
C ARG A 169 -49.16 -24.96 12.23
#